data_1QW1
#
_entry.id   1QW1
#
_entity_poly.entity_id   1
_entity_poly.type   'polypeptide(L)'
_entity_poly.pdbx_seq_one_letter_code
;GSHMDEVERRLVKVLKDVSRSPFGNPIPGLDELGVGNSDAAAPGTRVIDAATSMPRKVRIVQINEIFQVETDQFTQLLDA
DIRVGSEVEIVDRDGHITLSHNGKDVELLDDLAHTIRIEEL
;
_entity_poly.pdbx_strand_id   A
#
# COMPACT_ATOMS: atom_id res chain seq x y z
N GLY A 1 13.50 20.98 -9.65
CA GLY A 1 14.26 19.72 -9.38
C GLY A 1 14.47 18.88 -10.63
N SER A 2 14.37 17.57 -10.48
CA SER A 2 14.54 16.67 -11.61
C SER A 2 13.39 15.66 -11.69
N HIS A 3 12.18 16.18 -11.86
CA HIS A 3 10.99 15.34 -11.95
C HIS A 3 10.82 14.50 -10.68
N MET A 4 11.43 13.32 -10.66
CA MET A 4 11.34 12.43 -9.51
C MET A 4 9.90 12.28 -9.04
N ASP A 5 9.19 11.34 -9.65
CA ASP A 5 7.79 11.09 -9.30
C ASP A 5 7.68 10.09 -8.15
N GLU A 6 7.31 10.58 -6.97
CA GLU A 6 7.18 9.73 -5.79
C GLU A 6 5.94 8.85 -5.91
N VAL A 7 5.74 7.99 -4.91
CA VAL A 7 4.59 7.10 -4.89
C VAL A 7 3.28 7.87 -4.72
N GLU A 8 3.26 8.76 -3.73
CA GLU A 8 2.06 9.56 -3.46
C GLU A 8 1.98 10.75 -4.42
N ARG A 9 3.04 10.97 -5.18
CA ARG A 9 3.09 12.08 -6.13
C ARG A 9 1.90 12.03 -7.08
N ARG A 10 1.48 10.82 -7.43
CA ARG A 10 0.36 10.64 -8.34
C ARG A 10 -0.97 10.85 -7.61
N LEU A 11 -1.81 11.71 -8.17
CA LEU A 11 -3.12 12.00 -7.57
C LEU A 11 -4.24 11.48 -8.45
N VAL A 12 -4.97 10.48 -7.96
CA VAL A 12 -6.07 9.89 -8.71
C VAL A 12 -7.34 9.84 -7.87
N LYS A 13 -8.46 9.49 -8.51
CA LYS A 13 -9.74 9.41 -7.82
C LYS A 13 -10.39 8.05 -8.05
N VAL A 14 -10.34 7.58 -9.29
CA VAL A 14 -10.93 6.29 -9.65
C VAL A 14 -10.24 5.15 -8.94
N LEU A 15 -10.80 3.95 -9.04
CA LEU A 15 -10.23 2.77 -8.39
C LEU A 15 -9.68 1.80 -9.43
N LYS A 16 -8.56 2.17 -10.04
CA LYS A 16 -7.92 1.34 -11.05
C LYS A 16 -6.41 1.60 -11.10
N ASP A 17 -5.67 0.65 -11.68
CA ASP A 17 -4.23 0.78 -11.79
C ASP A 17 -3.71 0.03 -13.02
N VAL A 18 -2.39 -0.16 -13.08
CA VAL A 18 -1.77 -0.86 -14.19
C VAL A 18 -1.30 -2.25 -13.78
N SER A 19 -0.47 -2.87 -14.62
CA SER A 19 0.05 -4.20 -14.34
C SER A 19 -1.02 -5.26 -14.57
N ARG A 20 -0.62 -6.53 -14.49
CA ARG A 20 -1.54 -7.64 -14.70
C ARG A 20 -1.96 -8.26 -13.36
N SER A 21 -1.07 -8.17 -12.37
CA SER A 21 -1.34 -8.73 -11.05
C SER A 21 -1.50 -7.62 -10.02
N PRO A 22 -2.65 -6.94 -10.02
CA PRO A 22 -2.93 -5.85 -9.08
C PRO A 22 -3.19 -6.36 -7.66
N PHE A 23 -3.53 -7.64 -7.56
CA PHE A 23 -3.80 -8.25 -6.26
C PHE A 23 -2.67 -9.20 -5.86
N GLY A 24 -2.47 -9.33 -4.55
CA GLY A 24 -1.41 -10.21 -4.06
C GLY A 24 -0.79 -9.70 -2.77
N ASN A 25 -0.19 -10.62 -2.01
CA ASN A 25 0.45 -10.28 -0.74
C ASN A 25 -0.47 -9.43 0.14
N PRO A 26 -0.44 -9.67 1.46
CA PRO A 26 -1.27 -8.95 2.42
C PRO A 26 -0.75 -7.54 2.71
N ILE A 27 -1.68 -6.59 2.84
CA ILE A 27 -1.34 -5.19 3.13
C ILE A 27 -2.16 -4.23 2.28
N PRO A 28 -2.61 -4.66 1.09
CA PRO A 28 -3.41 -3.81 0.19
C PRO A 28 -4.78 -3.48 0.76
N GLY A 29 -4.80 -2.93 1.97
CA GLY A 29 -6.06 -2.57 2.60
C GLY A 29 -6.75 -1.42 1.89
N LEU A 30 -7.59 -1.74 0.92
CA LEU A 30 -8.31 -0.73 0.16
C LEU A 30 -9.32 0.01 1.02
N ASP A 31 -10.22 -0.75 1.63
CA ASP A 31 -11.25 -0.17 2.49
C ASP A 31 -10.78 -0.07 3.94
N GLU A 32 -9.49 -0.33 4.16
CA GLU A 32 -8.93 -0.28 5.50
C GLU A 32 -8.39 1.12 5.82
N LEU A 33 -7.60 1.66 4.91
CA LEU A 33 -7.02 2.99 5.08
C LEU A 33 -8.05 3.99 5.56
N GLY A 34 -9.28 3.88 5.04
CA GLY A 34 -10.34 4.79 5.42
C GLY A 34 -10.42 5.01 6.92
N VAL A 35 -9.65 5.97 7.42
CA VAL A 35 -9.63 6.29 8.85
C VAL A 35 -8.23 6.71 9.31
N GLY A 36 -7.26 5.80 9.17
CA GLY A 36 -5.91 6.09 9.58
C GLY A 36 -5.24 7.16 8.73
N ASN A 37 -4.03 7.56 9.13
CA ASN A 37 -3.27 8.58 8.41
C ASN A 37 -2.07 9.03 9.22
N SER A 38 -0.87 8.89 8.64
CA SER A 38 0.36 9.28 9.32
C SER A 38 1.13 10.31 8.51
N ASP A 39 2.28 10.73 9.04
CA ASP A 39 3.13 11.71 8.37
C ASP A 39 4.53 11.72 8.98
N ALA A 40 4.60 11.62 10.31
CA ALA A 40 5.89 11.62 11.00
C ALA A 40 5.95 10.51 12.04
N ALA A 41 7.00 10.51 12.84
CA ALA A 41 7.19 9.51 13.89
C ALA A 41 7.39 8.13 13.28
N ALA A 42 8.07 7.25 14.02
CA ALA A 42 8.34 5.90 13.55
C ALA A 42 7.04 5.11 13.38
N PRO A 43 6.25 5.01 14.45
CA PRO A 43 4.97 4.31 14.43
C PRO A 43 4.28 4.39 13.07
N GLY A 44 4.72 3.57 12.13
CA GLY A 44 4.13 3.57 10.80
C GLY A 44 4.29 4.91 10.10
N THR A 45 4.87 4.89 8.91
CA THR A 45 5.07 6.10 8.13
C THR A 45 4.04 6.23 7.03
N ARG A 46 3.22 5.19 6.87
CA ARG A 46 2.18 5.18 5.85
C ARG A 46 2.81 5.08 4.46
N VAL A 47 2.47 4.00 3.74
CA VAL A 47 2.99 3.78 2.40
C VAL A 47 3.22 5.09 1.67
N ILE A 48 2.25 5.99 1.71
CA ILE A 48 2.34 7.28 1.05
C ILE A 48 3.73 7.90 1.27
N ASP A 49 4.29 7.67 2.45
CA ASP A 49 5.60 8.19 2.80
C ASP A 49 6.63 7.07 2.88
N ALA A 50 6.16 5.86 3.14
CA ALA A 50 7.03 4.69 3.24
C ALA A 50 7.56 4.29 1.87
N ALA A 51 8.25 5.22 1.21
CA ALA A 51 8.81 4.95 -0.11
C ALA A 51 9.65 6.14 -0.59
N THR A 52 10.33 6.79 0.35
CA THR A 52 11.17 7.93 0.01
C THR A 52 12.25 8.16 1.07
N SER A 53 11.92 7.85 2.33
CA SER A 53 12.85 8.03 3.43
C SER A 53 13.80 6.84 3.54
N MET A 54 14.37 6.44 2.41
CA MET A 54 15.30 5.31 2.38
C MET A 54 14.60 4.02 2.80
N PRO A 55 13.59 3.60 2.03
CA PRO A 55 12.83 2.37 2.30
C PRO A 55 13.71 1.13 2.31
N ARG A 56 13.34 0.14 3.11
CA ARG A 56 14.09 -1.10 3.21
C ARG A 56 13.17 -2.28 3.46
N LYS A 57 12.26 -2.12 4.42
CA LYS A 57 11.31 -3.18 4.75
C LYS A 57 10.23 -2.66 5.70
N VAL A 58 9.09 -2.25 5.13
CA VAL A 58 7.99 -1.73 5.92
C VAL A 58 7.28 -2.85 6.67
N ARG A 59 7.32 -2.79 8.00
CA ARG A 59 6.70 -3.80 8.83
C ARG A 59 5.20 -3.55 8.96
N ILE A 60 4.40 -4.50 8.50
CA ILE A 60 2.94 -4.37 8.56
C ILE A 60 2.43 -4.83 9.93
N VAL A 61 1.77 -3.94 10.64
CA VAL A 61 1.25 -4.25 11.97
C VAL A 61 -0.28 -4.32 11.95
N GLN A 62 -0.90 -3.66 10.99
CA GLN A 62 -2.35 -3.65 10.89
C GLN A 62 -2.82 -2.86 9.67
N ILE A 63 -4.13 -2.71 9.54
CA ILE A 63 -4.72 -1.96 8.43
C ILE A 63 -5.84 -1.06 8.91
N ASN A 64 -6.88 -1.65 9.49
CA ASN A 64 -8.01 -0.90 10.00
C ASN A 64 -9.08 -1.84 10.57
N GLU A 65 -9.76 -2.56 9.69
CA GLU A 65 -10.80 -3.49 10.11
C GLU A 65 -11.31 -4.30 8.93
N ILE A 66 -12.48 -4.93 9.09
CA ILE A 66 -13.07 -5.73 8.04
C ILE A 66 -14.46 -5.21 7.67
N PHE A 67 -15.00 -4.32 8.49
CA PHE A 67 -16.32 -3.75 8.25
C PHE A 67 -16.67 -3.74 6.77
N GLN A 68 -15.83 -3.08 5.99
CA GLN A 68 -16.04 -3.00 4.54
C GLN A 68 -15.36 -4.15 3.82
N VAL A 69 -16.14 -4.93 3.07
CA VAL A 69 -15.61 -6.07 2.34
C VAL A 69 -16.64 -6.61 1.36
N GLU A 70 -17.39 -5.71 0.74
CA GLU A 70 -18.42 -6.11 -0.23
C GLU A 70 -18.06 -5.64 -1.63
N THR A 71 -17.13 -6.36 -2.26
CA THR A 71 -16.69 -6.02 -3.61
C THR A 71 -16.10 -7.24 -4.31
N ASP A 72 -16.64 -7.56 -5.48
CA ASP A 72 -16.15 -8.70 -6.25
C ASP A 72 -14.69 -8.52 -6.64
N GLN A 73 -14.29 -7.28 -6.87
CA GLN A 73 -12.91 -6.97 -7.26
C GLN A 73 -11.96 -7.18 -6.08
N PHE A 74 -12.46 -6.92 -4.88
CA PHE A 74 -11.65 -7.08 -3.68
C PHE A 74 -11.52 -8.56 -3.30
N THR A 75 -12.35 -9.40 -3.90
CA THR A 75 -12.33 -10.83 -3.63
C THR A 75 -10.94 -11.41 -3.87
N GLN A 76 -10.30 -10.99 -4.96
CA GLN A 76 -8.97 -11.46 -5.30
C GLN A 76 -7.92 -10.88 -4.36
N LEU A 77 -8.14 -9.64 -3.94
CA LEU A 77 -7.22 -8.96 -3.03
C LEU A 77 -7.33 -9.53 -1.61
N LEU A 78 -8.46 -10.17 -1.33
CA LEU A 78 -8.69 -10.76 -0.01
C LEU A 78 -8.00 -12.12 0.11
N ASP A 79 -7.47 -12.61 -1.00
CA ASP A 79 -6.78 -13.91 -1.01
C ASP A 79 -5.67 -13.94 0.03
N ALA A 80 -5.07 -12.79 0.29
CA ALA A 80 -3.99 -12.68 1.26
C ALA A 80 -4.53 -12.62 2.68
N ASP A 81 -5.73 -12.05 2.83
CA ASP A 81 -6.36 -11.91 4.13
C ASP A 81 -5.62 -10.90 5.01
N ILE A 82 -4.76 -10.10 4.37
CA ILE A 82 -3.98 -9.09 5.08
C ILE A 82 -3.62 -9.55 6.49
N ARG A 83 -2.48 -10.21 6.62
CA ARG A 83 -2.01 -10.70 7.92
C ARG A 83 -1.28 -9.60 8.68
N VAL A 84 -2.02 -8.88 9.52
CA VAL A 84 -1.44 -7.80 10.30
C VAL A 84 -0.30 -8.30 11.18
N GLY A 85 0.88 -7.72 11.00
CA GLY A 85 2.03 -8.12 11.78
C GLY A 85 3.14 -8.71 10.93
N SER A 86 2.87 -8.87 9.64
CA SER A 86 3.84 -9.44 8.71
C SER A 86 4.97 -8.43 8.43
N GLU A 87 5.69 -8.65 7.34
CA GLU A 87 6.80 -7.77 6.96
C GLU A 87 6.93 -7.70 5.44
N VAL A 88 6.69 -6.51 4.89
CA VAL A 88 6.78 -6.32 3.45
C VAL A 88 7.68 -5.13 3.11
N GLU A 89 7.89 -4.90 1.82
CA GLU A 89 8.71 -3.79 1.36
C GLU A 89 8.10 -3.13 0.14
N ILE A 90 8.39 -1.85 -0.05
CA ILE A 90 7.87 -1.10 -1.19
C ILE A 90 8.99 -0.38 -1.93
N VAL A 91 8.77 -0.13 -3.21
CA VAL A 91 9.76 0.55 -4.04
C VAL A 91 9.10 1.20 -5.26
N ASP A 92 9.63 2.34 -5.68
CA ASP A 92 9.09 3.05 -6.84
C ASP A 92 9.55 2.39 -8.14
N ARG A 93 8.97 2.83 -9.25
CA ARG A 93 9.32 2.29 -10.56
C ARG A 93 8.70 3.12 -11.67
N ASP A 94 9.53 3.92 -12.35
CA ASP A 94 9.07 4.76 -13.44
C ASP A 94 7.83 5.56 -13.03
N GLY A 95 7.92 6.24 -11.89
CA GLY A 95 6.82 7.04 -11.40
C GLY A 95 5.58 6.20 -11.15
N HIS A 96 5.66 5.34 -10.14
CA HIS A 96 4.54 4.48 -9.77
C HIS A 96 4.81 3.78 -8.44
N ILE A 97 3.73 3.38 -7.76
CA ILE A 97 3.85 2.70 -6.48
C ILE A 97 3.56 1.21 -6.62
N THR A 98 4.33 0.39 -5.91
CA THR A 98 4.16 -1.06 -5.96
C THR A 98 4.79 -1.72 -4.74
N LEU A 99 3.99 -2.46 -3.99
CA LEU A 99 4.47 -3.15 -2.80
C LEU A 99 5.07 -4.50 -3.17
N SER A 100 6.35 -4.68 -2.86
CA SER A 100 7.05 -5.93 -3.17
C SER A 100 7.08 -6.83 -1.94
N HIS A 101 6.46 -8.00 -2.05
CA HIS A 101 6.42 -8.96 -0.97
C HIS A 101 6.85 -10.35 -1.45
N ASN A 102 7.50 -11.11 -0.57
CA ASN A 102 7.96 -12.45 -0.89
C ASN A 102 7.22 -13.02 -2.10
N GLY A 103 5.90 -13.05 -2.01
CA GLY A 103 5.09 -13.56 -3.10
C GLY A 103 5.40 -12.88 -4.43
N LYS A 104 4.89 -11.67 -4.58
CA LYS A 104 5.10 -10.90 -5.81
C LYS A 104 4.86 -9.41 -5.56
N ASP A 105 4.92 -8.62 -6.63
CA ASP A 105 4.69 -7.19 -6.53
C ASP A 105 3.23 -6.85 -6.79
N VAL A 106 2.75 -5.78 -6.15
CA VAL A 106 1.37 -5.36 -6.31
C VAL A 106 1.29 -3.92 -6.82
N GLU A 107 0.07 -3.44 -7.04
CA GLU A 107 -0.16 -2.08 -7.52
C GLU A 107 -0.39 -1.13 -6.35
N LEU A 108 -1.51 -1.32 -5.66
CA LEU A 108 -1.85 -0.48 -4.51
C LEU A 108 -1.91 0.99 -4.92
N LEU A 109 -2.99 1.37 -5.58
CA LEU A 109 -3.17 2.75 -6.02
C LEU A 109 -3.04 3.72 -4.84
N ASP A 110 -2.84 4.99 -5.16
CA ASP A 110 -2.69 6.02 -4.12
C ASP A 110 -3.88 5.99 -3.16
N ASP A 111 -5.00 5.47 -3.63
CA ASP A 111 -6.21 5.39 -2.81
C ASP A 111 -6.17 4.18 -1.88
N LEU A 112 -5.32 3.21 -2.21
CA LEU A 112 -5.19 2.00 -1.41
C LEU A 112 -4.11 2.17 -0.34
N ALA A 113 -2.91 2.51 -0.77
CA ALA A 113 -1.79 2.69 0.15
C ALA A 113 -1.70 4.15 0.61
N HIS A 114 -2.84 4.72 0.99
CA HIS A 114 -2.89 6.09 1.45
C HIS A 114 -2.69 6.18 2.96
N THR A 115 -3.36 5.31 3.70
CA THR A 115 -3.24 5.30 5.15
C THR A 115 -3.26 3.87 5.71
N ILE A 116 -2.23 3.10 5.37
CA ILE A 116 -2.11 1.74 5.85
C ILE A 116 -1.36 1.69 7.18
N ARG A 117 -1.56 0.63 7.95
CA ARG A 117 -0.90 0.49 9.24
C ARG A 117 0.38 -0.33 9.12
N ILE A 118 1.48 0.34 8.77
CA ILE A 118 2.77 -0.31 8.62
C ILE A 118 3.81 0.34 9.54
N GLU A 119 5.09 0.24 9.16
CA GLU A 119 6.16 0.82 9.95
C GLU A 119 6.90 1.90 9.16
N GLU A 120 7.65 2.73 9.87
CA GLU A 120 8.41 3.81 9.24
C GLU A 120 9.81 3.34 8.88
N LEU A 121 9.99 2.99 7.59
CA LEU A 121 11.29 2.52 7.11
C LEU A 121 12.43 3.33 7.72
N GLY A 1 12.92 16.00 -7.33
CA GLY A 1 14.01 16.93 -7.78
C GLY A 1 14.70 16.45 -9.05
N SER A 2 14.01 16.60 -10.18
CA SER A 2 14.56 16.20 -11.47
C SER A 2 14.64 14.67 -11.58
N HIS A 3 15.51 14.07 -10.78
CA HIS A 3 15.69 12.62 -10.79
C HIS A 3 14.85 11.97 -9.68
N MET A 4 14.36 10.76 -9.95
CA MET A 4 13.55 10.02 -8.99
C MET A 4 12.30 10.82 -8.61
N ASP A 5 11.20 10.55 -9.30
CA ASP A 5 9.93 11.23 -9.04
C ASP A 5 9.12 10.48 -7.99
N GLU A 6 8.09 11.14 -7.47
CA GLU A 6 7.21 10.54 -6.47
C GLU A 6 6.17 9.64 -7.12
N VAL A 7 5.93 8.48 -6.50
CA VAL A 7 4.94 7.53 -7.01
C VAL A 7 3.52 7.99 -6.73
N GLU A 8 3.30 8.52 -5.53
CA GLU A 8 1.98 9.00 -5.12
C GLU A 8 1.61 10.28 -5.87
N ARG A 9 2.60 11.11 -6.15
CA ARG A 9 2.38 12.37 -6.86
C ARG A 9 2.07 12.12 -8.33
N ARG A 10 2.75 11.14 -8.92
CA ARG A 10 2.56 10.80 -10.33
C ARG A 10 1.22 10.11 -10.54
N LEU A 11 0.83 9.27 -9.59
CA LEU A 11 -0.44 8.55 -9.68
C LEU A 11 -1.62 9.48 -9.46
N VAL A 12 -2.75 9.18 -10.10
CA VAL A 12 -3.95 10.00 -9.97
C VAL A 12 -4.94 9.37 -8.99
N LYS A 13 -5.98 10.12 -8.63
CA LYS A 13 -6.99 9.64 -7.70
C LYS A 13 -7.94 8.67 -8.39
N VAL A 14 -7.55 7.40 -8.47
CA VAL A 14 -8.37 6.37 -9.11
C VAL A 14 -8.20 5.03 -8.40
N LEU A 15 -9.18 4.14 -8.56
CA LEU A 15 -9.14 2.82 -7.94
C LEU A 15 -8.50 1.81 -8.87
N LYS A 16 -8.88 1.86 -10.15
CA LYS A 16 -8.34 0.94 -11.15
C LYS A 16 -7.40 1.66 -12.12
N ASP A 17 -6.12 1.33 -12.04
CA ASP A 17 -5.12 1.95 -12.91
C ASP A 17 -4.51 0.92 -13.86
N VAL A 18 -3.69 0.02 -13.31
CA VAL A 18 -3.05 -1.02 -14.11
C VAL A 18 -3.44 -2.41 -13.61
N SER A 19 -3.70 -3.31 -14.55
CA SER A 19 -4.08 -4.69 -14.21
C SER A 19 -3.22 -5.69 -14.97
N ARG A 20 -2.37 -6.41 -14.25
CA ARG A 20 -1.51 -7.41 -14.86
C ARG A 20 -0.96 -8.38 -13.81
N SER A 21 -0.54 -7.83 -12.67
CA SER A 21 0.00 -8.65 -11.59
C SER A 21 -1.12 -9.18 -10.69
N PRO A 22 -1.10 -10.49 -10.36
CA PRO A 22 -2.12 -11.11 -9.51
C PRO A 22 -2.25 -10.42 -8.16
N PHE A 23 -3.22 -10.87 -7.35
CA PHE A 23 -3.44 -10.30 -6.04
C PHE A 23 -3.61 -11.41 -4.99
N GLY A 24 -2.53 -11.71 -4.28
CA GLY A 24 -2.58 -12.74 -3.26
C GLY A 24 -1.62 -12.49 -2.11
N ASN A 25 -1.28 -11.22 -1.89
CA ASN A 25 -0.37 -10.86 -0.80
C ASN A 25 -1.01 -9.81 0.11
N PRO A 26 -0.82 -9.95 1.44
CA PRO A 26 -1.38 -9.02 2.42
C PRO A 26 -0.63 -7.70 2.48
N ILE A 27 -1.39 -6.60 2.52
CA ILE A 27 -0.83 -5.24 2.59
C ILE A 27 -1.72 -4.21 1.88
N PRO A 28 -2.45 -4.60 0.80
CA PRO A 28 -3.31 -3.68 0.07
C PRO A 28 -4.71 -3.60 0.67
N GLY A 29 -4.85 -2.77 1.68
CA GLY A 29 -6.13 -2.59 2.34
C GLY A 29 -6.97 -1.49 1.71
N LEU A 30 -8.12 -1.86 1.17
CA LEU A 30 -9.01 -0.90 0.52
C LEU A 30 -9.85 -0.16 1.57
N ASP A 31 -10.63 -0.92 2.33
CA ASP A 31 -11.48 -0.35 3.37
C ASP A 31 -10.73 -0.27 4.70
N GLU A 32 -9.42 -0.47 4.65
CA GLU A 32 -8.59 -0.43 5.85
C GLU A 32 -8.06 0.99 6.09
N LEU A 33 -7.70 1.67 5.01
CA LEU A 33 -7.17 3.04 5.09
C LEU A 33 -7.97 3.88 6.09
N GLY A 34 -9.27 3.64 6.15
CA GLY A 34 -10.13 4.40 7.06
C GLY A 34 -9.59 4.39 8.49
N VAL A 35 -9.90 5.45 9.24
CA VAL A 35 -9.47 5.57 10.62
C VAL A 35 -7.94 5.53 10.72
N GLY A 36 -7.32 6.70 10.89
CA GLY A 36 -5.88 6.76 11.00
C GLY A 36 -5.26 7.64 9.93
N ASN A 37 -4.22 8.40 10.32
CA ASN A 37 -3.54 9.29 9.38
C ASN A 37 -2.20 9.74 9.95
N SER A 38 -1.13 9.05 9.55
CA SER A 38 0.22 9.36 10.03
C SER A 38 1.01 10.14 8.97
N ASP A 39 2.28 10.41 9.27
CA ASP A 39 3.15 11.14 8.35
C ASP A 39 4.61 10.79 8.61
N ALA A 40 5.02 10.84 9.87
CA ALA A 40 6.40 10.53 10.24
C ALA A 40 6.48 10.02 11.68
N ALA A 41 6.35 8.71 11.85
CA ALA A 41 6.42 8.09 13.17
C ALA A 41 6.40 6.57 13.06
N ALA A 42 6.96 5.90 14.08
CA ALA A 42 7.00 4.44 14.08
C ALA A 42 5.59 3.85 14.12
N PRO A 43 4.84 4.13 15.20
CA PRO A 43 3.47 3.65 15.36
C PRO A 43 2.73 3.56 14.04
N GLY A 44 2.87 4.60 13.22
CA GLY A 44 2.22 4.65 11.93
C GLY A 44 2.86 5.67 11.01
N THR A 45 3.00 5.32 9.73
CA THR A 45 3.61 6.21 8.76
C THR A 45 2.59 6.71 7.73
N ARG A 46 1.48 5.97 7.59
CA ARG A 46 0.43 6.33 6.64
C ARG A 46 0.86 6.03 5.20
N VAL A 47 1.69 5.00 5.04
CA VAL A 47 2.20 4.58 3.73
C VAL A 47 2.81 5.75 2.97
N ILE A 48 1.96 6.67 2.51
CA ILE A 48 2.42 7.84 1.77
C ILE A 48 3.66 8.47 2.41
N ASP A 49 4.83 7.94 2.05
CA ASP A 49 6.10 8.42 2.59
C ASP A 49 7.22 7.44 2.23
N ALA A 50 6.96 6.14 2.44
CA ALA A 50 7.95 5.11 2.14
C ALA A 50 8.54 5.28 0.75
N ALA A 51 7.75 5.85 -0.17
CA ALA A 51 8.21 6.06 -1.54
C ALA A 51 8.75 7.48 -1.73
N THR A 52 9.37 8.02 -0.69
CA THR A 52 9.93 9.36 -0.74
C THR A 52 10.78 9.66 0.50
N SER A 53 11.44 8.64 1.02
CA SER A 53 12.28 8.79 2.20
C SER A 53 13.31 7.66 2.30
N MET A 54 13.81 7.22 1.15
CA MET A 54 14.79 6.14 1.10
C MET A 54 14.26 4.87 1.75
N PRO A 55 13.26 4.23 1.14
CA PRO A 55 12.65 3.02 1.66
C PRO A 55 13.65 1.87 1.79
N ARG A 56 13.36 0.93 2.67
CA ARG A 56 14.22 -0.23 2.89
C ARG A 56 13.39 -1.48 3.17
N LYS A 57 12.52 -1.38 4.18
CA LYS A 57 11.66 -2.50 4.55
C LYS A 57 10.60 -2.06 5.57
N VAL A 58 9.44 -1.66 5.08
CA VAL A 58 8.35 -1.23 5.94
C VAL A 58 7.77 -2.41 6.71
N ARG A 59 6.90 -2.14 7.67
CA ARG A 59 6.29 -3.19 8.47
C ARG A 59 4.82 -2.92 8.76
N ILE A 60 3.95 -3.79 8.24
CA ILE A 60 2.51 -3.65 8.45
C ILE A 60 2.14 -4.12 9.85
N VAL A 61 1.39 -3.30 10.59
CA VAL A 61 1.00 -3.64 11.95
C VAL A 61 -0.49 -3.36 12.22
N GLN A 62 -1.08 -2.44 11.47
CA GLN A 62 -2.49 -2.12 11.67
C GLN A 62 -3.17 -1.71 10.35
N ILE A 63 -4.49 -1.77 10.36
CA ILE A 63 -5.28 -1.41 9.18
C ILE A 63 -6.66 -0.88 9.58
N ASN A 64 -7.57 -1.81 9.88
CA ASN A 64 -8.93 -1.45 10.30
C ASN A 64 -9.76 -2.69 10.59
N GLU A 65 -10.05 -3.46 9.55
CA GLU A 65 -10.83 -4.68 9.70
C GLU A 65 -10.53 -5.67 8.57
N ILE A 66 -11.22 -6.81 8.58
CA ILE A 66 -11.02 -7.84 7.56
C ILE A 66 -12.35 -8.27 6.96
N PHE A 67 -13.37 -8.42 7.80
CA PHE A 67 -14.69 -8.84 7.35
C PHE A 67 -15.26 -7.86 6.32
N GLN A 68 -14.96 -6.58 6.51
CA GLN A 68 -15.44 -5.54 5.59
C GLN A 68 -14.84 -5.72 4.21
N VAL A 69 -15.71 -5.88 3.21
CA VAL A 69 -15.28 -6.07 1.84
C VAL A 69 -16.46 -6.05 0.87
N GLU A 70 -16.69 -4.89 0.25
CA GLU A 70 -17.80 -4.73 -0.69
C GLU A 70 -17.30 -4.76 -2.13
N THR A 71 -16.08 -4.26 -2.35
CA THR A 71 -15.49 -4.22 -3.68
C THR A 71 -15.33 -5.63 -4.25
N ASP A 72 -15.87 -5.84 -5.46
CA ASP A 72 -15.79 -7.13 -6.12
C ASP A 72 -14.37 -7.41 -6.62
N GLN A 73 -13.69 -6.37 -7.07
CA GLN A 73 -12.33 -6.50 -7.56
C GLN A 73 -11.37 -6.91 -6.45
N PHE A 74 -11.75 -6.63 -5.21
CA PHE A 74 -10.93 -6.97 -4.05
C PHE A 74 -11.05 -8.45 -3.70
N THR A 75 -11.99 -9.15 -4.33
CA THR A 75 -12.20 -10.58 -4.07
C THR A 75 -10.92 -11.37 -4.33
N GLN A 76 -10.21 -11.02 -5.39
CA GLN A 76 -8.97 -11.70 -5.75
C GLN A 76 -7.91 -11.49 -4.66
N LEU A 77 -7.83 -10.27 -4.15
CA LEU A 77 -6.87 -9.93 -3.11
C LEU A 77 -7.34 -10.44 -1.75
N LEU A 78 -8.65 -10.64 -1.62
CA LEU A 78 -9.24 -11.12 -0.37
C LEU A 78 -8.59 -12.44 0.07
N ASP A 79 -8.08 -13.20 -0.89
CA ASP A 79 -7.42 -14.48 -0.59
C ASP A 79 -6.36 -14.31 0.49
N ALA A 80 -5.67 -13.17 0.48
CA ALA A 80 -4.63 -12.89 1.47
C ALA A 80 -5.24 -12.43 2.79
N ASP A 81 -6.37 -11.72 2.71
CA ASP A 81 -7.05 -11.22 3.90
C ASP A 81 -6.13 -10.33 4.73
N ILE A 82 -5.30 -9.54 4.04
CA ILE A 82 -4.35 -8.63 4.67
C ILE A 82 -4.23 -8.84 6.18
N ARG A 83 -3.15 -9.50 6.59
CA ARG A 83 -2.92 -9.78 8.00
C ARG A 83 -1.82 -8.88 8.56
N VAL A 84 -2.16 -8.12 9.59
CA VAL A 84 -1.20 -7.21 10.22
C VAL A 84 -0.03 -7.98 10.82
N GLY A 85 1.14 -7.36 10.82
CA GLY A 85 2.32 -8.00 11.38
C GLY A 85 3.28 -8.49 10.31
N SER A 86 2.82 -8.50 9.05
CA SER A 86 3.65 -8.95 7.94
C SER A 86 4.78 -7.96 7.66
N GLU A 87 5.54 -8.23 6.61
CA GLU A 87 6.65 -7.38 6.22
C GLU A 87 6.64 -7.13 4.71
N VAL A 88 6.61 -5.86 4.31
CA VAL A 88 6.59 -5.50 2.90
C VAL A 88 7.63 -4.43 2.58
N GLU A 89 7.79 -4.13 1.29
CA GLU A 89 8.74 -3.12 0.85
C GLU A 89 8.27 -2.48 -0.45
N ILE A 90 8.43 -1.16 -0.54
CA ILE A 90 8.01 -0.42 -1.74
C ILE A 90 9.21 0.09 -2.51
N VAL A 91 8.98 0.37 -3.79
CA VAL A 91 10.02 0.87 -4.68
C VAL A 91 9.48 1.92 -5.63
N ASP A 92 10.23 3.00 -5.82
CA ASP A 92 9.81 4.08 -6.71
C ASP A 92 9.88 3.63 -8.17
N ARG A 93 8.76 3.14 -8.69
CA ARG A 93 8.68 2.68 -10.07
C ARG A 93 8.72 3.86 -11.03
N ASP A 94 8.61 3.56 -12.33
CA ASP A 94 8.64 4.60 -13.35
C ASP A 94 7.35 5.42 -13.33
N GLY A 95 7.27 6.35 -12.39
CA GLY A 95 6.08 7.18 -12.27
C GLY A 95 4.86 6.39 -11.83
N HIS A 96 5.06 5.45 -10.93
CA HIS A 96 3.97 4.63 -10.42
C HIS A 96 4.34 3.96 -9.10
N ILE A 97 3.34 3.72 -8.27
CA ILE A 97 3.55 3.09 -6.97
C ILE A 97 3.33 1.59 -7.04
N THR A 98 4.12 0.83 -6.28
CA THR A 98 4.00 -0.62 -6.26
C THR A 98 4.64 -1.20 -5.00
N LEU A 99 3.96 -2.17 -4.40
CA LEU A 99 4.46 -2.81 -3.18
C LEU A 99 4.77 -4.29 -3.43
N SER A 100 6.02 -4.68 -3.18
CA SER A 100 6.44 -6.06 -3.38
C SER A 100 6.16 -6.90 -2.13
N HIS A 101 5.68 -8.12 -2.33
CA HIS A 101 5.37 -9.02 -1.22
C HIS A 101 5.18 -10.45 -1.71
N ASN A 102 5.05 -11.37 -0.76
CA ASN A 102 4.87 -12.80 -1.05
C ASN A 102 4.17 -13.01 -2.40
N GLY A 103 4.98 -13.23 -3.43
CA GLY A 103 4.43 -13.44 -4.76
C GLY A 103 5.20 -12.65 -5.80
N LYS A 104 4.86 -11.37 -5.92
CA LYS A 104 5.51 -10.48 -6.88
C LYS A 104 5.36 -9.02 -6.48
N ASP A 105 4.27 -8.39 -6.92
CA ASP A 105 4.01 -6.99 -6.60
C ASP A 105 2.51 -6.69 -6.76
N VAL A 106 2.05 -5.63 -6.09
CA VAL A 106 0.65 -5.23 -6.15
C VAL A 106 0.51 -3.85 -6.78
N GLU A 107 -0.74 -3.44 -7.03
CA GLU A 107 -1.02 -2.14 -7.63
C GLU A 107 -0.95 -1.05 -6.58
N LEU A 108 -1.79 -1.15 -5.55
CA LEU A 108 -1.84 -0.17 -4.48
C LEU A 108 -2.00 1.24 -5.02
N LEU A 109 -3.25 1.72 -5.04
CA LEU A 109 -3.53 3.06 -5.55
C LEU A 109 -3.22 4.11 -4.48
N ASP A 110 -3.42 5.38 -4.84
CA ASP A 110 -3.15 6.49 -3.92
C ASP A 110 -4.26 6.61 -2.86
N ASP A 111 -5.35 5.86 -3.04
CA ASP A 111 -6.46 5.89 -2.10
C ASP A 111 -6.28 4.87 -0.99
N LEU A 112 -6.31 3.59 -1.35
CA LEU A 112 -6.16 2.52 -0.39
C LEU A 112 -4.81 2.57 0.31
N ALA A 113 -3.78 2.97 -0.43
CA ALA A 113 -2.44 3.06 0.13
C ALA A 113 -2.17 4.44 0.73
N HIS A 114 -3.23 5.14 1.12
CA HIS A 114 -3.08 6.47 1.70
C HIS A 114 -2.94 6.41 3.21
N THR A 115 -4.00 6.01 3.90
CA THR A 115 -4.00 5.96 5.36
C THR A 115 -3.86 4.53 5.90
N ILE A 116 -2.84 3.81 5.45
CA ILE A 116 -2.60 2.46 5.93
C ILE A 116 -1.66 2.49 7.13
N ARG A 117 -1.79 1.52 8.03
CA ARG A 117 -0.95 1.49 9.22
C ARG A 117 0.29 0.62 9.01
N ILE A 118 1.44 1.28 8.81
CA ILE A 118 2.70 0.59 8.60
C ILE A 118 3.80 1.28 9.41
N GLU A 119 5.03 0.77 9.31
CA GLU A 119 6.15 1.34 10.04
C GLU A 119 6.82 2.43 9.20
N GLU A 120 7.67 3.23 9.86
CA GLU A 120 8.38 4.30 9.17
C GLU A 120 9.71 3.82 8.60
N LEU A 121 9.74 3.58 7.30
CA LEU A 121 10.94 3.11 6.61
C LEU A 121 12.21 3.66 7.25
N GLY A 1 10.37 18.27 -13.01
CA GLY A 1 10.91 17.01 -12.44
C GLY A 1 10.18 15.78 -12.94
N SER A 2 10.51 15.34 -14.15
CA SER A 2 9.88 14.17 -14.75
C SER A 2 10.80 12.95 -14.67
N HIS A 3 11.39 12.75 -13.50
CA HIS A 3 12.29 11.61 -13.28
C HIS A 3 12.25 11.15 -11.83
N MET A 4 11.92 9.89 -11.62
CA MET A 4 11.84 9.31 -10.28
C MET A 4 10.84 10.08 -9.42
N ASP A 5 9.55 9.78 -9.61
CA ASP A 5 8.49 10.43 -8.85
C ASP A 5 8.18 9.66 -7.56
N GLU A 6 7.58 10.36 -6.60
CA GLU A 6 7.23 9.74 -5.33
C GLU A 6 5.88 9.04 -5.41
N VAL A 7 5.48 8.37 -4.32
CA VAL A 7 4.22 7.65 -4.28
C VAL A 7 3.09 8.55 -3.78
N GLU A 8 3.35 9.33 -2.74
CA GLU A 8 2.35 10.23 -2.17
C GLU A 8 2.41 11.61 -2.83
N ARG A 9 3.60 12.01 -3.28
CA ARG A 9 3.77 13.31 -3.92
C ARG A 9 2.84 13.47 -5.12
N ARG A 10 2.72 12.42 -5.93
CA ARG A 10 1.86 12.45 -7.10
C ARG A 10 0.39 12.53 -6.69
N LEU A 11 -0.10 11.49 -6.03
CA LEU A 11 -1.50 11.44 -5.58
C LEU A 11 -2.45 11.43 -6.77
N VAL A 12 -3.40 10.50 -6.76
CA VAL A 12 -4.38 10.37 -7.83
C VAL A 12 -5.71 9.87 -7.30
N LYS A 13 -6.73 9.89 -8.16
CA LYS A 13 -8.07 9.43 -7.77
C LYS A 13 -8.36 8.05 -8.34
N VAL A 14 -7.83 7.76 -9.52
CA VAL A 14 -8.03 6.47 -10.17
C VAL A 14 -7.47 5.34 -9.32
N LEU A 15 -8.20 4.22 -9.29
CA LEU A 15 -7.78 3.05 -8.52
C LEU A 15 -6.90 2.13 -9.36
N LYS A 16 -7.29 1.92 -10.61
CA LYS A 16 -6.54 1.06 -11.51
C LYS A 16 -5.61 1.88 -12.40
N ASP A 17 -4.35 1.47 -12.48
CA ASP A 17 -3.37 2.16 -13.30
C ASP A 17 -2.72 1.21 -14.30
N VAL A 18 -2.01 0.21 -13.79
CA VAL A 18 -1.35 -0.77 -14.64
C VAL A 18 -1.95 -2.16 -14.45
N SER A 19 -1.66 -3.06 -15.39
CA SER A 19 -2.18 -4.42 -15.34
C SER A 19 -1.05 -5.43 -15.23
N ARG A 20 -0.64 -5.73 -14.01
CA ARG A 20 0.44 -6.68 -13.77
C ARG A 20 0.29 -7.36 -12.40
N SER A 21 -0.63 -8.31 -12.31
CA SER A 21 -0.89 -9.02 -11.07
C SER A 21 -1.30 -8.07 -9.95
N PRO A 22 -2.51 -7.48 -10.06
CA PRO A 22 -3.04 -6.55 -9.07
C PRO A 22 -3.10 -7.15 -7.67
N PHE A 23 -3.26 -8.47 -7.61
CA PHE A 23 -3.33 -9.17 -6.33
C PHE A 23 -2.06 -9.97 -6.08
N GLY A 24 -1.71 -10.12 -4.80
CA GLY A 24 -0.51 -10.86 -4.44
C GLY A 24 0.05 -10.46 -3.09
N ASN A 25 0.40 -11.46 -2.28
CA ASN A 25 0.95 -11.23 -0.94
C ASN A 25 0.05 -10.34 -0.09
N PRO A 26 0.18 -10.43 1.24
CA PRO A 26 -0.62 -9.65 2.18
C PRO A 26 -0.13 -8.21 2.30
N ILE A 27 -0.87 -7.39 3.06
CA ILE A 27 -0.53 -5.98 3.31
C ILE A 27 -1.47 -5.01 2.58
N PRO A 28 -1.75 -5.21 1.28
CA PRO A 28 -2.61 -4.31 0.51
C PRO A 28 -3.86 -3.88 1.27
N GLY A 29 -3.97 -2.59 1.49
CA GLY A 29 -5.10 -2.03 2.20
C GLY A 29 -6.25 -1.64 1.29
N LEU A 30 -6.32 -2.26 0.11
CA LEU A 30 -7.39 -1.95 -0.84
C LEU A 30 -8.76 -2.03 -0.15
N ASP A 31 -8.89 -2.97 0.77
CA ASP A 31 -10.13 -3.14 1.52
C ASP A 31 -10.11 -2.30 2.79
N GLU A 32 -8.92 -1.95 3.26
CA GLU A 32 -8.76 -1.14 4.46
C GLU A 32 -9.31 0.26 4.27
N LEU A 33 -9.19 1.08 5.31
CA LEU A 33 -9.69 2.46 5.27
C LEU A 33 -8.63 3.44 4.77
N GLY A 34 -8.75 3.85 3.51
CA GLY A 34 -7.81 4.78 2.94
C GLY A 34 -8.25 6.23 3.13
N VAL A 35 -7.36 7.06 3.69
CA VAL A 35 -7.68 8.46 3.93
C VAL A 35 -6.56 9.37 3.43
N GLY A 36 -5.49 9.50 4.23
CA GLY A 36 -4.38 10.35 3.85
C GLY A 36 -3.70 10.99 5.04
N ASN A 37 -2.48 10.55 5.33
CA ASN A 37 -1.71 11.07 6.46
C ASN A 37 -0.39 10.34 6.59
N SER A 38 0.70 10.97 6.13
CA SER A 38 2.03 10.34 6.19
C SER A 38 2.66 10.52 7.56
N ASP A 39 3.66 9.68 7.83
CA ASP A 39 4.39 9.70 9.08
C ASP A 39 3.45 9.67 10.28
N ALA A 40 4.02 9.73 11.49
CA ALA A 40 3.25 9.71 12.72
C ALA A 40 4.16 9.81 13.95
N ALA A 41 3.55 9.83 15.13
CA ALA A 41 4.31 9.93 16.37
C ALA A 41 5.27 8.74 16.52
N ALA A 42 4.70 7.57 16.78
CA ALA A 42 5.50 6.36 16.93
C ALA A 42 5.88 5.79 15.57
N PRO A 43 6.70 4.72 15.55
CA PRO A 43 7.15 4.08 14.30
C PRO A 43 5.97 3.76 13.38
N GLY A 44 5.61 4.71 12.53
CA GLY A 44 4.51 4.51 11.61
C GLY A 44 4.45 5.58 10.53
N THR A 45 4.00 5.19 9.35
CA THR A 45 3.89 6.11 8.23
C THR A 45 2.62 5.85 7.44
N ARG A 46 2.38 4.58 7.11
CA ARG A 46 1.20 4.15 6.36
C ARG A 46 1.43 4.22 4.84
N VAL A 47 2.48 3.54 4.39
CA VAL A 47 2.87 3.46 2.97
C VAL A 47 3.12 4.80 2.28
N ILE A 48 2.22 5.77 2.44
CA ILE A 48 2.40 7.07 1.77
C ILE A 48 3.84 7.58 1.85
N ASP A 49 4.53 7.23 2.93
CA ASP A 49 5.92 7.66 3.11
C ASP A 49 6.84 6.47 3.33
N ALA A 50 6.43 5.30 2.84
CA ALA A 50 7.22 4.09 2.98
C ALA A 50 8.06 3.82 1.73
N ALA A 51 8.13 4.81 0.84
CA ALA A 51 8.89 4.67 -0.39
C ALA A 51 9.45 6.01 -0.84
N THR A 52 10.44 6.52 -0.10
CA THR A 52 11.07 7.80 -0.42
C THR A 52 12.45 7.90 0.22
N SER A 53 12.51 7.65 1.52
CA SER A 53 13.77 7.73 2.25
C SER A 53 14.70 6.56 1.89
N MET A 54 14.44 5.39 2.48
CA MET A 54 15.25 4.20 2.21
C MET A 54 14.47 2.93 2.50
N PRO A 55 13.81 2.37 1.46
CA PRO A 55 13.01 1.14 1.60
C PRO A 55 13.86 -0.06 2.06
N ARG A 56 13.28 -0.87 2.94
CA ARG A 56 13.96 -2.05 3.45
C ARG A 56 12.97 -3.02 4.10
N LYS A 57 12.11 -2.48 4.96
CA LYS A 57 11.11 -3.29 5.64
C LYS A 57 10.09 -2.40 6.36
N VAL A 58 8.82 -2.52 5.96
CA VAL A 58 7.76 -1.72 6.55
C VAL A 58 6.94 -2.53 7.57
N ARG A 59 6.68 -1.90 8.72
CA ARG A 59 5.91 -2.53 9.79
C ARG A 59 4.42 -2.45 9.51
N ILE A 60 3.73 -3.59 9.53
CA ILE A 60 2.29 -3.60 9.27
C ILE A 60 1.49 -3.52 10.57
N VAL A 61 1.05 -2.30 10.93
CA VAL A 61 0.27 -2.09 12.15
C VAL A 61 -0.50 -0.77 12.10
N GLN A 62 -1.76 -0.83 11.63
CA GLN A 62 -2.62 0.34 11.53
C GLN A 62 -3.90 0.03 10.74
N ILE A 63 -5.01 -0.10 11.47
CA ILE A 63 -6.33 -0.40 10.91
C ILE A 63 -6.63 -1.90 11.05
N ASN A 64 -5.59 -2.71 11.00
CA ASN A 64 -5.71 -4.17 11.13
C ASN A 64 -6.97 -4.70 10.43
N GLU A 65 -8.07 -4.82 11.18
CA GLU A 65 -9.33 -5.32 10.62
C GLU A 65 -9.93 -4.35 9.62
N ILE A 66 -11.08 -4.72 9.06
CA ILE A 66 -11.77 -3.88 8.08
C ILE A 66 -13.24 -3.74 8.43
N PHE A 67 -13.70 -2.50 8.55
CA PHE A 67 -15.10 -2.22 8.87
C PHE A 67 -16.02 -2.73 7.77
N GLN A 68 -15.65 -2.45 6.53
CA GLN A 68 -16.43 -2.88 5.38
C GLN A 68 -15.57 -3.72 4.43
N VAL A 69 -16.17 -4.75 3.83
CA VAL A 69 -15.46 -5.62 2.91
C VAL A 69 -16.43 -6.45 2.08
N GLU A 70 -16.74 -5.96 0.88
CA GLU A 70 -17.65 -6.66 -0.02
C GLU A 70 -17.50 -6.15 -1.45
N THR A 71 -16.63 -6.81 -2.22
CA THR A 71 -16.39 -6.42 -3.60
C THR A 71 -15.91 -7.62 -4.42
N ASP A 72 -16.47 -7.76 -5.62
CA ASP A 72 -16.10 -8.87 -6.51
C ASP A 72 -14.65 -8.72 -7.01
N GLN A 73 -14.23 -7.47 -7.22
CA GLN A 73 -12.88 -7.19 -7.70
C GLN A 73 -11.84 -7.60 -6.66
N PHE A 74 -12.20 -7.49 -5.38
CA PHE A 74 -11.30 -7.85 -4.30
C PHE A 74 -11.32 -9.35 -4.03
N THR A 75 -12.33 -10.04 -4.56
CA THR A 75 -12.46 -11.48 -4.37
C THR A 75 -11.15 -12.20 -4.74
N GLN A 76 -10.51 -11.72 -5.80
CA GLN A 76 -9.24 -12.31 -6.24
C GLN A 76 -8.10 -11.91 -5.31
N LEU A 77 -8.16 -10.67 -4.81
CA LEU A 77 -7.14 -10.16 -3.90
C LEU A 77 -7.30 -10.75 -2.50
N LEU A 78 -8.46 -11.37 -2.26
CA LEU A 78 -8.74 -11.97 -0.96
C LEU A 78 -8.09 -13.34 -0.81
N ASP A 79 -7.42 -13.80 -1.87
CA ASP A 79 -6.76 -15.10 -1.85
C ASP A 79 -5.89 -15.26 -0.61
N ALA A 80 -5.16 -14.21 -0.27
CA ALA A 80 -4.30 -14.23 0.92
C ALA A 80 -5.04 -13.71 2.15
N ASP A 81 -5.99 -12.81 1.92
CA ASP A 81 -6.78 -12.23 3.01
C ASP A 81 -5.97 -11.23 3.83
N ILE A 82 -4.72 -10.99 3.42
CA ILE A 82 -3.83 -10.05 4.11
C ILE A 82 -3.80 -10.28 5.62
N ARG A 83 -2.60 -10.49 6.15
CA ARG A 83 -2.43 -10.72 7.58
C ARG A 83 -1.68 -9.56 8.23
N VAL A 84 -2.28 -8.99 9.26
CA VAL A 84 -1.68 -7.86 9.95
C VAL A 84 -0.50 -8.32 10.82
N GLY A 85 0.51 -7.45 10.92
CA GLY A 85 1.68 -7.78 11.72
C GLY A 85 2.80 -8.36 10.88
N SER A 86 2.58 -8.47 9.57
CA SER A 86 3.58 -9.02 8.67
C SER A 86 4.61 -7.96 8.29
N GLU A 87 5.64 -8.38 7.57
CA GLU A 87 6.71 -7.48 7.14
C GLU A 87 6.90 -7.54 5.63
N VAL A 88 6.95 -6.37 4.99
CA VAL A 88 7.13 -6.30 3.55
C VAL A 88 7.91 -5.03 3.17
N GLU A 89 7.92 -4.71 1.87
CA GLU A 89 8.62 -3.52 1.39
C GLU A 89 7.82 -2.82 0.29
N ILE A 90 8.31 -1.67 -0.15
CA ILE A 90 7.62 -0.91 -1.20
C ILE A 90 8.57 0.08 -1.86
N VAL A 91 8.26 0.43 -3.10
CA VAL A 91 9.08 1.37 -3.87
C VAL A 91 8.25 2.06 -4.95
N ASP A 92 8.86 3.03 -5.63
CA ASP A 92 8.18 3.76 -6.68
C ASP A 92 8.30 3.03 -8.01
N ARG A 93 7.40 3.36 -8.95
CA ARG A 93 7.40 2.73 -10.26
C ARG A 93 6.57 3.54 -11.26
N ASP A 94 7.25 4.29 -12.11
CA ASP A 94 6.58 5.11 -13.12
C ASP A 94 5.56 6.05 -12.48
N GLY A 95 5.96 6.68 -11.37
CA GLY A 95 5.08 7.60 -10.68
C GLY A 95 3.84 6.92 -10.13
N HIS A 96 4.04 5.77 -9.49
CA HIS A 96 2.94 5.00 -8.92
C HIS A 96 3.41 4.16 -7.74
N ILE A 97 2.52 3.95 -6.78
CA ILE A 97 2.85 3.17 -5.60
C ILE A 97 2.68 1.67 -5.87
N THR A 98 3.52 0.86 -5.22
CA THR A 98 3.46 -0.59 -5.39
C THR A 98 4.16 -1.30 -4.22
N LEU A 99 3.41 -2.17 -3.54
CA LEU A 99 3.96 -2.90 -2.40
C LEU A 99 4.73 -4.13 -2.87
N SER A 100 6.04 -4.11 -2.64
CA SER A 100 6.89 -5.22 -3.05
C SER A 100 7.14 -6.16 -1.87
N HIS A 101 7.15 -7.47 -2.16
CA HIS A 101 7.36 -8.48 -1.14
C HIS A 101 8.09 -9.69 -1.73
N ASN A 102 8.96 -10.30 -0.93
CA ASN A 102 9.74 -11.47 -1.35
C ASN A 102 8.95 -12.35 -2.32
N GLY A 103 7.66 -12.51 -2.04
CA GLY A 103 6.81 -13.32 -2.90
C GLY A 103 6.59 -12.69 -4.26
N LYS A 104 5.88 -11.56 -4.27
CA LYS A 104 5.57 -10.85 -5.51
C LYS A 104 5.27 -9.38 -5.23
N ASP A 105 4.90 -8.65 -6.28
CA ASP A 105 4.56 -7.23 -6.17
C ASP A 105 3.11 -7.00 -6.54
N VAL A 106 2.50 -6.00 -5.91
CA VAL A 106 1.10 -5.67 -6.18
C VAL A 106 0.96 -4.30 -6.82
N GLU A 107 -0.23 -3.98 -7.29
CA GLU A 107 -0.49 -2.70 -7.94
C GLU A 107 -0.70 -1.60 -6.89
N LEU A 108 -1.76 -1.73 -6.10
CA LEU A 108 -2.07 -0.75 -5.06
C LEU A 108 -2.27 0.65 -5.65
N LEU A 109 -2.81 1.55 -4.85
CA LEU A 109 -3.05 2.92 -5.28
C LEU A 109 -3.14 3.87 -4.09
N ASP A 110 -2.78 5.13 -4.31
CA ASP A 110 -2.82 6.15 -3.25
C ASP A 110 -4.19 6.18 -2.58
N ASP A 111 -5.22 5.79 -3.30
CA ASP A 111 -6.59 5.78 -2.78
C ASP A 111 -6.66 5.03 -1.45
N LEU A 112 -6.42 3.72 -1.50
CA LEU A 112 -6.46 2.89 -0.30
C LEU A 112 -5.09 2.85 0.37
N ALA A 113 -4.05 3.17 -0.38
CA ALA A 113 -2.69 3.18 0.15
C ALA A 113 -2.33 4.57 0.71
N HIS A 114 -3.35 5.28 1.18
CA HIS A 114 -3.16 6.62 1.73
C HIS A 114 -2.87 6.56 3.23
N THR A 115 -3.49 5.59 3.92
CA THR A 115 -3.30 5.45 5.36
C THR A 115 -3.72 4.06 5.83
N ILE A 116 -2.81 3.08 5.73
CA ILE A 116 -3.11 1.73 6.15
C ILE A 116 -2.15 1.26 7.25
N ARG A 117 -2.11 -0.05 7.48
CA ARG A 117 -1.27 -0.65 8.52
C ARG A 117 0.15 -0.93 8.02
N ILE A 118 0.97 0.11 7.99
CA ILE A 118 2.36 -0.01 7.59
C ILE A 118 3.22 1.05 8.28
N GLU A 119 4.53 1.00 8.04
CA GLU A 119 5.47 1.96 8.64
C GLU A 119 6.23 2.73 7.56
N GLU A 120 7.20 3.53 7.99
CA GLU A 120 8.01 4.32 7.06
C GLU A 120 9.24 3.54 6.62
N LEU A 121 9.09 2.78 5.54
CA LEU A 121 10.20 2.00 4.99
C LEU A 121 10.70 0.98 6.03
N GLY A 1 20.60 17.83 -11.64
CA GLY A 1 19.59 16.77 -11.38
C GLY A 1 18.50 16.74 -12.44
N SER A 2 18.01 15.54 -12.74
CA SER A 2 16.96 15.38 -13.74
C SER A 2 16.16 14.10 -13.49
N HIS A 3 14.86 14.15 -13.78
CA HIS A 3 13.98 13.00 -13.59
C HIS A 3 13.86 12.65 -12.10
N MET A 4 12.62 12.41 -11.66
CA MET A 4 12.36 12.06 -10.27
C MET A 4 11.13 11.17 -10.15
N ASP A 5 11.27 10.06 -9.43
CA ASP A 5 10.17 9.12 -9.24
C ASP A 5 9.32 9.51 -8.02
N GLU A 6 8.12 10.01 -8.29
CA GLU A 6 7.20 10.42 -7.22
C GLU A 6 6.32 9.25 -6.78
N VAL A 7 6.39 8.92 -5.49
CA VAL A 7 5.59 7.83 -4.94
C VAL A 7 4.24 8.33 -4.44
N GLU A 8 4.23 9.55 -3.91
CA GLU A 8 3.00 10.15 -3.39
C GLU A 8 1.98 10.35 -4.52
N ARG A 9 0.99 11.22 -4.27
CA ARG A 9 -0.05 11.49 -5.25
C ARG A 9 0.54 12.01 -6.55
N ARG A 10 0.87 11.10 -7.45
CA ARG A 10 1.46 11.47 -8.74
C ARG A 10 0.37 11.68 -9.79
N LEU A 11 -0.51 10.69 -9.94
CA LEU A 11 -1.60 10.76 -10.91
C LEU A 11 -2.94 10.48 -10.23
N VAL A 12 -4.02 10.91 -10.88
CA VAL A 12 -5.36 10.70 -10.33
C VAL A 12 -5.99 9.43 -10.88
N LYS A 13 -6.60 8.65 -10.00
CA LYS A 13 -7.25 7.40 -10.39
C LYS A 13 -8.28 6.97 -9.36
N VAL A 14 -9.03 5.91 -9.67
CA VAL A 14 -10.06 5.41 -8.76
C VAL A 14 -9.47 4.39 -7.80
N LEU A 15 -8.67 3.48 -8.33
CA LEU A 15 -8.04 2.44 -7.51
C LEU A 15 -6.99 1.67 -8.33
N LYS A 16 -7.39 1.19 -9.49
CA LYS A 16 -6.50 0.44 -10.37
C LYS A 16 -5.70 1.38 -11.27
N ASP A 17 -4.43 1.04 -11.50
CA ASP A 17 -3.56 1.86 -12.34
C ASP A 17 -3.06 1.06 -13.55
N VAL A 18 -2.31 -0.01 -13.29
CA VAL A 18 -1.78 -0.85 -14.35
C VAL A 18 -2.88 -1.69 -14.99
N SER A 19 -2.53 -2.45 -16.03
CA SER A 19 -3.47 -3.30 -16.72
C SER A 19 -3.89 -4.49 -15.87
N ARG A 20 -2.90 -5.26 -15.42
CA ARG A 20 -3.15 -6.43 -14.59
C ARG A 20 -3.60 -6.03 -13.19
N SER A 21 -2.77 -5.24 -12.52
CA SER A 21 -3.07 -4.77 -11.17
C SER A 21 -3.19 -5.95 -10.20
N PRO A 22 -2.07 -6.40 -9.63
CA PRO A 22 -2.06 -7.52 -8.68
C PRO A 22 -2.97 -7.28 -7.49
N PHE A 23 -3.43 -8.37 -6.87
CA PHE A 23 -4.32 -8.27 -5.71
C PHE A 23 -4.01 -9.36 -4.68
N GLY A 24 -2.72 -9.71 -4.58
CA GLY A 24 -2.31 -10.73 -3.63
C GLY A 24 -1.58 -10.14 -2.44
N ASN A 25 -0.44 -10.72 -2.08
CA ASN A 25 0.35 -10.23 -0.95
C ASN A 25 -0.51 -10.17 0.32
N PRO A 26 -0.08 -9.46 1.38
CA PRO A 26 -0.85 -9.38 2.63
C PRO A 26 -2.32 -8.98 2.40
N ILE A 27 -2.57 -7.71 2.09
CA ILE A 27 -3.93 -7.23 1.82
C ILE A 27 -3.99 -5.69 1.86
N PRO A 28 -4.54 -5.06 0.81
CA PRO A 28 -4.66 -3.60 0.75
C PRO A 28 -5.76 -3.07 1.66
N GLY A 29 -5.49 -1.94 2.32
CA GLY A 29 -6.48 -1.36 3.22
C GLY A 29 -7.38 -0.37 2.53
N LEU A 30 -8.54 -0.86 2.07
CA LEU A 30 -9.51 0.00 1.38
C LEU A 30 -10.39 0.73 2.39
N ASP A 31 -10.65 0.09 3.53
CA ASP A 31 -11.48 0.67 4.57
C ASP A 31 -10.63 1.47 5.56
N GLU A 32 -9.31 1.32 5.46
CA GLU A 32 -8.40 2.03 6.35
C GLU A 32 -8.53 3.54 6.19
N LEU A 33 -8.48 4.00 4.94
CA LEU A 33 -8.59 5.41 4.60
C LEU A 33 -9.46 6.17 5.61
N GLY A 34 -10.59 5.60 5.98
CA GLY A 34 -11.49 6.23 6.94
C GLY A 34 -10.77 6.73 8.18
N VAL A 35 -9.89 5.90 8.72
CA VAL A 35 -9.14 6.25 9.92
C VAL A 35 -7.74 5.64 9.88
N GLY A 36 -6.74 6.48 9.61
CA GLY A 36 -5.36 6.00 9.56
C GLY A 36 -4.52 6.78 8.56
N ASN A 37 -3.53 7.51 9.06
CA ASN A 37 -2.65 8.30 8.21
C ASN A 37 -1.48 8.86 9.01
N SER A 38 -0.30 8.90 8.38
CA SER A 38 0.90 9.42 9.03
C SER A 38 1.12 10.89 8.68
N ASP A 39 1.94 11.56 9.48
CA ASP A 39 2.24 12.97 9.27
C ASP A 39 3.50 13.36 10.04
N ALA A 40 3.57 12.94 11.30
CA ALA A 40 4.72 13.25 12.15
C ALA A 40 5.26 11.99 12.81
N ALA A 41 4.36 11.16 13.34
CA ALA A 41 4.74 9.92 13.99
C ALA A 41 5.05 8.83 12.98
N ALA A 42 5.41 7.64 13.47
CA ALA A 42 5.74 6.52 12.59
C ALA A 42 4.49 5.92 11.96
N PRO A 43 3.54 5.46 12.80
CA PRO A 43 2.28 4.86 12.33
C PRO A 43 1.76 5.48 11.03
N GLY A 44 1.86 4.72 9.95
CA GLY A 44 1.39 5.20 8.66
C GLY A 44 2.51 5.36 7.65
N THR A 45 3.42 4.38 7.63
CA THR A 45 4.55 4.40 6.69
C THR A 45 4.30 3.42 5.54
N ARG A 46 5.35 2.74 5.08
CA ARG A 46 5.22 1.77 3.99
C ARG A 46 4.83 2.45 2.67
N VAL A 47 3.58 2.94 2.61
CA VAL A 47 3.09 3.59 1.41
C VAL A 47 3.23 5.11 1.50
N ILE A 48 3.00 5.66 2.68
CA ILE A 48 3.10 7.11 2.88
C ILE A 48 4.21 7.46 3.87
N ASP A 49 5.29 8.06 3.35
CA ASP A 49 6.45 8.46 4.14
C ASP A 49 7.59 7.45 4.05
N ALA A 50 7.25 6.16 3.99
CA ALA A 50 8.26 5.10 3.90
C ALA A 50 9.37 5.47 2.91
N ALA A 51 9.01 6.17 1.85
CA ALA A 51 9.98 6.57 0.83
C ALA A 51 10.80 7.78 1.29
N THR A 52 11.55 7.61 2.38
CA THR A 52 12.38 8.68 2.92
C THR A 52 13.19 8.20 4.12
N SER A 53 12.60 7.32 4.93
CA SER A 53 13.27 6.79 6.12
C SER A 53 14.07 5.53 5.78
N MET A 54 14.95 5.63 4.80
CA MET A 54 15.79 4.50 4.39
C MET A 54 14.94 3.27 4.04
N PRO A 55 14.00 3.42 3.08
CA PRO A 55 13.10 2.33 2.65
C PRO A 55 13.87 1.06 2.34
N ARG A 56 13.40 -0.05 2.92
CA ARG A 56 14.03 -1.35 2.72
C ARG A 56 13.02 -2.48 2.95
N LYS A 57 12.29 -2.38 4.07
CA LYS A 57 11.28 -3.38 4.40
C LYS A 57 10.44 -2.93 5.59
N VAL A 58 9.33 -2.26 5.30
CA VAL A 58 8.44 -1.78 6.35
C VAL A 58 7.72 -2.94 7.04
N ARG A 59 6.90 -2.62 8.04
CA ARG A 59 6.19 -3.64 8.79
C ARG A 59 4.68 -3.38 8.85
N ILE A 60 3.92 -4.18 8.11
CA ILE A 60 2.46 -4.06 8.11
C ILE A 60 1.90 -4.53 9.45
N VAL A 61 0.98 -3.76 10.03
CA VAL A 61 0.40 -4.14 11.32
C VAL A 61 -0.97 -3.52 11.57
N GLN A 62 -1.59 -2.95 10.54
CA GLN A 62 -2.91 -2.35 10.70
C GLN A 62 -3.55 -2.00 9.35
N ILE A 63 -4.47 -2.86 8.91
CA ILE A 63 -5.18 -2.68 7.66
C ILE A 63 -6.69 -2.52 7.89
N ASN A 64 -7.10 -2.68 9.16
CA ASN A 64 -8.51 -2.56 9.54
C ASN A 64 -9.40 -3.48 8.69
N GLU A 65 -9.95 -2.95 7.59
CA GLU A 65 -10.82 -3.72 6.72
C GLU A 65 -12.08 -4.16 7.46
N ILE A 66 -12.01 -5.32 8.13
CA ILE A 66 -13.14 -5.86 8.88
C ILE A 66 -14.36 -6.09 7.99
N PHE A 67 -15.05 -5.01 7.64
CA PHE A 67 -16.25 -5.09 6.79
C PHE A 67 -15.91 -5.65 5.42
N GLN A 68 -15.15 -4.88 4.65
CA GLN A 68 -14.76 -5.28 3.30
C GLN A 68 -13.98 -6.60 3.33
N VAL A 69 -14.50 -7.60 2.61
CA VAL A 69 -13.86 -8.91 2.55
C VAL A 69 -14.54 -9.81 1.53
N GLU A 70 -15.87 -9.75 1.48
CA GLU A 70 -16.64 -10.56 0.55
C GLU A 70 -17.34 -9.69 -0.49
N THR A 71 -16.70 -9.51 -1.64
CA THR A 71 -17.26 -8.69 -2.72
C THR A 71 -16.64 -9.08 -4.06
N ASP A 72 -17.36 -8.78 -5.14
CA ASP A 72 -16.89 -9.09 -6.49
C ASP A 72 -15.59 -8.35 -6.80
N GLN A 73 -15.47 -7.12 -6.32
CA GLN A 73 -14.27 -6.32 -6.55
C GLN A 73 -13.12 -6.78 -5.65
N PHE A 74 -13.47 -7.25 -4.46
CA PHE A 74 -12.46 -7.72 -3.50
C PHE A 74 -12.16 -9.20 -3.68
N THR A 75 -12.77 -9.82 -4.69
CA THR A 75 -12.56 -11.25 -4.96
C THR A 75 -11.09 -11.51 -5.23
N GLN A 76 -10.46 -10.65 -6.04
CA GLN A 76 -9.05 -10.79 -6.37
C GLN A 76 -8.18 -10.41 -5.17
N LEU A 77 -8.65 -9.44 -4.39
CA LEU A 77 -7.92 -8.99 -3.21
C LEU A 77 -8.00 -10.04 -2.08
N LEU A 78 -9.01 -10.90 -2.14
CA LEU A 78 -9.18 -11.94 -1.14
C LEU A 78 -8.01 -12.92 -1.17
N ASP A 79 -7.46 -13.14 -2.36
CA ASP A 79 -6.31 -14.04 -2.52
C ASP A 79 -5.19 -13.66 -1.56
N ALA A 80 -5.13 -12.37 -1.22
CA ALA A 80 -4.12 -11.86 -0.30
C ALA A 80 -4.08 -12.68 0.98
N ASP A 81 -5.26 -13.04 1.48
CA ASP A 81 -5.39 -13.83 2.71
C ASP A 81 -5.19 -12.97 3.97
N ILE A 82 -4.78 -11.71 3.79
CA ILE A 82 -4.56 -10.81 4.91
C ILE A 82 -3.49 -11.33 5.85
N ARG A 83 -2.48 -10.51 6.12
CA ARG A 83 -1.39 -10.88 7.01
C ARG A 83 -1.39 -10.00 8.26
N VAL A 84 -1.58 -8.69 8.04
CA VAL A 84 -1.60 -7.71 9.13
C VAL A 84 -0.58 -8.08 10.22
N GLY A 85 0.67 -7.69 9.99
CA GLY A 85 1.73 -7.98 10.94
C GLY A 85 3.00 -8.48 10.27
N SER A 86 2.98 -8.54 8.93
CA SER A 86 4.14 -9.01 8.18
C SER A 86 5.14 -7.88 7.94
N GLU A 87 6.10 -8.12 7.04
CA GLU A 87 7.12 -7.14 6.72
C GLU A 87 7.22 -6.98 5.20
N VAL A 88 6.59 -5.93 4.68
CA VAL A 88 6.60 -5.67 3.23
C VAL A 88 7.73 -4.73 2.85
N GLU A 89 7.96 -4.59 1.54
CA GLU A 89 9.02 -3.72 1.03
C GLU A 89 8.45 -2.71 0.04
N ILE A 90 8.88 -1.46 0.17
CA ILE A 90 8.40 -0.39 -0.71
C ILE A 90 9.30 -0.25 -1.93
N VAL A 91 8.71 0.20 -3.02
CA VAL A 91 9.44 0.39 -4.27
C VAL A 91 8.60 1.14 -5.29
N ASP A 92 9.25 1.86 -6.20
CA ASP A 92 8.56 2.63 -7.23
C ASP A 92 9.18 2.37 -8.59
N ARG A 93 8.54 2.87 -9.64
CA ARG A 93 9.04 2.69 -11.00
C ARG A 93 8.40 3.68 -11.97
N ASP A 94 9.22 4.53 -12.58
CA ASP A 94 8.75 5.52 -13.53
C ASP A 94 7.88 6.58 -12.85
N GLY A 95 6.69 6.16 -12.41
CA GLY A 95 5.78 7.07 -11.74
C GLY A 95 4.56 6.37 -11.18
N HIS A 96 4.80 5.30 -10.45
CA HIS A 96 3.74 4.51 -9.85
C HIS A 96 4.19 3.88 -8.54
N ILE A 97 3.27 3.78 -7.58
CA ILE A 97 3.58 3.19 -6.28
C ILE A 97 3.20 1.73 -6.24
N THR A 98 3.99 0.93 -5.52
CA THR A 98 3.74 -0.49 -5.39
C THR A 98 4.46 -1.06 -4.17
N LEU A 99 3.94 -2.15 -3.62
CA LEU A 99 4.53 -2.79 -2.45
C LEU A 99 4.90 -4.24 -2.74
N SER A 100 6.20 -4.49 -2.93
CA SER A 100 6.69 -5.83 -3.22
C SER A 100 6.80 -6.66 -1.94
N HIS A 101 6.10 -7.80 -1.91
CA HIS A 101 6.14 -8.68 -0.76
C HIS A 101 5.35 -9.97 -0.99
N ASN A 102 5.62 -10.97 -0.16
CA ASN A 102 4.96 -12.28 -0.24
C ASN A 102 4.58 -12.64 -1.66
N GLY A 103 3.40 -12.22 -2.09
CA GLY A 103 2.94 -12.51 -3.44
C GLY A 103 3.93 -12.07 -4.49
N LYS A 104 3.93 -10.77 -4.78
CA LYS A 104 4.83 -10.20 -5.78
C LYS A 104 4.97 -8.70 -5.58
N ASP A 105 3.92 -7.97 -5.99
CA ASP A 105 3.91 -6.52 -5.86
C ASP A 105 2.46 -6.01 -5.82
N VAL A 106 2.18 -5.13 -4.87
CA VAL A 106 0.84 -4.58 -4.71
C VAL A 106 0.65 -3.34 -5.59
N GLU A 107 -0.53 -3.21 -6.17
CA GLU A 107 -0.85 -2.07 -7.03
C GLU A 107 -1.18 -0.85 -6.18
N LEU A 108 -2.22 -1.00 -5.35
CA LEU A 108 -2.66 0.08 -4.47
C LEU A 108 -2.80 1.41 -5.22
N LEU A 109 -2.97 2.49 -4.46
CA LEU A 109 -3.11 3.82 -5.04
C LEU A 109 -2.93 4.89 -3.96
N ASP A 110 -2.72 6.13 -4.38
CA ASP A 110 -2.53 7.24 -3.44
C ASP A 110 -3.60 7.22 -2.35
N ASP A 111 -4.79 6.74 -2.69
CA ASP A 111 -5.89 6.67 -1.73
C ASP A 111 -5.53 5.73 -0.58
N LEU A 112 -5.23 4.47 -0.92
CA LEU A 112 -4.87 3.47 0.07
C LEU A 112 -3.40 3.61 0.48
N ALA A 113 -2.65 4.39 -0.29
CA ALA A 113 -1.23 4.59 0.00
C ALA A 113 -1.00 5.79 0.91
N HIS A 114 -1.91 6.76 0.86
CA HIS A 114 -1.79 7.97 1.67
C HIS A 114 -2.49 7.83 3.02
N THR A 115 -3.42 6.88 3.15
CA THR A 115 -4.14 6.70 4.40
C THR A 115 -4.26 5.23 4.80
N ILE A 116 -3.18 4.68 5.35
CA ILE A 116 -3.15 3.31 5.82
C ILE A 116 -2.20 3.20 7.02
N ARG A 117 -2.38 2.17 7.85
CA ARG A 117 -1.54 2.02 9.04
C ARG A 117 -0.44 0.97 8.86
N ILE A 118 0.81 1.39 9.08
CA ILE A 118 1.98 0.52 8.96
C ILE A 118 3.08 1.00 9.91
N GLU A 119 4.19 0.28 9.94
CA GLU A 119 5.30 0.65 10.81
C GLU A 119 6.33 1.49 10.04
N GLU A 120 7.01 2.38 10.74
CA GLU A 120 8.01 3.24 10.11
C GLU A 120 9.39 2.59 10.11
N LEU A 121 10.04 2.63 8.95
CA LEU A 121 11.38 2.06 8.79
C LEU A 121 12.28 2.41 9.97
N GLY A 1 8.83 14.33 -12.34
CA GLY A 1 9.77 13.19 -12.40
C GLY A 1 11.03 13.52 -13.18
N SER A 2 11.72 14.56 -12.75
CA SER A 2 12.96 14.98 -13.42
C SER A 2 14.17 14.27 -12.82
N HIS A 3 14.28 14.30 -11.49
CA HIS A 3 15.38 13.66 -10.80
C HIS A 3 14.87 12.68 -9.76
N MET A 4 14.06 13.16 -8.83
CA MET A 4 13.50 12.33 -7.77
C MET A 4 11.98 12.19 -7.94
N ASP A 5 11.55 11.00 -8.32
CA ASP A 5 10.12 10.73 -8.52
C ASP A 5 9.48 10.22 -7.24
N GLU A 6 8.38 10.86 -6.85
CA GLU A 6 7.66 10.47 -5.63
C GLU A 6 6.62 9.40 -5.93
N VAL A 7 6.37 8.52 -4.96
CA VAL A 7 5.39 7.45 -5.12
C VAL A 7 3.97 8.00 -5.16
N GLU A 8 3.69 8.96 -4.27
CA GLU A 8 2.36 9.57 -4.19
C GLU A 8 2.28 10.80 -5.10
N ARG A 9 2.87 10.72 -6.29
CA ARG A 9 2.86 11.83 -7.23
C ARG A 9 1.64 11.74 -8.15
N ARG A 10 1.45 10.58 -8.77
CA ARG A 10 0.33 10.36 -9.68
C ARG A 10 -0.94 10.04 -8.90
N LEU A 11 -2.05 10.66 -9.32
CA LEU A 11 -3.34 10.44 -8.66
C LEU A 11 -4.18 9.43 -9.44
N VAL A 12 -5.29 9.00 -8.85
CA VAL A 12 -6.18 8.04 -9.49
C VAL A 12 -7.64 8.36 -9.20
N LYS A 13 -7.93 8.69 -7.93
CA LYS A 13 -9.29 9.03 -7.51
C LYS A 13 -10.19 7.79 -7.52
N VAL A 14 -10.44 7.25 -8.71
CA VAL A 14 -11.29 6.07 -8.86
C VAL A 14 -10.60 4.83 -8.30
N LEU A 15 -11.38 3.96 -7.67
CA LEU A 15 -10.84 2.73 -7.09
C LEU A 15 -10.78 1.63 -8.13
N LYS A 16 -9.61 1.47 -8.75
CA LYS A 16 -9.41 0.44 -9.77
C LYS A 16 -7.94 0.04 -9.87
N ASP A 17 -7.68 -1.25 -9.96
CA ASP A 17 -6.33 -1.76 -10.07
C ASP A 17 -5.94 -2.02 -11.52
N VAL A 18 -4.70 -1.71 -11.87
CA VAL A 18 -4.22 -1.91 -13.23
C VAL A 18 -2.77 -2.38 -13.23
N SER A 19 -2.56 -3.65 -13.61
CA SER A 19 -1.22 -4.23 -13.65
C SER A 19 -1.19 -5.46 -14.53
N ARG A 20 -1.92 -6.49 -14.13
CA ARG A 20 -1.98 -7.74 -14.88
C ARG A 20 -3.30 -8.46 -14.64
N SER A 21 -3.45 -9.03 -13.44
CA SER A 21 -4.67 -9.75 -13.08
C SER A 21 -4.53 -10.40 -11.70
N PRO A 22 -3.47 -11.21 -11.49
CA PRO A 22 -3.22 -11.89 -10.22
C PRO A 22 -3.15 -10.92 -9.04
N PHE A 23 -2.77 -11.44 -7.87
CA PHE A 23 -2.67 -10.63 -6.66
C PHE A 23 -1.26 -10.76 -6.05
N GLY A 24 -1.08 -10.13 -4.89
CA GLY A 24 0.22 -10.20 -4.22
C GLY A 24 0.10 -10.56 -2.76
N ASN A 25 1.13 -10.22 -1.99
CA ASN A 25 1.15 -10.51 -0.56
C ASN A 25 0.16 -9.62 0.20
N PRO A 26 -0.17 -9.97 1.46
CA PRO A 26 -1.12 -9.19 2.27
C PRO A 26 -0.59 -7.81 2.64
N ILE A 27 -1.39 -6.80 2.34
CA ILE A 27 -1.02 -5.41 2.63
C ILE A 27 -2.18 -4.45 2.35
N PRO A 28 -2.63 -4.35 1.08
CA PRO A 28 -3.72 -3.46 0.69
C PRO A 28 -4.85 -3.39 1.70
N GLY A 29 -5.06 -2.18 2.23
CA GLY A 29 -6.11 -1.98 3.21
C GLY A 29 -7.43 -1.58 2.57
N LEU A 30 -7.83 -2.31 1.54
CA LEU A 30 -9.08 -2.03 0.83
C LEU A 30 -10.24 -1.91 1.80
N ASP A 31 -10.18 -2.66 2.89
CA ASP A 31 -11.23 -2.65 3.91
C ASP A 31 -10.93 -1.58 4.97
N GLU A 32 -9.65 -1.20 5.09
CA GLU A 32 -9.24 -0.20 6.06
C GLU A 32 -9.90 1.16 5.77
N LEU A 33 -9.50 2.17 6.54
CA LEU A 33 -10.06 3.51 6.37
C LEU A 33 -9.24 4.32 5.38
N GLY A 34 -9.75 4.47 4.16
CA GLY A 34 -9.06 5.24 3.14
C GLY A 34 -9.43 6.70 3.18
N VAL A 35 -8.42 7.57 3.22
CA VAL A 35 -8.63 9.01 3.26
C VAL A 35 -7.31 9.78 3.13
N GLY A 36 -6.29 9.31 3.84
CA GLY A 36 -4.99 9.96 3.79
C GLY A 36 -4.46 10.33 5.16
N ASN A 37 -3.46 9.59 5.62
CA ASN A 37 -2.85 9.84 6.93
C ASN A 37 -1.53 9.09 7.07
N SER A 38 -0.53 9.76 7.65
CA SER A 38 0.79 9.17 7.85
C SER A 38 1.73 10.15 8.54
N ASP A 39 1.57 11.42 8.23
CA ASP A 39 2.41 12.47 8.81
C ASP A 39 2.49 12.35 10.33
N ALA A 40 1.48 11.70 10.94
CA ALA A 40 1.43 11.53 12.39
C ALA A 40 2.76 10.98 12.94
N ALA A 41 2.84 10.89 14.26
CA ALA A 41 4.04 10.38 14.92
C ALA A 41 3.83 8.99 15.51
N ALA A 42 4.86 8.15 15.37
CA ALA A 42 4.83 6.78 15.88
C ALA A 42 6.00 5.98 15.34
N PRO A 43 6.25 4.79 15.91
CA PRO A 43 7.33 3.92 15.46
C PRO A 43 7.20 3.60 13.97
N GLY A 44 5.99 3.81 13.45
CA GLY A 44 5.72 3.55 12.05
C GLY A 44 4.83 4.60 11.41
N THR A 45 4.96 4.78 10.10
CA THR A 45 4.16 5.76 9.36
C THR A 45 2.95 5.08 8.71
N ARG A 46 2.59 5.51 7.51
CA ARG A 46 1.45 4.93 6.81
C ARG A 46 1.63 5.00 5.29
N VAL A 47 2.53 4.18 4.76
CA VAL A 47 2.82 4.14 3.33
C VAL A 47 3.41 5.45 2.84
N ILE A 48 2.57 6.48 2.79
CA ILE A 48 3.00 7.81 2.34
C ILE A 48 4.08 8.36 3.27
N ASP A 49 5.30 7.85 3.11
CA ASP A 49 6.45 8.26 3.92
C ASP A 49 7.58 7.25 3.82
N ALA A 50 7.21 5.97 3.76
CA ALA A 50 8.21 4.90 3.67
C ALA A 50 8.53 4.58 2.21
N ALA A 51 8.76 5.61 1.41
CA ALA A 51 9.08 5.44 0.00
C ALA A 51 10.07 6.50 -0.48
N THR A 52 11.00 6.87 0.41
CA THR A 52 12.00 7.89 0.07
C THR A 52 13.19 7.80 1.01
N SER A 53 12.92 7.61 2.30
CA SER A 53 13.99 7.52 3.30
C SER A 53 14.66 6.15 3.27
N MET A 54 15.26 5.82 2.13
CA MET A 54 15.96 4.53 1.98
C MET A 54 15.08 3.37 2.43
N PRO A 55 14.22 2.84 1.53
CA PRO A 55 13.33 1.73 1.84
C PRO A 55 14.09 0.44 2.17
N ARG A 56 13.50 -0.39 3.02
CA ARG A 56 14.10 -1.64 3.42
C ARG A 56 13.05 -2.64 3.91
N LYS A 57 12.20 -2.18 4.84
CA LYS A 57 11.14 -3.01 5.40
C LYS A 57 10.16 -2.15 6.20
N VAL A 58 9.00 -2.72 6.51
CA VAL A 58 7.98 -2.00 7.27
C VAL A 58 7.06 -2.97 8.01
N ARG A 59 6.70 -2.60 9.25
CA ARG A 59 5.79 -3.39 10.07
C ARG A 59 4.35 -3.17 9.63
N ILE A 60 3.75 -4.15 8.98
CA ILE A 60 2.39 -4.00 8.52
C ILE A 60 1.37 -4.23 9.65
N VAL A 61 0.58 -3.19 9.92
CA VAL A 61 -0.43 -3.27 10.98
C VAL A 61 -1.76 -2.69 10.51
N GLN A 62 -2.11 -2.96 9.25
CA GLN A 62 -3.36 -2.49 8.62
C GLN A 62 -4.16 -1.56 9.54
N ILE A 63 -5.00 -2.15 10.40
CA ILE A 63 -5.84 -1.40 11.33
C ILE A 63 -7.02 -2.25 11.79
N ASN A 64 -7.77 -2.80 10.84
CA ASN A 64 -8.92 -3.64 11.14
C ASN A 64 -9.42 -4.34 9.87
N GLU A 65 -10.56 -5.02 9.99
CA GLU A 65 -11.16 -5.73 8.86
C GLU A 65 -12.67 -5.81 9.00
N ILE A 66 -13.33 -6.23 7.92
CA ILE A 66 -14.79 -6.37 7.89
C ILE A 66 -15.50 -5.02 7.75
N PHE A 67 -14.81 -3.93 8.12
CA PHE A 67 -15.39 -2.59 8.03
C PHE A 67 -15.93 -2.31 6.64
N GLN A 68 -15.10 -2.52 5.62
CA GLN A 68 -15.49 -2.30 4.24
C GLN A 68 -15.44 -3.58 3.42
N VAL A 69 -15.81 -3.48 2.15
CA VAL A 69 -15.80 -4.64 1.26
C VAL A 69 -15.95 -4.20 -0.21
N GLU A 70 -14.82 -4.08 -0.90
CA GLU A 70 -14.82 -3.67 -2.30
C GLU A 70 -15.54 -4.69 -3.18
N THR A 71 -15.55 -4.42 -4.48
CA THR A 71 -16.21 -5.31 -5.44
C THR A 71 -15.46 -6.63 -5.56
N ASP A 72 -15.88 -7.46 -6.51
CA ASP A 72 -15.26 -8.76 -6.74
C ASP A 72 -13.88 -8.62 -7.38
N GLN A 73 -13.50 -7.39 -7.74
CA GLN A 73 -12.20 -7.14 -8.36
C GLN A 73 -11.06 -7.63 -7.46
N PHE A 74 -11.28 -7.57 -6.15
CA PHE A 74 -10.29 -8.00 -5.19
C PHE A 74 -10.42 -9.48 -4.85
N THR A 75 -11.24 -10.20 -5.61
CA THR A 75 -11.45 -11.62 -5.39
C THR A 75 -10.12 -12.37 -5.36
N GLN A 76 -9.20 -11.98 -6.24
CA GLN A 76 -7.90 -12.61 -6.31
C GLN A 76 -7.05 -12.20 -5.11
N LEU A 77 -7.14 -10.93 -4.73
CA LEU A 77 -6.39 -10.41 -3.60
C LEU A 77 -6.97 -10.93 -2.28
N LEU A 78 -8.21 -11.43 -2.33
CA LEU A 78 -8.87 -11.96 -1.15
C LEU A 78 -8.15 -13.19 -0.61
N ASP A 79 -7.41 -13.88 -1.49
CA ASP A 79 -6.67 -15.08 -1.10
C ASP A 79 -5.81 -14.80 0.13
N ALA A 80 -5.19 -13.62 0.16
CA ALA A 80 -4.33 -13.23 1.27
C ALA A 80 -5.16 -12.62 2.40
N ASP A 81 -6.23 -11.91 2.03
CA ASP A 81 -7.11 -11.28 3.00
C ASP A 81 -6.35 -10.24 3.84
N ILE A 82 -5.25 -9.72 3.29
CA ILE A 82 -4.42 -8.72 3.98
C ILE A 82 -4.49 -8.87 5.50
N ARG A 83 -3.53 -9.61 6.07
CA ARG A 83 -3.49 -9.83 7.51
C ARG A 83 -2.34 -9.06 8.15
N VAL A 84 -2.59 -8.51 9.33
CA VAL A 84 -1.58 -7.74 10.06
C VAL A 84 -0.47 -8.67 10.55
N GLY A 85 0.75 -8.14 10.60
CA GLY A 85 1.88 -8.92 11.05
C GLY A 85 2.87 -9.22 9.95
N SER A 86 2.47 -8.98 8.71
CA SER A 86 3.36 -9.22 7.56
C SER A 86 4.45 -8.17 7.48
N GLU A 87 5.11 -8.13 6.33
CA GLU A 87 6.19 -7.17 6.10
C GLU A 87 6.28 -6.84 4.61
N VAL A 88 6.64 -5.60 4.30
CA VAL A 88 6.74 -5.17 2.90
C VAL A 88 7.79 -4.07 2.72
N GLU A 89 7.98 -3.64 1.48
CA GLU A 89 8.94 -2.60 1.15
C GLU A 89 8.55 -1.91 -0.17
N ILE A 90 7.96 -0.74 -0.07
CA ILE A 90 7.53 0.01 -1.25
C ILE A 90 8.70 0.75 -1.89
N VAL A 91 8.61 0.95 -3.20
CA VAL A 91 9.66 1.65 -3.95
C VAL A 91 9.06 2.37 -5.16
N ASP A 92 9.73 3.45 -5.58
CA ASP A 92 9.27 4.23 -6.73
C ASP A 92 9.46 3.45 -8.02
N ARG A 93 8.50 3.59 -8.94
CA ARG A 93 8.57 2.89 -10.22
C ARG A 93 7.64 3.55 -11.23
N ASP A 94 8.23 4.15 -12.27
CA ASP A 94 7.46 4.82 -13.32
C ASP A 94 6.49 5.83 -12.73
N GLY A 95 6.91 6.51 -11.67
CA GLY A 95 6.07 7.50 -11.04
C GLY A 95 4.78 6.91 -10.49
N HIS A 96 4.91 5.85 -9.71
CA HIS A 96 3.77 5.18 -9.10
C HIS A 96 4.18 4.38 -7.88
N ILE A 97 3.23 4.14 -6.99
CA ILE A 97 3.48 3.39 -5.76
C ILE A 97 3.15 1.91 -5.95
N THR A 98 4.04 1.04 -5.48
CA THR A 98 3.83 -0.40 -5.58
C THR A 98 4.57 -1.14 -4.47
N LEU A 99 3.88 -2.08 -3.83
CA LEU A 99 4.47 -2.86 -2.76
C LEU A 99 5.33 -3.98 -3.31
N SER A 100 6.24 -4.51 -2.49
CA SER A 100 7.13 -5.58 -2.91
C SER A 100 7.56 -6.45 -1.74
N HIS A 101 7.17 -7.72 -1.76
CA HIS A 101 7.51 -8.65 -0.69
C HIS A 101 6.94 -10.05 -0.96
N ASN A 102 7.25 -10.97 -0.04
CA ASN A 102 6.77 -12.35 -0.12
C ASN A 102 6.87 -12.90 -1.55
N GLY A 103 5.79 -12.74 -2.33
CA GLY A 103 5.78 -13.22 -3.68
C GLY A 103 6.64 -12.38 -4.61
N LYS A 104 6.21 -11.15 -4.85
CA LYS A 104 6.94 -10.24 -5.73
C LYS A 104 6.58 -8.78 -5.44
N ASP A 105 5.45 -8.33 -6.00
CA ASP A 105 4.99 -6.96 -5.81
C ASP A 105 3.48 -6.86 -5.96
N VAL A 106 2.94 -5.67 -5.71
CA VAL A 106 1.50 -5.44 -5.83
C VAL A 106 1.21 -4.11 -6.52
N GLU A 107 0.01 -3.97 -7.05
CA GLU A 107 -0.38 -2.76 -7.75
C GLU A 107 -0.77 -1.64 -6.77
N LEU A 108 -1.81 -1.90 -5.97
CA LEU A 108 -2.29 -0.93 -4.99
C LEU A 108 -2.65 0.39 -5.66
N LEU A 109 -3.12 1.35 -4.87
CA LEU A 109 -3.51 2.66 -5.38
C LEU A 109 -3.33 3.74 -4.32
N ASP A 110 -3.65 4.98 -4.68
CA ASP A 110 -3.52 6.11 -3.75
C ASP A 110 -4.80 6.31 -2.93
N ASP A 111 -5.68 5.32 -2.94
CA ASP A 111 -6.92 5.40 -2.19
C ASP A 111 -6.71 4.96 -0.74
N LEU A 112 -6.52 3.66 -0.54
CA LEU A 112 -6.29 3.12 0.80
C LEU A 112 -4.80 3.09 1.13
N ALA A 113 -3.98 2.74 0.14
CA ALA A 113 -2.54 2.68 0.32
C ALA A 113 -1.98 4.02 0.80
N HIS A 114 -2.72 5.10 0.57
CA HIS A 114 -2.30 6.44 0.98
C HIS A 114 -2.55 6.68 2.47
N THR A 115 -2.97 5.66 3.20
CA THR A 115 -3.24 5.80 4.63
C THR A 115 -3.32 4.46 5.34
N ILE A 116 -2.42 3.53 4.97
CA ILE A 116 -2.39 2.22 5.59
C ILE A 116 -1.47 2.23 6.81
N ARG A 117 -1.72 1.34 7.76
CA ARG A 117 -0.89 1.28 8.97
C ARG A 117 0.31 0.36 8.80
N ILE A 118 1.48 0.97 8.65
CA ILE A 118 2.74 0.23 8.49
C ILE A 118 3.86 1.05 9.13
N GLU A 119 5.10 0.55 9.07
CA GLU A 119 6.23 1.27 9.65
C GLU A 119 6.85 2.21 8.63
N GLU A 120 7.68 3.13 9.09
CA GLU A 120 8.34 4.08 8.22
C GLU A 120 9.78 3.65 7.92
N LEU A 121 9.91 2.72 6.97
CA LEU A 121 11.20 2.19 6.54
C LEU A 121 12.34 2.56 7.50
N GLY A 1 6.41 17.92 3.42
CA GLY A 1 7.77 17.30 3.46
C GLY A 1 7.95 16.24 2.39
N SER A 2 8.20 16.68 1.16
CA SER A 2 8.39 15.77 0.04
C SER A 2 9.27 16.40 -1.05
N HIS A 3 8.86 17.59 -1.50
CA HIS A 3 9.60 18.31 -2.53
C HIS A 3 9.47 17.61 -3.89
N MET A 4 10.06 16.42 -4.00
CA MET A 4 10.01 15.66 -5.24
C MET A 4 9.05 14.49 -5.12
N ASP A 5 8.10 14.40 -6.05
CA ASP A 5 7.11 13.33 -6.05
C ASP A 5 7.65 12.10 -6.79
N GLU A 6 8.08 11.10 -6.03
CA GLU A 6 8.61 9.87 -6.62
C GLU A 6 7.50 8.85 -6.83
N VAL A 7 6.84 8.45 -5.74
CA VAL A 7 5.76 7.48 -5.81
C VAL A 7 4.41 8.16 -6.01
N GLU A 8 4.22 9.31 -5.37
CA GLU A 8 2.98 10.07 -5.50
C GLU A 8 3.05 11.06 -6.65
N ARG A 9 3.35 10.55 -7.84
CA ARG A 9 3.45 11.41 -9.03
C ARG A 9 2.10 11.54 -9.72
N ARG A 10 1.29 10.48 -9.65
CA ARG A 10 -0.03 10.49 -10.26
C ARG A 10 -0.98 11.42 -9.52
N LEU A 11 -2.04 11.85 -10.20
CA LEU A 11 -3.02 12.74 -9.59
C LEU A 11 -4.44 12.31 -9.95
N VAL A 12 -4.70 12.14 -11.24
CA VAL A 12 -6.02 11.74 -11.72
C VAL A 12 -6.08 10.23 -11.97
N LYS A 13 -7.06 9.58 -11.37
CA LYS A 13 -7.24 8.13 -11.53
C LYS A 13 -8.53 7.67 -10.87
N VAL A 14 -8.74 6.35 -10.83
CA VAL A 14 -9.95 5.78 -10.24
C VAL A 14 -9.60 4.93 -9.02
N LEU A 15 -9.09 3.73 -9.26
CA LEU A 15 -8.71 2.82 -8.18
C LEU A 15 -7.83 1.68 -8.71
N LYS A 16 -8.24 1.09 -9.83
CA LYS A 16 -7.49 0.00 -10.43
C LYS A 16 -6.21 0.50 -11.07
N ASP A 17 -5.13 -0.27 -10.93
CA ASP A 17 -3.84 0.10 -11.50
C ASP A 17 -3.12 -1.12 -12.05
N VAL A 18 -2.17 -0.88 -12.96
CA VAL A 18 -1.41 -1.95 -13.57
C VAL A 18 -0.45 -2.59 -12.57
N SER A 19 -0.34 -3.92 -12.63
CA SER A 19 0.55 -4.65 -11.73
C SER A 19 0.80 -6.06 -12.25
N ARG A 20 1.62 -6.82 -11.53
CA ARG A 20 1.95 -8.19 -11.92
C ARG A 20 0.91 -9.17 -11.38
N SER A 21 0.46 -8.94 -10.14
CA SER A 21 -0.53 -9.80 -9.51
C SER A 21 -1.83 -9.03 -9.25
N PRO A 22 -2.79 -9.10 -10.18
CA PRO A 22 -4.08 -8.40 -10.04
C PRO A 22 -4.82 -8.79 -8.77
N PHE A 23 -4.94 -7.84 -7.85
CA PHE A 23 -5.63 -8.08 -6.58
C PHE A 23 -5.00 -9.24 -5.82
N GLY A 24 -4.10 -8.91 -4.89
CA GLY A 24 -3.43 -9.93 -4.10
C GLY A 24 -2.39 -9.35 -3.17
N ASN A 25 -1.33 -10.11 -2.89
CA ASN A 25 -0.25 -9.66 -2.01
C ASN A 25 -0.83 -9.20 -0.66
N PRO A 26 0.03 -8.78 0.30
CA PRO A 26 -0.41 -8.34 1.62
C PRO A 26 -1.69 -7.51 1.59
N ILE A 27 -2.54 -7.72 2.58
CA ILE A 27 -3.84 -7.03 2.69
C ILE A 27 -3.75 -5.57 2.25
N PRO A 28 -4.09 -5.29 0.97
CA PRO A 28 -4.09 -3.95 0.42
C PRO A 28 -5.36 -3.18 0.78
N GLY A 29 -5.41 -2.70 2.01
CA GLY A 29 -6.55 -1.97 2.49
C GLY A 29 -6.74 -0.61 1.86
N LEU A 30 -7.78 -0.48 1.06
CA LEU A 30 -8.08 0.79 0.40
C LEU A 30 -9.01 1.64 1.27
N ASP A 31 -9.98 0.97 1.89
CA ASP A 31 -10.94 1.65 2.75
C ASP A 31 -10.49 1.69 4.21
N GLU A 32 -9.37 1.04 4.53
CA GLU A 32 -8.87 1.02 5.91
C GLU A 32 -7.93 2.20 6.18
N LEU A 33 -7.13 2.56 5.17
CA LEU A 33 -6.18 3.67 5.29
C LEU A 33 -6.77 4.84 6.08
N GLY A 34 -8.07 5.08 5.92
CA GLY A 34 -8.73 6.17 6.61
C GLY A 34 -8.57 6.10 8.12
N VAL A 35 -7.43 6.59 8.61
CA VAL A 35 -7.15 6.60 10.04
C VAL A 35 -6.16 7.71 10.39
N GLY A 36 -5.01 7.69 9.73
CA GLY A 36 -3.98 8.70 9.99
C GLY A 36 -2.76 8.51 9.12
N ASN A 37 -2.63 9.35 8.09
CA ASN A 37 -1.49 9.27 7.17
C ASN A 37 -0.16 9.40 7.93
N SER A 38 0.57 8.30 8.02
CA SER A 38 1.84 8.30 8.73
C SER A 38 2.99 8.63 7.77
N ASP A 39 3.43 9.89 7.79
CA ASP A 39 4.52 10.34 6.93
C ASP A 39 5.79 10.57 7.75
N ALA A 40 5.88 9.91 8.90
CA ALA A 40 7.04 10.04 9.79
C ALA A 40 7.82 8.73 9.88
N ALA A 41 8.73 8.66 10.85
CA ALA A 41 9.55 7.48 11.04
C ALA A 41 8.82 6.42 11.85
N ALA A 42 9.53 5.34 12.21
CA ALA A 42 8.96 4.24 12.97
C ALA A 42 7.91 3.49 12.16
N PRO A 43 7.53 2.28 12.62
CA PRO A 43 6.54 1.45 11.94
C PRO A 43 5.23 2.19 11.69
N GLY A 44 4.60 1.88 10.56
CA GLY A 44 3.34 2.52 10.22
C GLY A 44 3.53 3.78 9.39
N THR A 45 3.30 3.67 8.09
CA THR A 45 3.45 4.80 7.18
C THR A 45 2.12 5.13 6.50
N ARG A 46 2.19 5.87 5.39
CA ARG A 46 1.00 6.24 4.65
C ARG A 46 1.12 5.82 3.17
N VAL A 47 1.79 4.70 2.94
CA VAL A 47 2.00 4.17 1.59
C VAL A 47 2.89 5.10 0.78
N ILE A 48 2.44 6.35 0.61
CA ILE A 48 3.20 7.33 -0.15
C ILE A 48 4.48 7.74 0.58
N ASP A 49 5.36 6.76 0.80
CA ASP A 49 6.63 7.01 1.49
C ASP A 49 7.48 5.74 1.54
N ALA A 50 6.83 4.58 1.62
CA ALA A 50 7.53 3.31 1.67
C ALA A 50 8.73 3.27 0.73
N ALA A 51 8.58 3.92 -0.42
CA ALA A 51 9.66 3.97 -1.41
C ALA A 51 9.95 5.41 -1.84
N THR A 52 10.64 6.15 -0.97
CA THR A 52 10.98 7.54 -1.26
C THR A 52 12.16 8.01 -0.42
N SER A 53 12.10 7.71 0.88
CA SER A 53 13.16 8.10 1.80
C SER A 53 14.37 7.17 1.69
N MET A 54 14.27 5.99 2.29
CA MET A 54 15.35 5.02 2.24
C MET A 54 14.81 3.59 2.21
N PRO A 55 13.93 3.28 1.25
CA PRO A 55 13.32 1.96 1.10
C PRO A 55 14.32 0.83 1.24
N ARG A 56 14.26 0.14 2.38
CA ARG A 56 15.15 -0.98 2.66
C ARG A 56 14.39 -2.16 3.24
N LYS A 57 13.43 -1.87 4.12
CA LYS A 57 12.63 -2.92 4.75
C LYS A 57 11.35 -2.32 5.34
N VAL A 58 10.26 -2.40 4.58
CA VAL A 58 8.97 -1.88 5.04
C VAL A 58 8.40 -2.73 6.16
N ARG A 59 7.26 -2.31 6.71
CA ARG A 59 6.64 -3.01 7.81
C ARG A 59 5.12 -2.82 7.84
N ILE A 60 4.39 -3.93 7.64
CA ILE A 60 2.94 -3.90 7.68
C ILE A 60 2.46 -4.04 9.12
N VAL A 61 1.61 -3.11 9.57
CA VAL A 61 1.11 -3.14 10.95
C VAL A 61 -0.41 -2.93 11.04
N GLN A 62 -0.84 -1.69 10.80
CA GLN A 62 -2.25 -1.36 10.88
C GLN A 62 -2.93 -1.33 9.51
N ILE A 63 -3.97 -2.15 9.35
CA ILE A 63 -4.72 -2.23 8.11
C ILE A 63 -6.15 -2.69 8.38
N ASN A 64 -6.32 -3.98 8.66
CA ASN A 64 -7.62 -4.56 8.97
C ASN A 64 -8.69 -4.10 7.97
N GLU A 65 -9.94 -4.43 8.27
CA GLU A 65 -11.06 -4.05 7.41
C GLU A 65 -12.37 -4.02 8.20
N ILE A 66 -12.86 -5.20 8.57
CA ILE A 66 -14.09 -5.32 9.34
C ILE A 66 -15.30 -4.79 8.57
N PHE A 67 -15.36 -3.47 8.40
CA PHE A 67 -16.46 -2.83 7.68
C PHE A 67 -16.69 -3.48 6.32
N GLN A 68 -15.77 -3.25 5.39
CA GLN A 68 -15.88 -3.80 4.05
C GLN A 68 -15.83 -5.32 4.08
N VAL A 69 -16.90 -5.94 3.57
CA VAL A 69 -16.99 -7.40 3.53
C VAL A 69 -18.27 -7.85 2.81
N GLU A 70 -18.61 -7.14 1.73
CA GLU A 70 -19.80 -7.47 0.94
C GLU A 70 -19.49 -7.45 -0.55
N THR A 71 -18.72 -6.46 -0.98
CA THR A 71 -18.36 -6.33 -2.39
C THR A 71 -17.67 -7.59 -2.90
N ASP A 72 -18.19 -8.13 -4.01
CA ASP A 72 -17.62 -9.34 -4.60
C ASP A 72 -16.28 -9.05 -5.26
N GLN A 73 -16.13 -7.85 -5.81
CA GLN A 73 -14.90 -7.45 -6.46
C GLN A 73 -13.72 -7.44 -5.48
N PHE A 74 -14.03 -7.19 -4.22
CA PHE A 74 -13.01 -7.15 -3.18
C PHE A 74 -12.52 -8.55 -2.83
N THR A 75 -13.32 -9.56 -3.18
CA THR A 75 -12.95 -10.95 -2.89
C THR A 75 -11.54 -11.26 -3.39
N GLN A 76 -11.25 -10.88 -4.63
CA GLN A 76 -9.94 -11.11 -5.22
C GLN A 76 -8.86 -10.32 -4.48
N LEU A 77 -9.25 -9.16 -3.94
CA LEU A 77 -8.31 -8.31 -3.21
C LEU A 77 -7.92 -8.96 -1.89
N LEU A 78 -8.89 -9.60 -1.23
CA LEU A 78 -8.64 -10.28 0.04
C LEU A 78 -8.21 -11.72 -0.16
N ASP A 79 -8.38 -12.22 -1.40
CA ASP A 79 -8.02 -13.60 -1.73
C ASP A 79 -6.56 -13.90 -1.35
N ALA A 80 -5.75 -12.85 -1.25
CA ALA A 80 -4.35 -13.01 -0.88
C ALA A 80 -4.20 -13.79 0.43
N ASP A 81 -5.15 -13.60 1.33
CA ASP A 81 -5.14 -14.29 2.62
C ASP A 81 -3.79 -14.14 3.31
N ILE A 82 -3.52 -12.95 3.83
CA ILE A 82 -2.26 -12.67 4.51
C ILE A 82 -2.52 -12.31 5.97
N ARG A 83 -1.70 -11.41 6.53
CA ARG A 83 -1.86 -11.00 7.92
C ARG A 83 -1.12 -9.68 8.18
N VAL A 84 -1.87 -8.60 8.28
CA VAL A 84 -1.30 -7.28 8.54
C VAL A 84 -0.55 -7.28 9.89
N GLY A 85 0.76 -7.08 9.84
CA GLY A 85 1.54 -7.07 11.07
C GLY A 85 2.91 -7.71 10.91
N SER A 86 3.23 -8.17 9.71
CA SER A 86 4.52 -8.81 9.46
C SER A 86 5.48 -7.86 8.72
N GLU A 87 6.55 -8.42 8.17
CA GLU A 87 7.54 -7.63 7.44
C GLU A 87 7.38 -7.84 5.94
N VAL A 88 7.64 -6.79 5.16
CA VAL A 88 7.51 -6.87 3.71
C VAL A 88 8.54 -6.00 3.01
N GLU A 89 8.33 -5.71 1.72
CA GLU A 89 9.23 -4.88 0.95
C GLU A 89 8.48 -4.13 -0.16
N ILE A 90 9.11 -3.09 -0.69
CA ILE A 90 8.48 -2.30 -1.75
C ILE A 90 9.50 -1.87 -2.79
N VAL A 91 8.99 -1.50 -3.97
CA VAL A 91 9.84 -1.06 -5.07
C VAL A 91 9.13 -0.01 -5.91
N ASP A 92 9.66 1.21 -5.89
CA ASP A 92 9.07 2.32 -6.64
C ASP A 92 9.27 2.13 -8.15
N ARG A 93 8.69 3.03 -8.93
CA ARG A 93 8.80 2.97 -10.38
C ARG A 93 8.65 4.36 -10.99
N ASP A 94 8.88 4.46 -12.30
CA ASP A 94 8.76 5.72 -13.01
C ASP A 94 7.34 6.29 -12.91
N GLY A 95 7.11 7.11 -11.88
CA GLY A 95 5.80 7.69 -11.69
C GLY A 95 4.73 6.66 -11.42
N HIS A 96 4.98 5.79 -10.44
CA HIS A 96 4.05 4.74 -10.07
C HIS A 96 4.41 4.13 -8.73
N ILE A 97 3.40 3.91 -7.89
CA ILE A 97 3.61 3.32 -6.56
C ILE A 97 3.07 1.89 -6.51
N THR A 98 3.89 0.99 -6.00
CA THR A 98 3.50 -0.42 -5.90
C THR A 98 4.36 -1.15 -4.87
N LEU A 99 3.71 -1.96 -4.03
CA LEU A 99 4.40 -2.72 -3.01
C LEU A 99 5.04 -3.98 -3.61
N SER A 100 5.64 -4.80 -2.75
CA SER A 100 6.29 -6.02 -3.21
C SER A 100 6.34 -7.08 -2.11
N HIS A 101 5.55 -8.13 -2.26
CA HIS A 101 5.51 -9.22 -1.27
C HIS A 101 4.53 -10.31 -1.67
N ASN A 102 4.41 -11.32 -0.80
CA ASN A 102 3.51 -12.45 -1.02
C ASN A 102 3.56 -12.94 -2.47
N GLY A 103 2.73 -12.36 -3.32
CA GLY A 103 2.71 -12.74 -4.71
C GLY A 103 3.85 -12.14 -5.51
N LYS A 104 3.81 -10.82 -5.68
CA LYS A 104 4.84 -10.10 -6.41
C LYS A 104 4.82 -8.62 -6.06
N ASP A 105 3.77 -7.93 -6.49
CA ASP A 105 3.62 -6.50 -6.23
C ASP A 105 2.14 -6.13 -6.10
N VAL A 106 1.87 -4.98 -5.49
CA VAL A 106 0.50 -4.51 -5.31
C VAL A 106 0.18 -3.37 -6.28
N GLU A 107 -1.11 -3.17 -6.54
CA GLU A 107 -1.54 -2.11 -7.45
C GLU A 107 -1.55 -0.77 -6.74
N LEU A 108 -2.40 -0.64 -5.72
CA LEU A 108 -2.50 0.59 -4.95
C LEU A 108 -2.82 1.79 -5.85
N LEU A 109 -3.05 2.95 -5.22
CA LEU A 109 -3.37 4.17 -5.96
C LEU A 109 -3.35 5.37 -5.02
N ASP A 110 -3.51 6.57 -5.59
CA ASP A 110 -3.52 7.80 -4.80
C ASP A 110 -4.48 7.69 -3.61
N ASP A 111 -5.55 6.90 -3.78
CA ASP A 111 -6.54 6.71 -2.73
C ASP A 111 -6.15 5.57 -1.80
N LEU A 112 -6.11 4.35 -2.34
CA LEU A 112 -5.74 3.18 -1.56
C LEU A 112 -4.37 3.35 -0.90
N ALA A 113 -3.42 3.86 -1.68
CA ALA A 113 -2.06 4.10 -1.18
C ALA A 113 -1.92 5.50 -0.62
N HIS A 114 -2.94 5.97 0.09
CA HIS A 114 -2.91 7.31 0.68
C HIS A 114 -2.34 7.26 2.09
N THR A 115 -2.92 6.41 2.94
CA THR A 115 -2.48 6.31 4.32
C THR A 115 -2.64 4.89 4.87
N ILE A 116 -1.70 4.01 4.54
CA ILE A 116 -1.72 2.65 5.06
C ILE A 116 -0.41 2.35 5.76
N ARG A 117 -0.47 1.53 6.81
CA ARG A 117 0.73 1.22 7.60
C ARG A 117 1.50 0.01 7.08
N ILE A 118 2.61 0.28 6.38
CA ILE A 118 3.48 -0.78 5.86
C ILE A 118 4.93 -0.32 5.75
N GLU A 119 5.38 0.56 6.63
CA GLU A 119 6.76 1.04 6.58
C GLU A 119 7.26 1.47 7.95
N GLU A 120 8.57 1.49 8.12
CA GLU A 120 9.18 1.90 9.36
C GLU A 120 10.03 3.14 9.18
N LEU A 121 10.42 3.43 7.93
CA LEU A 121 11.24 4.60 7.63
C LEU A 121 10.51 5.89 8.01
N GLY A 1 8.05 21.39 -16.33
CA GLY A 1 8.07 20.45 -17.49
C GLY A 1 8.02 19.00 -17.05
N SER A 2 9.18 18.42 -16.74
CA SER A 2 9.25 17.03 -16.30
C SER A 2 9.00 16.92 -14.81
N HIS A 3 8.24 15.90 -14.41
CA HIS A 3 7.92 15.67 -13.01
C HIS A 3 7.72 14.19 -12.72
N MET A 4 6.87 13.54 -13.52
CA MET A 4 6.59 12.12 -13.36
C MET A 4 6.00 11.83 -11.98
N ASP A 5 4.68 11.60 -11.94
CA ASP A 5 3.99 11.30 -10.69
C ASP A 5 4.23 9.86 -10.25
N GLU A 6 4.29 9.64 -8.94
CA GLU A 6 4.51 8.31 -8.40
C GLU A 6 3.19 7.56 -8.24
N VAL A 7 3.25 6.34 -7.71
CA VAL A 7 2.07 5.52 -7.50
C VAL A 7 1.13 6.15 -6.49
N GLU A 8 1.68 6.93 -5.55
CA GLU A 8 0.87 7.59 -4.53
C GLU A 8 0.31 8.91 -5.06
N ARG A 9 -0.51 8.82 -6.11
CA ARG A 9 -1.11 10.00 -6.70
C ARG A 9 -1.90 10.80 -5.68
N ARG A 10 -1.22 11.66 -4.94
CA ARG A 10 -1.85 12.49 -3.91
C ARG A 10 -3.20 13.02 -4.38
N LEU A 11 -3.27 13.44 -5.64
CA LEU A 11 -4.51 13.96 -6.21
C LEU A 11 -5.37 12.83 -6.75
N VAL A 12 -6.05 12.13 -5.85
CA VAL A 12 -6.91 11.01 -6.24
C VAL A 12 -8.06 11.47 -7.12
N LYS A 13 -8.69 10.52 -7.81
CA LYS A 13 -9.81 10.83 -8.69
C LYS A 13 -10.73 9.62 -8.85
N VAL A 14 -10.14 8.47 -9.14
CA VAL A 14 -10.90 7.23 -9.31
C VAL A 14 -10.07 6.02 -8.90
N LEU A 15 -10.55 4.83 -9.26
CA LEU A 15 -9.85 3.59 -8.92
C LEU A 15 -9.19 2.98 -10.16
N LYS A 16 -7.86 2.91 -10.14
CA LYS A 16 -7.10 2.35 -11.26
C LYS A 16 -5.77 1.79 -10.79
N ASP A 17 -5.45 0.57 -11.24
CA ASP A 17 -4.20 -0.08 -10.86
C ASP A 17 -3.12 0.18 -11.90
N VAL A 18 -1.86 -0.07 -11.53
CA VAL A 18 -0.74 0.13 -12.43
C VAL A 18 -0.27 -1.18 -13.04
N SER A 19 0.13 -1.14 -14.30
CA SER A 19 0.61 -2.33 -15.01
C SER A 19 -0.48 -3.41 -15.06
N ARG A 20 -0.51 -4.27 -14.04
CA ARG A 20 -1.49 -5.35 -13.98
C ARG A 20 -1.26 -6.25 -12.76
N SER A 21 -2.29 -6.97 -12.36
CA SER A 21 -2.20 -7.87 -11.22
C SER A 21 -1.84 -7.10 -9.94
N PRO A 22 -2.80 -6.34 -9.39
CA PRO A 22 -2.58 -5.56 -8.17
C PRO A 22 -2.58 -6.42 -6.91
N PHE A 23 -3.33 -7.52 -6.96
CA PHE A 23 -3.42 -8.44 -5.81
C PHE A 23 -2.11 -9.21 -5.63
N GLY A 24 -1.82 -9.58 -4.39
CA GLY A 24 -0.61 -10.31 -4.09
C GLY A 24 0.01 -9.92 -2.77
N ASN A 25 0.45 -10.91 -1.99
CA ASN A 25 1.07 -10.69 -0.69
C ASN A 25 0.19 -9.80 0.21
N PRO A 26 0.39 -9.87 1.54
CA PRO A 26 -0.39 -9.09 2.51
C PRO A 26 0.04 -7.63 2.56
N ILE A 27 -0.96 -6.73 2.58
CA ILE A 27 -0.75 -5.28 2.66
C ILE A 27 -1.66 -4.52 1.68
N PRO A 28 -1.98 -5.11 0.50
CA PRO A 28 -2.83 -4.44 -0.49
C PRO A 28 -4.32 -4.55 -0.13
N GLY A 29 -4.72 -3.80 0.89
CA GLY A 29 -6.12 -3.81 1.31
C GLY A 29 -6.95 -2.78 0.56
N LEU A 30 -7.94 -3.26 -0.18
CA LEU A 30 -8.81 -2.37 -0.95
C LEU A 30 -9.77 -1.60 -0.04
N ASP A 31 -10.37 -2.32 0.90
CA ASP A 31 -11.31 -1.71 1.84
C ASP A 31 -10.61 -1.21 3.10
N GLU A 32 -9.28 -1.21 3.09
CA GLU A 32 -8.50 -0.77 4.24
C GLU A 32 -8.20 0.73 4.14
N LEU A 33 -7.67 1.16 3.00
CA LEU A 33 -7.33 2.57 2.78
C LEU A 33 -8.51 3.50 3.05
N GLY A 34 -9.71 2.95 3.14
CA GLY A 34 -10.90 3.77 3.39
C GLY A 34 -10.70 4.77 4.51
N VAL A 35 -11.04 4.38 5.74
CA VAL A 35 -10.90 5.27 6.89
C VAL A 35 -9.52 5.13 7.54
N GLY A 36 -9.08 6.21 8.19
CA GLY A 36 -7.78 6.19 8.85
C GLY A 36 -6.67 6.71 7.94
N ASN A 37 -5.60 7.21 8.55
CA ASN A 37 -4.46 7.73 7.78
C ASN A 37 -3.16 7.61 8.56
N SER A 38 -2.13 7.09 7.90
CA SER A 38 -0.82 6.92 8.53
C SER A 38 0.11 8.07 8.16
N ASP A 39 1.26 8.13 8.83
CA ASP A 39 2.24 9.18 8.56
C ASP A 39 3.64 8.76 9.03
N ALA A 40 3.77 8.49 10.33
CA ALA A 40 5.07 8.07 10.88
C ALA A 40 4.91 7.42 12.26
N ALA A 41 6.02 7.34 12.99
CA ALA A 41 6.06 6.73 14.34
C ALA A 41 6.44 5.26 14.28
N ALA A 42 7.65 4.95 14.74
CA ALA A 42 8.15 3.57 14.76
C ALA A 42 8.29 3.02 13.34
N PRO A 43 9.07 1.93 13.18
CA PRO A 43 9.28 1.29 11.87
C PRO A 43 8.00 1.26 11.02
N GLY A 44 8.15 1.37 9.71
CA GLY A 44 6.99 1.39 8.83
C GLY A 44 7.25 2.17 7.56
N THR A 45 6.20 2.73 6.98
CA THR A 45 6.33 3.54 5.77
C THR A 45 5.20 4.56 5.71
N ARG A 46 5.52 5.75 5.17
CA ARG A 46 4.53 6.82 5.06
C ARG A 46 3.42 6.48 4.07
N VAL A 47 3.46 5.27 3.50
CA VAL A 47 2.46 4.84 2.53
C VAL A 47 2.68 5.54 1.19
N ILE A 48 2.56 6.85 1.20
CA ILE A 48 2.76 7.64 0.00
C ILE A 48 4.17 8.21 -0.05
N ASP A 49 5.15 7.38 0.28
CA ASP A 49 6.55 7.80 0.28
C ASP A 49 7.50 6.60 0.28
N ALA A 50 7.09 5.49 0.92
CA ALA A 50 7.91 4.29 0.99
C ALA A 50 8.85 4.15 -0.21
N ALA A 51 8.34 4.45 -1.41
CA ALA A 51 9.13 4.35 -2.62
C ALA A 51 10.09 5.55 -2.75
N THR A 52 11.00 5.69 -1.80
CA THR A 52 11.97 6.78 -1.81
C THR A 52 13.00 6.60 -0.70
N SER A 53 12.54 6.19 0.48
CA SER A 53 13.41 5.98 1.62
C SER A 53 14.19 4.67 1.48
N MET A 54 14.68 4.14 2.60
CA MET A 54 15.42 2.89 2.60
C MET A 54 14.79 1.87 3.55
N PRO A 55 13.52 1.50 3.32
CA PRO A 55 12.80 0.53 4.15
C PRO A 55 13.63 -0.70 4.50
N ARG A 56 13.19 -1.42 5.52
CA ARG A 56 13.87 -2.63 5.98
C ARG A 56 12.87 -3.59 6.63
N LYS A 57 12.01 -3.04 7.48
CA LYS A 57 11.00 -3.82 8.16
C LYS A 57 9.90 -2.92 8.70
N VAL A 58 9.00 -2.52 7.79
CA VAL A 58 7.90 -1.63 8.14
C VAL A 58 6.86 -2.33 9.02
N ARG A 59 6.31 -1.58 9.97
CA ARG A 59 5.29 -2.10 10.86
C ARG A 59 3.95 -2.13 10.14
N ILE A 60 3.57 -3.30 9.63
CA ILE A 60 2.34 -3.41 8.90
C ILE A 60 1.12 -3.43 9.83
N VAL A 61 0.71 -2.25 10.29
CA VAL A 61 -0.43 -2.10 11.19
C VAL A 61 -0.96 -0.68 11.17
N GLN A 62 -2.00 -0.43 10.39
CA GLN A 62 -2.60 0.90 10.28
C GLN A 62 -3.62 0.98 9.14
N ILE A 63 -4.78 1.58 9.47
CA ILE A 63 -5.85 1.78 8.49
C ILE A 63 -6.62 0.48 8.21
N ASN A 64 -6.20 -0.62 8.83
CA ASN A 64 -6.86 -1.91 8.64
C ASN A 64 -8.34 -1.81 8.98
N GLU A 65 -9.12 -2.75 8.46
CA GLU A 65 -10.56 -2.78 8.71
C GLU A 65 -11.10 -4.20 8.65
N ILE A 66 -12.35 -4.38 9.06
CA ILE A 66 -12.98 -5.69 9.06
C ILE A 66 -14.49 -5.57 8.79
N PHE A 67 -15.14 -4.65 9.48
CA PHE A 67 -16.58 -4.44 9.31
C PHE A 67 -16.91 -4.04 7.88
N GLN A 68 -16.07 -3.19 7.30
CA GLN A 68 -16.27 -2.72 5.93
C GLN A 68 -15.99 -3.84 4.93
N VAL A 69 -16.90 -4.01 3.98
CA VAL A 69 -16.75 -5.05 2.95
C VAL A 69 -17.66 -4.77 1.75
N GLU A 70 -17.11 -4.10 0.75
CA GLU A 70 -17.87 -3.78 -0.46
C GLU A 70 -17.00 -3.99 -1.71
N THR A 71 -17.61 -3.75 -2.87
CA THR A 71 -16.92 -3.91 -4.17
C THR A 71 -16.17 -5.23 -4.25
N ASP A 72 -16.61 -6.10 -5.17
CA ASP A 72 -15.98 -7.41 -5.36
C ASP A 72 -14.60 -7.28 -5.99
N GLN A 73 -14.19 -6.06 -6.32
CA GLN A 73 -12.88 -5.82 -6.93
C GLN A 73 -11.76 -6.32 -6.03
N PHE A 74 -11.94 -6.22 -4.73
CA PHE A 74 -10.93 -6.65 -3.77
C PHE A 74 -10.89 -8.18 -3.64
N THR A 75 -11.88 -8.85 -4.23
CA THR A 75 -11.95 -10.31 -4.18
C THR A 75 -10.61 -10.94 -4.55
N GLN A 76 -9.96 -10.37 -5.56
CA GLN A 76 -8.67 -10.86 -6.02
C GLN A 76 -7.58 -10.54 -5.00
N LEU A 77 -7.70 -9.38 -4.36
CA LEU A 77 -6.74 -8.95 -3.36
C LEU A 77 -6.91 -9.74 -2.06
N LEU A 78 -8.10 -10.30 -1.85
CA LEU A 78 -8.39 -11.08 -0.65
C LEU A 78 -7.63 -12.41 -0.67
N ASP A 79 -7.21 -12.84 -1.85
CA ASP A 79 -6.47 -14.09 -2.00
C ASP A 79 -5.27 -14.12 -1.05
N ALA A 80 -4.61 -12.98 -0.90
CA ALA A 80 -3.44 -12.87 -0.03
C ALA A 80 -3.83 -12.99 1.44
N ASP A 81 -5.08 -12.60 1.75
CA ASP A 81 -5.61 -12.65 3.11
C ASP A 81 -5.21 -11.41 3.92
N ILE A 82 -3.99 -10.92 3.69
CA ILE A 82 -3.48 -9.73 4.38
C ILE A 82 -3.38 -9.98 5.89
N ARG A 83 -2.22 -9.65 6.45
CA ARG A 83 -1.99 -9.84 7.88
C ARG A 83 -1.50 -8.54 8.53
N VAL A 84 -2.45 -7.73 8.98
CA VAL A 84 -2.15 -6.46 9.62
C VAL A 84 -1.54 -6.69 11.01
N GLY A 85 -0.21 -6.68 11.08
CA GLY A 85 0.47 -6.88 12.34
C GLY A 85 1.80 -7.61 12.19
N SER A 86 2.16 -7.97 10.96
CA SER A 86 3.42 -8.68 10.70
C SER A 86 4.50 -7.70 10.25
N GLU A 87 5.56 -8.23 9.66
CA GLU A 87 6.68 -7.41 9.19
C GLU A 87 6.90 -7.62 7.69
N VAL A 88 6.87 -6.53 6.93
CA VAL A 88 7.07 -6.60 5.49
C VAL A 88 8.15 -5.62 5.03
N GLU A 89 8.49 -5.67 3.74
CA GLU A 89 9.52 -4.80 3.18
C GLU A 89 9.03 -4.18 1.87
N ILE A 90 9.78 -3.19 1.37
CA ILE A 90 9.44 -2.52 0.13
C ILE A 90 10.67 -1.90 -0.53
N VAL A 91 10.60 -1.74 -1.84
CA VAL A 91 11.70 -1.16 -2.61
C VAL A 91 11.18 -0.25 -3.72
N ASP A 92 12.00 0.71 -4.13
CA ASP A 92 11.61 1.64 -5.18
C ASP A 92 11.54 0.94 -6.53
N ARG A 93 10.75 1.50 -7.44
CA ARG A 93 10.58 0.93 -8.77
C ARG A 93 10.37 2.02 -9.82
N ASP A 94 11.44 2.76 -10.10
CA ASP A 94 11.39 3.83 -11.09
C ASP A 94 10.28 4.82 -10.78
N GLY A 95 10.36 5.45 -9.59
CA GLY A 95 9.35 6.41 -9.19
C GLY A 95 7.97 5.78 -9.02
N HIS A 96 7.94 4.62 -8.39
CA HIS A 96 6.69 3.92 -8.16
C HIS A 96 6.77 3.05 -6.91
N ILE A 97 5.78 3.15 -6.04
CA ILE A 97 5.75 2.37 -4.80
C ILE A 97 5.28 0.94 -5.05
N THR A 98 5.93 0.00 -4.39
CA THR A 98 5.59 -1.42 -4.53
C THR A 98 6.09 -2.21 -3.31
N LEU A 99 5.16 -2.84 -2.60
CA LEU A 99 5.51 -3.62 -1.42
C LEU A 99 6.04 -4.99 -1.82
N SER A 100 6.88 -5.56 -0.96
CA SER A 100 7.47 -6.87 -1.22
C SER A 100 7.23 -7.84 -0.06
N HIS A 101 6.65 -9.00 -0.37
CA HIS A 101 6.37 -10.01 0.65
C HIS A 101 5.75 -11.26 0.02
N ASN A 102 5.53 -12.28 0.87
CA ASN A 102 4.94 -13.54 0.45
C ASN A 102 5.58 -14.08 -0.83
N GLY A 103 5.06 -13.65 -1.97
CA GLY A 103 5.60 -14.11 -3.25
C GLY A 103 6.80 -13.31 -3.69
N LYS A 104 6.61 -12.01 -3.93
CA LYS A 104 7.70 -11.14 -4.38
C LYS A 104 7.37 -9.68 -4.13
N ASP A 105 6.65 -9.06 -5.06
CA ASP A 105 6.27 -7.65 -4.94
C ASP A 105 4.83 -7.44 -5.38
N VAL A 106 4.37 -6.19 -5.28
CA VAL A 106 3.01 -5.84 -5.69
C VAL A 106 3.00 -4.59 -6.56
N GLU A 107 1.81 -4.18 -7.00
CA GLU A 107 1.66 -3.00 -7.83
C GLU A 107 1.02 -1.86 -7.06
N LEU A 108 -0.10 -2.16 -6.38
CA LEU A 108 -0.81 -1.16 -5.60
C LEU A 108 -1.23 0.02 -6.47
N LEU A 109 -1.94 0.97 -5.87
CA LEU A 109 -2.41 2.16 -6.59
C LEU A 109 -2.42 3.38 -5.67
N ASP A 110 -2.78 4.53 -6.23
CA ASP A 110 -2.82 5.78 -5.46
C ASP A 110 -3.82 5.68 -4.30
N ASP A 111 -4.86 4.87 -4.49
CA ASP A 111 -5.88 4.70 -3.46
C ASP A 111 -5.38 3.82 -2.32
N LEU A 112 -4.91 2.62 -2.66
CA LEU A 112 -4.40 1.69 -1.66
C LEU A 112 -3.08 2.16 -1.07
N ALA A 113 -2.30 2.89 -1.87
CA ALA A 113 -1.00 3.41 -1.41
C ALA A 113 -1.14 4.80 -0.79
N HIS A 114 -2.37 5.18 -0.44
CA HIS A 114 -2.62 6.48 0.17
C HIS A 114 -2.41 6.42 1.67
N THR A 115 -3.17 5.55 2.34
CA THR A 115 -3.06 5.39 3.79
C THR A 115 -3.34 3.94 4.17
N ILE A 116 -2.28 3.12 4.18
CA ILE A 116 -2.39 1.72 4.51
C ILE A 116 -1.70 1.40 5.84
N ARG A 117 -1.60 0.10 6.16
CA ARG A 117 -1.03 -0.36 7.42
C ARG A 117 0.50 -0.47 7.40
N ILE A 118 1.17 0.67 7.49
CA ILE A 118 2.63 0.73 7.55
C ILE A 118 3.01 2.02 8.28
N GLU A 119 3.95 1.95 9.24
CA GLU A 119 4.31 3.14 9.99
C GLU A 119 5.45 3.95 9.36
N GLU A 120 6.65 3.94 9.95
CA GLU A 120 7.78 4.69 9.39
C GLU A 120 9.12 4.03 9.73
N LEU A 121 9.79 3.51 8.71
CA LEU A 121 11.09 2.86 8.87
C LEU A 121 12.08 3.79 9.56
N GLY A 1 0.20 17.14 -18.91
CA GLY A 1 0.30 15.81 -19.59
C GLY A 1 1.12 14.81 -18.80
N SER A 2 0.61 14.41 -17.64
CA SER A 2 1.31 13.44 -16.79
C SER A 2 1.01 12.01 -17.22
N HIS A 3 1.90 11.09 -16.85
CA HIS A 3 1.73 9.69 -17.20
C HIS A 3 2.33 8.78 -16.13
N MET A 4 3.60 9.03 -15.79
CA MET A 4 4.29 8.23 -14.78
C MET A 4 3.95 8.74 -13.38
N ASP A 5 3.36 7.88 -12.56
CA ASP A 5 3.00 8.24 -11.20
C ASP A 5 4.18 8.05 -10.25
N GLU A 6 4.36 9.02 -9.36
CA GLU A 6 5.46 8.98 -8.40
C GLU A 6 5.11 8.08 -7.21
N VAL A 7 6.08 7.85 -6.33
CA VAL A 7 5.88 7.01 -5.16
C VAL A 7 4.69 7.50 -4.33
N GLU A 8 4.88 8.60 -3.60
CA GLU A 8 3.81 9.15 -2.77
C GLU A 8 2.95 10.12 -3.57
N ARG A 9 2.30 9.60 -4.61
CA ARG A 9 1.44 10.42 -5.46
C ARG A 9 0.21 10.88 -4.71
N ARG A 10 0.38 11.89 -3.85
CA ARG A 10 -0.72 12.43 -3.05
C ARG A 10 -1.92 12.78 -3.93
N LEU A 11 -1.64 13.24 -5.15
CA LEU A 11 -2.70 13.60 -6.09
C LEU A 11 -3.38 12.35 -6.67
N VAL A 12 -4.45 11.92 -6.03
CA VAL A 12 -5.20 10.74 -6.48
C VAL A 12 -6.57 10.68 -5.83
N LYS A 13 -7.54 10.11 -6.56
CA LYS A 13 -8.90 9.99 -6.05
C LYS A 13 -9.56 8.72 -6.57
N VAL A 14 -9.82 8.67 -7.88
CA VAL A 14 -10.45 7.52 -8.51
C VAL A 14 -9.46 6.37 -8.66
N LEU A 15 -9.99 5.18 -8.93
CA LEU A 15 -9.16 3.99 -9.11
C LEU A 15 -8.67 3.88 -10.55
N LYS A 16 -7.47 3.34 -10.74
CA LYS A 16 -6.89 3.18 -12.07
C LYS A 16 -5.94 1.98 -12.11
N ASP A 17 -5.01 1.93 -11.17
CA ASP A 17 -4.03 0.85 -11.10
C ASP A 17 -4.71 -0.47 -10.72
N VAL A 18 -3.91 -1.51 -10.53
CA VAL A 18 -4.42 -2.84 -10.17
C VAL A 18 -5.70 -3.18 -10.95
N SER A 19 -5.54 -3.81 -12.11
CA SER A 19 -6.67 -4.21 -12.93
C SER A 19 -6.46 -5.58 -13.54
N ARG A 20 -5.35 -5.74 -14.27
CA ARG A 20 -5.04 -7.01 -14.91
C ARG A 20 -3.87 -7.69 -14.22
N SER A 21 -2.92 -6.90 -13.74
CA SER A 21 -1.74 -7.44 -13.06
C SER A 21 -2.14 -8.14 -11.75
N PRO A 22 -1.24 -8.95 -11.18
CA PRO A 22 -1.49 -9.67 -9.93
C PRO A 22 -1.84 -8.74 -8.77
N PHE A 23 -1.71 -9.25 -7.55
CA PHE A 23 -2.01 -8.46 -6.36
C PHE A 23 -0.74 -8.16 -5.57
N GLY A 24 -0.01 -9.21 -5.21
CA GLY A 24 1.23 -9.04 -4.45
C GLY A 24 1.18 -9.67 -3.09
N ASN A 25 0.99 -8.85 -2.06
CA ASN A 25 0.94 -9.33 -0.68
C ASN A 25 -0.09 -8.55 0.14
N PRO A 26 -0.50 -9.08 1.30
CA PRO A 26 -1.49 -8.44 2.19
C PRO A 26 -1.03 -7.07 2.68
N ILE A 27 -1.98 -6.12 2.69
CA ILE A 27 -1.74 -4.73 3.14
C ILE A 27 -2.43 -3.69 2.24
N PRO A 28 -2.61 -3.98 0.92
CA PRO A 28 -3.25 -3.05 -0.01
C PRO A 28 -4.73 -2.84 0.28
N GLY A 29 -5.02 -2.30 1.46
CA GLY A 29 -6.40 -2.04 1.84
C GLY A 29 -7.03 -0.94 1.02
N LEU A 30 -8.21 -1.20 0.46
CA LEU A 30 -8.91 -0.22 -0.35
C LEU A 30 -9.84 0.65 0.50
N ASP A 31 -10.57 0.01 1.40
CA ASP A 31 -11.50 0.73 2.27
C ASP A 31 -10.82 1.17 3.56
N GLU A 32 -9.49 1.03 3.63
CA GLU A 32 -8.75 1.41 4.82
C GLU A 32 -8.28 2.86 4.72
N LEU A 33 -7.77 3.25 3.56
CA LEU A 33 -7.29 4.60 3.33
C LEU A 33 -8.21 5.65 3.94
N GLY A 34 -9.51 5.39 3.89
CA GLY A 34 -10.48 6.33 4.44
C GLY A 34 -10.71 6.12 5.93
N VAL A 35 -9.68 6.37 6.72
CA VAL A 35 -9.77 6.21 8.17
C VAL A 35 -8.79 7.13 8.88
N GLY A 36 -7.49 6.87 8.71
CA GLY A 36 -6.47 7.68 9.34
C GLY A 36 -5.29 7.96 8.42
N ASN A 37 -4.26 8.62 8.95
CA ASN A 37 -3.07 8.93 8.16
C ASN A 37 -1.89 9.28 9.06
N SER A 38 -0.69 9.20 8.50
CA SER A 38 0.53 9.52 9.24
C SER A 38 1.71 9.75 8.30
N ASP A 39 2.45 10.83 8.55
CA ASP A 39 3.60 11.16 7.73
C ASP A 39 4.89 10.57 8.30
N ALA A 40 5.07 10.71 9.61
CA ALA A 40 6.26 10.19 10.28
C ALA A 40 6.01 10.03 11.78
N ALA A 41 6.04 8.77 12.24
CA ALA A 41 5.83 8.47 13.65
C ALA A 41 6.06 6.99 13.93
N ALA A 42 5.66 6.54 15.13
CA ALA A 42 5.81 5.14 15.51
C ALA A 42 5.11 4.21 14.51
N PRO A 43 5.15 2.89 14.74
CA PRO A 43 4.52 1.91 13.85
C PRO A 43 3.12 2.33 13.41
N GLY A 44 3.05 3.06 12.30
CA GLY A 44 1.78 3.53 11.78
C GLY A 44 1.92 4.77 10.95
N THR A 45 2.77 4.70 9.92
CA THR A 45 2.99 5.84 9.03
C THR A 45 2.22 5.64 7.72
N ARG A 46 2.59 6.42 6.71
CA ARG A 46 1.94 6.33 5.41
C ARG A 46 2.86 5.65 4.40
N VAL A 47 2.53 4.41 4.04
CA VAL A 47 3.32 3.64 3.09
C VAL A 47 3.79 4.49 1.91
N ILE A 48 2.99 5.50 1.54
CA ILE A 48 3.35 6.37 0.42
C ILE A 48 4.75 6.95 0.60
N ASP A 49 5.06 7.37 1.83
CA ASP A 49 6.36 7.95 2.15
C ASP A 49 7.38 6.85 2.44
N ALA A 50 6.98 5.88 3.26
CA ALA A 50 7.87 4.77 3.62
C ALA A 50 8.25 3.94 2.39
N ALA A 51 9.21 4.45 1.63
CA ALA A 51 9.68 3.76 0.43
C ALA A 51 10.91 4.42 -0.15
N THR A 52 10.86 5.76 -0.24
CA THR A 52 11.97 6.53 -0.77
C THR A 52 12.90 7.02 0.33
N SER A 53 12.53 6.75 1.58
CA SER A 53 13.33 7.17 2.73
C SER A 53 14.29 6.07 3.17
N MET A 54 14.85 5.34 2.20
CA MET A 54 15.79 4.26 2.48
C MET A 54 15.17 3.21 3.40
N PRO A 55 14.07 2.56 2.95
CA PRO A 55 13.38 1.52 3.73
C PRO A 55 14.27 0.32 4.01
N ARG A 56 13.78 -0.57 4.87
CA ARG A 56 14.51 -1.77 5.23
C ARG A 56 13.56 -2.91 5.63
N LYS A 57 12.60 -2.58 6.49
CA LYS A 57 11.61 -3.56 6.94
C LYS A 57 10.49 -2.88 7.72
N VAL A 58 9.45 -2.46 7.00
CA VAL A 58 8.31 -1.80 7.61
C VAL A 58 7.36 -2.82 8.23
N ARG A 59 6.20 -2.35 8.70
CA ARG A 59 5.21 -3.21 9.31
C ARG A 59 3.86 -3.07 8.61
N ILE A 60 2.83 -3.67 9.20
CA ILE A 60 1.48 -3.61 8.64
C ILE A 60 0.44 -3.62 9.76
N VAL A 61 0.23 -2.45 10.39
CA VAL A 61 -0.73 -2.31 11.49
C VAL A 61 -1.13 -0.85 11.69
N GLN A 62 -2.28 -0.49 11.14
CA GLN A 62 -2.81 0.88 11.25
C GLN A 62 -4.01 1.08 10.33
N ILE A 63 -5.18 1.23 10.96
CA ILE A 63 -6.47 1.42 10.30
C ILE A 63 -7.35 0.19 10.44
N ASN A 64 -6.72 -0.98 10.33
CA ASN A 64 -7.42 -2.26 10.47
C ASN A 64 -8.67 -2.32 9.59
N GLU A 65 -9.19 -3.53 9.39
CA GLU A 65 -10.40 -3.74 8.59
C GLU A 65 -10.64 -5.23 8.35
N ILE A 66 -10.07 -5.78 7.28
CA ILE A 66 -10.20 -7.19 6.96
C ILE A 66 -11.66 -7.57 6.66
N PHE A 67 -12.53 -7.45 7.67
CA PHE A 67 -13.94 -7.80 7.52
C PHE A 67 -14.55 -7.19 6.25
N GLN A 68 -14.88 -5.91 6.32
CA GLN A 68 -15.49 -5.22 5.18
C GLN A 68 -14.53 -5.14 3.99
N VAL A 69 -14.91 -5.78 2.90
CA VAL A 69 -14.11 -5.78 1.67
C VAL A 69 -14.97 -6.18 0.47
N GLU A 70 -15.72 -5.22 -0.05
CA GLU A 70 -16.59 -5.47 -1.20
C GLU A 70 -16.02 -4.86 -2.48
N THR A 71 -15.36 -5.69 -3.28
CA THR A 71 -14.76 -5.23 -4.53
C THR A 71 -14.38 -6.42 -5.42
N ASP A 72 -15.06 -6.55 -6.54
CA ASP A 72 -14.79 -7.64 -7.49
C ASP A 72 -13.45 -7.44 -8.18
N GLN A 73 -13.03 -6.19 -8.31
CA GLN A 73 -11.76 -5.87 -8.96
C GLN A 73 -10.57 -6.28 -8.09
N PHE A 74 -10.76 -6.22 -6.77
CA PHE A 74 -9.72 -6.58 -5.82
C PHE A 74 -9.76 -8.06 -5.48
N THR A 75 -10.40 -8.87 -6.34
CA THR A 75 -10.50 -10.31 -6.10
C THR A 75 -9.11 -10.93 -5.96
N GLN A 76 -8.15 -10.37 -6.70
CA GLN A 76 -6.77 -10.87 -6.65
C GLN A 76 -6.11 -10.49 -5.33
N LEU A 77 -6.34 -9.26 -4.89
CA LEU A 77 -5.77 -8.77 -3.64
C LEU A 77 -6.45 -9.42 -2.44
N LEU A 78 -7.60 -10.06 -2.68
CA LEU A 78 -8.33 -10.74 -1.62
C LEU A 78 -7.65 -12.04 -1.22
N ASP A 79 -6.92 -12.65 -2.17
CA ASP A 79 -6.23 -13.91 -1.92
C ASP A 79 -5.38 -13.82 -0.65
N ALA A 80 -4.69 -12.70 -0.48
CA ALA A 80 -3.84 -12.48 0.69
C ALA A 80 -4.68 -12.37 1.96
N ASP A 81 -5.90 -11.86 1.82
CA ASP A 81 -6.82 -11.71 2.96
C ASP A 81 -6.31 -10.66 3.95
N ILE A 82 -5.32 -9.86 3.52
CA ILE A 82 -4.73 -8.81 4.35
C ILE A 82 -4.71 -9.19 5.84
N ARG A 83 -3.54 -9.63 6.32
CA ARG A 83 -3.39 -10.02 7.71
C ARG A 83 -2.68 -8.93 8.51
N VAL A 84 -3.46 -8.02 9.07
CA VAL A 84 -2.92 -6.93 9.86
C VAL A 84 -2.11 -7.45 11.04
N GLY A 85 -0.81 -7.18 11.03
CA GLY A 85 0.06 -7.63 12.11
C GLY A 85 1.38 -8.19 11.60
N SER A 86 1.50 -8.36 10.29
CA SER A 86 2.72 -8.88 9.69
C SER A 86 3.76 -7.79 9.50
N GLU A 87 4.82 -8.11 8.76
CA GLU A 87 5.89 -7.16 8.50
C GLU A 87 6.31 -7.20 7.04
N VAL A 88 6.22 -6.05 6.36
CA VAL A 88 6.58 -5.96 4.96
C VAL A 88 7.70 -4.96 4.73
N GLU A 89 8.11 -4.77 3.47
CA GLU A 89 9.16 -3.84 3.12
C GLU A 89 8.88 -3.17 1.79
N ILE A 90 9.59 -2.08 1.50
CA ILE A 90 9.39 -1.35 0.25
C ILE A 90 10.73 -1.12 -0.44
N VAL A 91 10.69 -0.98 -1.78
CA VAL A 91 11.89 -0.75 -2.57
C VAL A 91 11.56 -0.03 -3.87
N ASP A 92 11.96 1.23 -3.96
CA ASP A 92 11.70 2.03 -5.16
C ASP A 92 12.57 1.57 -6.33
N ARG A 93 12.13 1.88 -7.54
CA ARG A 93 12.86 1.50 -8.74
C ARG A 93 12.47 2.37 -9.92
N ASP A 94 13.44 3.10 -10.46
CA ASP A 94 13.20 3.98 -11.61
C ASP A 94 12.35 5.18 -11.22
N GLY A 95 11.09 4.92 -10.86
CA GLY A 95 10.19 5.99 -10.47
C GLY A 95 8.81 5.48 -10.10
N HIS A 96 8.77 4.47 -9.24
CA HIS A 96 7.52 3.88 -8.80
C HIS A 96 7.68 3.18 -7.45
N ILE A 97 6.60 3.16 -6.67
CA ILE A 97 6.62 2.52 -5.35
C ILE A 97 5.94 1.16 -5.41
N THR A 98 6.59 0.16 -4.81
CA THR A 98 6.05 -1.20 -4.79
C THR A 98 6.34 -1.88 -3.46
N LEU A 99 5.31 -2.45 -2.84
CA LEU A 99 5.45 -3.13 -1.56
C LEU A 99 6.01 -4.54 -1.76
N SER A 100 7.28 -4.73 -1.44
CA SER A 100 7.93 -6.03 -1.59
C SER A 100 7.71 -6.89 -0.35
N HIS A 101 7.08 -8.05 -0.54
CA HIS A 101 6.81 -8.96 0.57
C HIS A 101 6.17 -10.26 0.09
N ASN A 102 6.15 -11.25 0.99
CA ASN A 102 5.58 -12.57 0.71
C ASN A 102 5.91 -13.05 -0.70
N GLY A 103 5.05 -12.71 -1.67
CA GLY A 103 5.28 -13.12 -3.03
C GLY A 103 6.47 -12.45 -3.65
N LYS A 104 6.33 -11.15 -3.93
CA LYS A 104 7.42 -10.37 -4.53
C LYS A 104 7.20 -8.88 -4.34
N ASP A 105 6.11 -8.37 -4.93
CA ASP A 105 5.76 -6.96 -4.83
C ASP A 105 4.26 -6.76 -4.98
N VAL A 106 3.80 -5.53 -4.80
CA VAL A 106 2.38 -5.22 -4.91
C VAL A 106 2.16 -4.09 -5.92
N GLU A 107 1.10 -4.21 -6.72
CA GLU A 107 0.78 -3.19 -7.72
C GLU A 107 -0.51 -2.46 -7.37
N LEU A 108 -0.54 -1.89 -6.17
CA LEU A 108 -1.71 -1.14 -5.71
C LEU A 108 -1.68 0.29 -6.24
N LEU A 109 -2.76 1.03 -6.01
CA LEU A 109 -2.85 2.42 -6.47
C LEU A 109 -2.47 3.38 -5.35
N ASP A 110 -2.21 4.64 -5.70
CA ASP A 110 -1.84 5.66 -4.74
C ASP A 110 -2.92 5.84 -3.66
N ASP A 111 -4.18 5.76 -4.08
CA ASP A 111 -5.29 5.90 -3.15
C ASP A 111 -5.27 4.82 -2.08
N LEU A 112 -5.05 3.58 -2.50
CA LEU A 112 -4.99 2.45 -1.57
C LEU A 112 -3.89 2.63 -0.53
N ALA A 113 -2.76 3.18 -0.96
CA ALA A 113 -1.64 3.41 -0.06
C ALA A 113 -1.70 4.78 0.60
N HIS A 114 -2.85 5.44 0.51
CA HIS A 114 -3.01 6.77 1.11
C HIS A 114 -2.96 6.70 2.63
N THR A 115 -1.78 6.42 3.16
CA THR A 115 -1.57 6.33 4.61
C THR A 115 -2.46 5.25 5.22
N ILE A 116 -1.98 4.02 5.20
CA ILE A 116 -2.72 2.89 5.75
C ILE A 116 -1.97 2.23 6.92
N ARG A 117 -2.13 0.92 7.07
CA ARG A 117 -1.51 0.16 8.15
C ARG A 117 -0.09 -0.27 7.80
N ILE A 118 0.86 0.61 8.12
CA ILE A 118 2.28 0.34 7.88
C ILE A 118 3.14 1.10 8.90
N GLU A 119 4.31 0.55 9.23
CA GLU A 119 5.22 1.20 10.17
C GLU A 119 6.17 2.14 9.45
N GLU A 120 6.73 3.10 10.18
CA GLU A 120 7.66 4.06 9.60
C GLU A 120 9.09 3.55 9.66
N LEU A 121 9.60 3.11 8.49
CA LEU A 121 10.95 2.58 8.39
C LEU A 121 11.95 3.45 9.17
N GLY A 1 12.78 20.72 -9.11
CA GLY A 1 12.48 20.36 -10.53
C GLY A 1 11.88 18.97 -10.65
N SER A 2 10.77 18.74 -9.96
CA SER A 2 10.11 17.44 -10.00
C SER A 2 9.20 17.33 -11.20
N HIS A 3 8.32 18.32 -11.37
CA HIS A 3 7.38 18.34 -12.49
C HIS A 3 6.30 17.26 -12.33
N MET A 4 6.72 16.00 -12.41
CA MET A 4 5.79 14.88 -12.28
C MET A 4 6.08 14.08 -11.01
N ASP A 5 5.12 13.27 -10.60
CA ASP A 5 5.26 12.44 -9.40
C ASP A 5 6.11 11.21 -9.69
N GLU A 6 6.94 10.83 -8.72
CA GLU A 6 7.80 9.66 -8.86
C GLU A 6 7.10 8.40 -8.37
N VAL A 7 7.23 8.11 -7.08
CA VAL A 7 6.61 6.92 -6.50
C VAL A 7 5.20 7.22 -5.99
N GLU A 8 5.05 8.34 -5.28
CA GLU A 8 3.75 8.72 -4.74
C GLU A 8 2.93 9.48 -5.79
N ARG A 9 1.99 8.77 -6.42
CA ARG A 9 1.14 9.36 -7.43
C ARG A 9 -0.01 10.15 -6.80
N ARG A 10 0.30 11.34 -6.30
CA ARG A 10 -0.70 12.18 -5.66
C ARG A 10 -1.39 13.08 -6.68
N LEU A 11 -2.14 12.47 -7.59
CA LEU A 11 -2.85 13.21 -8.63
C LEU A 11 -4.19 12.57 -8.94
N VAL A 12 -4.18 11.26 -9.20
CA VAL A 12 -5.41 10.53 -9.51
C VAL A 12 -6.29 10.39 -8.27
N LYS A 13 -7.61 10.37 -8.49
CA LYS A 13 -8.56 10.25 -7.40
C LYS A 13 -9.30 8.91 -7.47
N VAL A 14 -9.65 8.49 -8.68
CA VAL A 14 -10.36 7.24 -8.88
C VAL A 14 -9.47 6.04 -8.53
N LEU A 15 -10.10 4.88 -8.35
CA LEU A 15 -9.37 3.66 -8.01
C LEU A 15 -9.06 2.85 -9.26
N LYS A 16 -7.77 2.66 -9.53
CA LYS A 16 -7.33 1.90 -10.70
C LYS A 16 -6.04 1.15 -10.40
N ASP A 17 -5.61 0.32 -11.35
CA ASP A 17 -4.39 -0.46 -11.20
C ASP A 17 -3.76 -0.77 -12.56
N VAL A 18 -2.45 -0.94 -12.57
CA VAL A 18 -1.72 -1.24 -13.80
C VAL A 18 -0.45 -2.03 -13.51
N SER A 19 -0.51 -3.34 -13.75
CA SER A 19 0.62 -4.22 -13.52
C SER A 19 0.41 -5.59 -14.16
N ARG A 20 1.38 -6.48 -13.99
CA ARG A 20 1.29 -7.82 -14.56
C ARG A 20 0.26 -8.67 -13.81
N SER A 21 0.21 -8.49 -12.50
CA SER A 21 -0.74 -9.24 -11.66
C SER A 21 -0.87 -8.60 -10.28
N PRO A 22 -1.67 -7.52 -10.17
CA PRO A 22 -1.88 -6.82 -8.91
C PRO A 22 -2.52 -7.71 -7.85
N PHE A 23 -3.10 -7.09 -6.81
CA PHE A 23 -3.74 -7.82 -5.72
C PHE A 23 -2.92 -9.05 -5.32
N GLY A 24 -2.04 -8.86 -4.33
CA GLY A 24 -1.22 -9.97 -3.86
C GLY A 24 -0.49 -9.64 -2.57
N ASN A 25 -0.04 -10.69 -1.88
CA ASN A 25 0.68 -10.53 -0.61
C ASN A 25 -0.22 -9.87 0.43
N PRO A 26 -0.08 -10.27 1.72
CA PRO A 26 -0.88 -9.73 2.81
C PRO A 26 -0.28 -8.46 3.41
N ILE A 27 -0.86 -7.30 3.09
CA ILE A 27 -0.36 -6.03 3.61
C ILE A 27 -1.35 -4.88 3.46
N PRO A 28 -1.79 -4.57 2.22
CA PRO A 28 -2.70 -3.45 1.96
C PRO A 28 -4.17 -3.79 2.15
N GLY A 29 -4.83 -3.05 3.04
CA GLY A 29 -6.23 -3.26 3.29
C GLY A 29 -7.10 -2.37 2.43
N LEU A 30 -8.39 -2.61 2.46
CA LEU A 30 -9.31 -1.79 1.72
C LEU A 30 -9.36 -0.43 2.37
N ASP A 31 -9.16 0.60 1.56
CA ASP A 31 -9.11 1.99 2.00
C ASP A 31 -9.91 2.24 3.28
N GLU A 32 -9.44 1.64 4.37
CA GLU A 32 -10.05 1.81 5.67
C GLU A 32 -9.38 2.99 6.35
N LEU A 33 -8.06 2.89 6.44
CA LEU A 33 -7.26 3.96 7.01
C LEU A 33 -6.82 4.93 5.92
N GLY A 34 -6.92 4.49 4.66
CA GLY A 34 -6.54 5.35 3.55
C GLY A 34 -7.40 6.59 3.44
N VAL A 35 -6.79 7.76 3.61
CA VAL A 35 -7.50 9.03 3.53
C VAL A 35 -6.58 10.15 3.05
N GLY A 36 -5.35 10.19 3.57
CA GLY A 36 -4.40 11.21 3.19
C GLY A 36 -3.46 11.60 4.32
N ASN A 37 -2.36 10.85 4.46
CA ASN A 37 -1.37 11.12 5.51
C ASN A 37 -0.30 10.02 5.52
N SER A 38 0.64 10.13 6.47
CA SER A 38 1.71 9.15 6.59
C SER A 38 1.19 7.88 7.27
N ASP A 39 0.40 8.06 8.32
CA ASP A 39 -0.17 6.92 9.04
C ASP A 39 -1.15 7.40 10.11
N ALA A 40 -1.71 6.45 10.88
CA ALA A 40 -2.66 6.78 11.93
C ALA A 40 -2.05 6.54 13.32
N ALA A 41 -2.15 5.31 13.81
CA ALA A 41 -1.61 4.96 15.11
C ALA A 41 -0.18 4.42 14.98
N ALA A 42 0.70 4.84 15.89
CA ALA A 42 2.09 4.41 15.85
C ALA A 42 2.73 4.79 14.52
N PRO A 43 4.01 4.46 14.31
CA PRO A 43 4.71 4.78 13.06
C PRO A 43 3.95 4.28 11.84
N GLY A 44 4.53 4.47 10.67
CA GLY A 44 3.89 4.03 9.44
C GLY A 44 4.49 4.68 8.21
N THR A 45 4.63 3.90 7.13
CA THR A 45 5.20 4.41 5.90
C THR A 45 5.19 3.36 4.77
N ARG A 46 5.33 2.09 5.15
CA ARG A 46 5.35 0.96 4.20
C ARG A 46 4.72 1.30 2.85
N VAL A 47 3.47 1.75 2.87
CA VAL A 47 2.77 2.10 1.63
C VAL A 47 2.90 3.58 1.30
N ILE A 48 2.72 4.42 2.30
CA ILE A 48 2.81 5.86 2.11
C ILE A 48 4.07 6.44 2.77
N ASP A 49 5.02 6.87 1.92
CA ASP A 49 6.28 7.46 2.39
C ASP A 49 7.42 6.44 2.39
N ALA A 50 7.14 5.20 2.78
CA ALA A 50 8.17 4.16 2.83
C ALA A 50 9.17 4.29 1.68
N ALA A 51 8.64 4.47 0.46
CA ALA A 51 9.48 4.61 -0.72
C ALA A 51 10.08 6.02 -0.81
N THR A 52 10.94 6.36 0.15
CA THR A 52 11.58 7.65 0.18
C THR A 52 12.80 7.65 1.08
N SER A 53 12.65 7.08 2.28
CA SER A 53 13.74 7.02 3.25
C SER A 53 14.47 5.68 3.16
N MET A 54 14.75 5.23 1.93
CA MET A 54 15.46 3.97 1.71
C MET A 54 14.80 2.82 2.47
N PRO A 55 13.64 2.34 1.97
CA PRO A 55 12.90 1.23 2.60
C PRO A 55 13.72 -0.05 2.71
N ARG A 56 13.59 -0.73 3.83
CA ARG A 56 14.31 -1.98 4.07
C ARG A 56 13.40 -3.00 4.76
N LYS A 57 12.64 -2.54 5.75
CA LYS A 57 11.73 -3.40 6.48
C LYS A 57 10.70 -2.56 7.24
N VAL A 58 9.42 -2.78 6.93
CA VAL A 58 8.34 -2.05 7.57
C VAL A 58 7.36 -2.99 8.26
N ARG A 59 7.08 -2.70 9.53
CA ARG A 59 6.15 -3.52 10.32
C ARG A 59 4.70 -3.16 10.01
N ILE A 60 3.92 -4.16 9.61
CA ILE A 60 2.51 -3.96 9.31
C ILE A 60 1.67 -4.19 10.56
N VAL A 61 0.88 -3.19 10.94
CA VAL A 61 0.03 -3.29 12.13
C VAL A 61 -1.30 -2.57 11.94
N GLN A 62 -2.27 -3.30 11.39
CA GLN A 62 -3.62 -2.77 11.14
C GLN A 62 -3.74 -2.19 9.74
N ILE A 63 -4.42 -2.92 8.86
CA ILE A 63 -4.62 -2.47 7.47
C ILE A 63 -6.01 -2.84 6.97
N ASN A 64 -6.43 -4.06 7.23
CA ASN A 64 -7.75 -4.54 6.79
C ASN A 64 -8.87 -3.95 7.63
N GLU A 65 -10.08 -3.97 7.07
CA GLU A 65 -11.25 -3.44 7.76
C GLU A 65 -12.12 -4.57 8.29
N ILE A 66 -12.30 -5.60 7.47
CA ILE A 66 -13.11 -6.77 7.84
C ILE A 66 -14.59 -6.42 7.91
N PHE A 67 -14.94 -5.55 8.85
CA PHE A 67 -16.34 -5.15 9.04
C PHE A 67 -16.92 -4.60 7.73
N GLN A 68 -16.09 -3.93 6.95
CA GLN A 68 -16.53 -3.36 5.68
C GLN A 68 -16.13 -4.26 4.51
N VAL A 69 -17.11 -4.60 3.68
CA VAL A 69 -16.87 -5.46 2.52
C VAL A 69 -18.07 -5.46 1.57
N GLU A 70 -18.01 -4.62 0.54
CA GLU A 70 -19.09 -4.51 -0.43
C GLU A 70 -18.54 -4.42 -1.85
N THR A 71 -17.50 -3.61 -2.03
CA THR A 71 -16.88 -3.42 -3.34
C THR A 71 -16.39 -4.75 -3.91
N ASP A 72 -16.89 -5.10 -5.10
CA ASP A 72 -16.51 -6.35 -5.75
C ASP A 72 -15.11 -6.26 -6.33
N GLN A 73 -14.67 -5.04 -6.65
CA GLN A 73 -13.34 -4.82 -7.21
C GLN A 73 -12.25 -5.26 -6.24
N PHE A 74 -12.55 -5.23 -4.95
CA PHE A 74 -11.59 -5.62 -3.92
C PHE A 74 -11.58 -7.15 -3.73
N THR A 75 -12.49 -7.85 -4.42
CA THR A 75 -12.56 -9.30 -4.32
C THR A 75 -11.22 -9.94 -4.69
N GLN A 76 -10.58 -9.41 -5.73
CA GLN A 76 -9.30 -9.92 -6.19
C GLN A 76 -8.22 -9.67 -5.15
N LEU A 77 -8.31 -8.54 -4.45
CA LEU A 77 -7.34 -8.18 -3.43
C LEU A 77 -7.63 -8.93 -2.13
N LEU A 78 -8.88 -9.31 -1.92
CA LEU A 78 -9.30 -10.04 -0.73
C LEU A 78 -8.73 -11.46 -0.73
N ASP A 79 -8.43 -11.97 -1.92
CA ASP A 79 -7.88 -13.32 -2.06
C ASP A 79 -6.63 -13.49 -1.21
N ALA A 80 -5.86 -12.41 -1.07
CA ALA A 80 -4.64 -12.44 -0.28
C ALA A 80 -4.94 -12.63 1.20
N ASP A 81 -6.08 -12.09 1.64
CA ASP A 81 -6.52 -12.19 3.04
C ASP A 81 -5.89 -11.09 3.90
N ILE A 82 -4.70 -10.64 3.51
CA ILE A 82 -3.97 -9.60 4.24
C ILE A 82 -4.10 -9.76 5.76
N ARG A 83 -3.05 -10.27 6.38
CA ARG A 83 -3.04 -10.48 7.82
C ARG A 83 -2.01 -9.58 8.49
N VAL A 84 -2.50 -8.58 9.22
CA VAL A 84 -1.63 -7.63 9.90
C VAL A 84 -0.61 -8.35 10.78
N GLY A 85 0.49 -7.67 11.07
CA GLY A 85 1.53 -8.26 11.90
C GLY A 85 2.70 -8.75 11.08
N SER A 86 2.50 -8.89 9.77
CA SER A 86 3.55 -9.36 8.88
C SER A 86 4.59 -8.27 8.63
N GLU A 87 5.44 -8.50 7.63
CA GLU A 87 6.49 -7.55 7.28
C GLU A 87 6.79 -7.62 5.78
N VAL A 88 6.94 -6.47 5.15
CA VAL A 88 7.22 -6.41 3.72
C VAL A 88 8.21 -5.30 3.37
N GLU A 89 8.59 -5.24 2.10
CA GLU A 89 9.54 -4.24 1.62
C GLU A 89 8.94 -3.48 0.44
N ILE A 90 9.52 -2.32 0.12
CA ILE A 90 9.03 -1.50 -0.99
C ILE A 90 10.20 -0.96 -1.81
N VAL A 91 10.02 -0.93 -3.13
CA VAL A 91 11.04 -0.43 -4.03
C VAL A 91 10.43 0.09 -5.33
N ASP A 92 10.63 1.37 -5.60
CA ASP A 92 10.09 1.99 -6.81
C ASP A 92 10.81 1.48 -8.05
N ARG A 93 10.17 1.61 -9.21
CA ARG A 93 10.75 1.16 -10.47
C ARG A 93 9.95 1.67 -11.66
N ASP A 94 10.66 2.02 -12.74
CA ASP A 94 10.02 2.52 -13.96
C ASP A 94 9.40 3.90 -13.72
N GLY A 95 8.31 3.94 -12.95
CA GLY A 95 7.65 5.20 -12.67
C GLY A 95 6.37 5.01 -11.86
N HIS A 96 6.44 4.15 -10.86
CA HIS A 96 5.29 3.88 -10.01
C HIS A 96 5.69 3.14 -8.75
N ILE A 97 4.79 3.09 -7.76
CA ILE A 97 5.06 2.42 -6.50
C ILE A 97 4.70 0.94 -6.59
N THR A 98 5.40 0.11 -5.81
CA THR A 98 5.16 -1.33 -5.80
C THR A 98 5.71 -1.96 -4.54
N LEU A 99 4.83 -2.53 -3.72
CA LEU A 99 5.24 -3.18 -2.48
C LEU A 99 5.77 -4.58 -2.75
N SER A 100 7.09 -4.73 -2.65
CA SER A 100 7.74 -6.01 -2.90
C SER A 100 7.75 -6.87 -1.63
N HIS A 101 7.30 -8.12 -1.76
CA HIS A 101 7.25 -9.04 -0.64
C HIS A 101 7.57 -10.46 -1.11
N ASN A 102 8.25 -11.23 -0.25
CA ASN A 102 8.62 -12.61 -0.55
C ASN A 102 7.57 -13.30 -1.42
N GLY A 103 6.30 -13.03 -1.14
CA GLY A 103 5.23 -13.62 -1.90
C GLY A 103 5.26 -13.19 -3.35
N LYS A 104 4.93 -11.92 -3.59
CA LYS A 104 4.92 -11.36 -4.95
C LYS A 104 5.02 -9.84 -4.91
N ASP A 105 4.91 -9.21 -6.07
CA ASP A 105 4.98 -7.75 -6.16
C ASP A 105 3.62 -7.19 -6.55
N VAL A 106 3.20 -6.14 -5.85
CA VAL A 106 1.91 -5.51 -6.11
C VAL A 106 2.08 -4.08 -6.60
N GLU A 107 1.05 -3.56 -7.27
CA GLU A 107 1.08 -2.21 -7.80
C GLU A 107 0.70 -1.20 -6.72
N LEU A 108 -0.48 -1.36 -6.14
CA LEU A 108 -0.97 -0.47 -5.09
C LEU A 108 -1.15 0.95 -5.61
N LEU A 109 -2.09 1.68 -4.99
CA LEU A 109 -2.37 3.06 -5.39
C LEU A 109 -2.63 3.93 -4.17
N ASP A 110 -2.98 5.19 -4.40
CA ASP A 110 -3.25 6.12 -3.32
C ASP A 110 -4.39 5.63 -2.43
N ASP A 111 -5.31 4.87 -3.01
CA ASP A 111 -6.45 4.34 -2.26
C ASP A 111 -5.99 3.58 -1.02
N LEU A 112 -5.32 2.45 -1.24
CA LEU A 112 -4.83 1.64 -0.14
C LEU A 112 -3.53 2.21 0.43
N ALA A 113 -2.72 2.81 -0.43
CA ALA A 113 -1.46 3.40 -0.02
C ALA A 113 -1.62 4.88 0.36
N HIS A 114 -2.77 5.22 0.93
CA HIS A 114 -3.06 6.59 1.34
C HIS A 114 -2.43 6.90 2.69
N THR A 115 -2.78 6.10 3.70
CA THR A 115 -2.24 6.28 5.05
C THR A 115 -2.71 5.16 5.98
N ILE A 116 -2.15 3.97 5.78
CA ILE A 116 -2.50 2.83 6.61
C ILE A 116 -1.59 2.75 7.83
N ARG A 117 -1.91 1.85 8.76
CA ARG A 117 -1.13 1.69 9.98
C ARG A 117 0.00 0.69 9.81
N ILE A 118 1.20 1.21 9.57
CA ILE A 118 2.39 0.37 9.40
C ILE A 118 3.50 0.88 10.32
N GLU A 119 4.76 0.72 9.91
CA GLU A 119 5.89 1.19 10.72
C GLU A 119 6.69 2.23 9.96
N GLU A 120 7.76 2.73 10.59
CA GLU A 120 8.62 3.73 9.97
C GLU A 120 10.00 3.15 9.66
N LEU A 121 10.18 2.70 8.42
CA LEU A 121 11.45 2.12 7.96
C LEU A 121 12.65 2.74 8.69
N GLY A 1 17.59 17.07 -4.44
CA GLY A 1 18.37 16.10 -3.63
C GLY A 1 18.69 14.83 -4.39
N SER A 2 17.67 14.01 -4.60
CA SER A 2 17.82 12.74 -5.31
C SER A 2 16.54 12.35 -6.02
N HIS A 3 15.45 12.28 -5.26
CA HIS A 3 14.15 11.91 -5.81
C HIS A 3 13.44 13.13 -6.40
N MET A 4 12.41 12.87 -7.21
CA MET A 4 11.66 13.93 -7.84
C MET A 4 10.19 13.55 -7.99
N ASP A 5 9.93 12.47 -8.71
CA ASP A 5 8.56 11.99 -8.92
C ASP A 5 8.16 11.01 -7.82
N GLU A 6 7.15 11.40 -7.04
CA GLU A 6 6.66 10.56 -5.95
C GLU A 6 5.61 9.58 -6.46
N VAL A 7 5.28 8.60 -5.63
CA VAL A 7 4.28 7.60 -6.00
C VAL A 7 2.86 8.16 -5.89
N GLU A 8 2.61 8.92 -4.83
CA GLU A 8 1.30 9.52 -4.61
C GLU A 8 1.20 10.91 -5.25
N ARG A 9 2.10 11.20 -6.19
CA ARG A 9 2.12 12.49 -6.86
C ARG A 9 1.25 12.45 -8.12
N ARG A 10 1.49 11.46 -8.98
CA ARG A 10 0.74 11.30 -10.22
C ARG A 10 -0.61 10.63 -9.96
N LEU A 11 -1.61 11.00 -10.74
CA LEU A 11 -2.95 10.44 -10.61
C LEU A 11 -3.64 10.35 -11.97
N VAL A 12 -3.88 9.14 -12.43
CA VAL A 12 -4.54 8.93 -13.72
C VAL A 12 -5.93 8.30 -13.54
N LYS A 13 -6.04 7.40 -12.58
CA LYS A 13 -7.31 6.73 -12.30
C LYS A 13 -7.90 7.20 -10.97
N VAL A 14 -9.13 6.78 -10.70
CA VAL A 14 -9.82 7.17 -9.46
C VAL A 14 -9.52 6.19 -8.34
N LEU A 15 -9.45 4.90 -8.68
CA LEU A 15 -9.18 3.86 -7.69
C LEU A 15 -8.55 2.63 -8.34
N LYS A 16 -9.27 2.05 -9.30
CA LYS A 16 -8.77 0.86 -10.00
C LYS A 16 -7.73 1.24 -11.05
N ASP A 17 -6.89 0.27 -11.42
CA ASP A 17 -5.86 0.50 -12.42
C ASP A 17 -5.32 -0.83 -12.96
N VAL A 18 -5.03 -1.76 -12.04
CA VAL A 18 -4.52 -3.07 -12.41
C VAL A 18 -3.19 -2.95 -13.14
N SER A 19 -2.10 -3.31 -12.44
CA SER A 19 -0.76 -3.25 -13.01
C SER A 19 0.05 -4.48 -12.60
N ARG A 20 -0.02 -5.52 -13.41
CA ARG A 20 0.71 -6.75 -13.15
C ARG A 20 0.30 -7.36 -11.81
N SER A 21 -0.84 -8.05 -11.80
CA SER A 21 -1.35 -8.69 -10.58
C SER A 21 -1.59 -7.66 -9.48
N PRO A 22 -2.78 -7.02 -9.47
CA PRO A 22 -3.13 -6.01 -8.47
C PRO A 22 -3.39 -6.63 -7.10
N PHE A 23 -3.79 -7.89 -7.08
CA PHE A 23 -4.08 -8.60 -5.85
C PHE A 23 -3.07 -9.73 -5.62
N GLY A 24 -2.70 -9.95 -4.36
CA GLY A 24 -1.75 -11.00 -4.05
C GLY A 24 -1.16 -10.86 -2.65
N ASN A 25 0.04 -10.30 -2.57
CA ASN A 25 0.71 -10.12 -1.28
C ASN A 25 -0.16 -9.31 -0.31
N PRO A 26 0.05 -9.52 1.00
CA PRO A 26 -0.72 -8.82 2.04
C PRO A 26 -0.19 -7.42 2.33
N ILE A 27 -1.12 -6.47 2.49
CA ILE A 27 -0.81 -5.07 2.79
C ILE A 27 -1.77 -4.11 2.06
N PRO A 28 -2.29 -4.47 0.87
CA PRO A 28 -3.20 -3.61 0.12
C PRO A 28 -4.59 -3.57 0.74
N GLY A 29 -4.67 -3.05 1.95
CA GLY A 29 -5.94 -2.95 2.64
C GLY A 29 -6.85 -1.90 2.04
N LEU A 30 -7.54 -2.25 0.96
CA LEU A 30 -8.44 -1.32 0.28
C LEU A 30 -9.69 -1.08 1.14
N ASP A 31 -10.18 -2.13 1.77
CA ASP A 31 -11.37 -2.03 2.61
C ASP A 31 -10.98 -1.72 4.06
N GLU A 32 -9.70 -1.41 4.28
CA GLU A 32 -9.21 -1.08 5.61
C GLU A 32 -9.35 0.41 5.89
N LEU A 33 -8.77 0.87 7.00
CA LEU A 33 -8.83 2.27 7.38
C LEU A 33 -8.16 3.16 6.33
N GLY A 34 -8.90 3.51 5.29
CA GLY A 34 -8.38 4.35 4.23
C GLY A 34 -8.59 5.83 4.48
N VAL A 35 -8.57 6.22 5.75
CA VAL A 35 -8.76 7.62 6.12
C VAL A 35 -7.66 8.11 7.06
N GLY A 36 -6.87 9.08 6.60
CA GLY A 36 -5.79 9.61 7.40
C GLY A 36 -4.45 9.53 6.70
N ASN A 37 -3.38 9.85 7.42
CA ASN A 37 -2.03 9.83 6.86
C ASN A 37 -0.99 10.13 7.95
N SER A 38 0.28 9.85 7.63
CA SER A 38 1.36 10.11 8.57
C SER A 38 2.57 10.73 7.88
N ASP A 39 3.66 10.89 8.62
CA ASP A 39 4.88 11.48 8.07
C ASP A 39 6.12 10.74 8.58
N ALA A 40 6.14 10.41 9.87
CA ALA A 40 7.27 9.71 10.45
C ALA A 40 6.87 9.00 11.76
N ALA A 41 7.86 8.72 12.61
CA ALA A 41 7.63 8.04 13.88
C ALA A 41 7.61 6.53 13.73
N ALA A 42 7.40 5.82 14.84
CA ALA A 42 7.36 4.36 14.84
C ALA A 42 6.32 3.83 13.86
N PRO A 43 6.14 2.49 13.80
CA PRO A 43 5.16 1.86 12.90
C PRO A 43 3.84 2.62 12.82
N GLY A 44 3.70 3.43 11.77
CA GLY A 44 2.49 4.21 11.59
C GLY A 44 2.69 5.32 10.56
N THR A 45 3.37 5.00 9.48
CA THR A 45 3.64 5.96 8.41
C THR A 45 2.43 6.12 7.49
N ARG A 46 1.42 5.28 7.68
CA ARG A 46 0.21 5.33 6.86
C ARG A 46 0.54 5.09 5.38
N VAL A 47 1.63 4.37 5.13
CA VAL A 47 2.06 4.06 3.76
C VAL A 47 2.59 5.30 3.04
N ILE A 48 1.74 6.32 2.94
CA ILE A 48 2.12 7.57 2.26
C ILE A 48 3.39 8.17 2.88
N ASP A 49 4.53 7.62 2.48
CA ASP A 49 5.84 8.08 2.97
C ASP A 49 6.94 7.09 2.59
N ALA A 50 6.59 5.81 2.60
CA ALA A 50 7.54 4.75 2.25
C ALA A 50 8.21 5.02 0.90
N ALA A 51 7.53 5.79 0.04
CA ALA A 51 8.07 6.11 -1.28
C ALA A 51 8.71 7.49 -1.29
N THR A 52 9.30 7.88 -0.16
CA THR A 52 9.94 9.20 -0.05
C THR A 52 10.72 9.31 1.26
N SER A 53 11.27 8.20 1.74
CA SER A 53 12.04 8.19 2.98
C SER A 53 13.07 7.05 2.98
N MET A 54 13.63 6.76 1.80
CA MET A 54 14.63 5.70 1.66
C MET A 54 14.02 4.33 1.95
N PRO A 55 13.24 3.80 0.99
CA PRO A 55 12.59 2.49 1.13
C PRO A 55 13.58 1.35 1.26
N ARG A 56 13.16 0.28 1.93
CA ARG A 56 13.99 -0.90 2.14
C ARG A 56 13.18 -2.06 2.71
N LYS A 57 12.36 -1.75 3.72
CA LYS A 57 11.51 -2.76 4.35
C LYS A 57 10.51 -2.09 5.29
N VAL A 58 9.22 -2.39 5.08
CA VAL A 58 8.17 -1.82 5.90
C VAL A 58 7.52 -2.87 6.80
N ARG A 59 7.54 -2.63 8.11
CA ARG A 59 6.96 -3.55 9.08
C ARG A 59 5.47 -3.30 9.23
N ILE A 60 4.66 -4.16 8.60
CA ILE A 60 3.20 -4.02 8.68
C ILE A 60 2.68 -4.58 10.00
N VAL A 61 2.00 -3.74 10.77
CA VAL A 61 1.46 -4.14 12.06
C VAL A 61 0.11 -3.48 12.33
N GLN A 62 -0.96 -4.10 11.82
CA GLN A 62 -2.33 -3.60 11.99
C GLN A 62 -2.84 -2.94 10.70
N ILE A 63 -4.14 -3.06 10.47
CA ILE A 63 -4.76 -2.48 9.28
C ILE A 63 -6.21 -2.09 9.55
N ASN A 64 -7.05 -3.09 9.80
CA ASN A 64 -8.46 -2.84 10.08
C ASN A 64 -9.18 -4.15 10.38
N GLU A 65 -10.51 -4.11 10.42
CA GLU A 65 -11.31 -5.31 10.70
C GLU A 65 -12.34 -5.56 9.60
N ILE A 66 -13.42 -4.79 9.60
CA ILE A 66 -14.47 -4.93 8.61
C ILE A 66 -15.19 -3.60 8.37
N PHE A 67 -16.24 -3.64 7.55
CA PHE A 67 -17.01 -2.44 7.23
C PHE A 67 -18.35 -2.82 6.60
N GLN A 68 -18.29 -3.58 5.52
CA GLN A 68 -19.50 -4.01 4.82
C GLN A 68 -19.19 -5.17 3.88
N VAL A 69 -18.39 -4.90 2.85
CA VAL A 69 -18.01 -5.90 1.87
C VAL A 69 -19.20 -6.25 0.97
N GLU A 70 -19.13 -5.78 -0.27
CA GLU A 70 -20.19 -6.03 -1.25
C GLU A 70 -19.66 -5.90 -2.68
N THR A 71 -18.62 -6.67 -2.99
CA THR A 71 -18.02 -6.64 -4.32
C THR A 71 -17.18 -7.89 -4.56
N ASP A 72 -17.41 -8.54 -5.70
CA ASP A 72 -16.68 -9.75 -6.05
C ASP A 72 -15.24 -9.43 -6.46
N GLN A 73 -15.00 -8.19 -6.88
CA GLN A 73 -13.67 -7.76 -7.31
C GLN A 73 -12.66 -7.89 -6.16
N PHE A 74 -13.13 -7.70 -4.93
CA PHE A 74 -12.27 -7.79 -3.76
C PHE A 74 -11.95 -9.24 -3.41
N THR A 75 -12.72 -10.18 -3.97
CA THR A 75 -12.52 -11.60 -3.71
C THR A 75 -11.07 -11.99 -3.99
N GLN A 76 -10.53 -11.50 -5.10
CA GLN A 76 -9.16 -11.78 -5.48
C GLN A 76 -8.18 -11.08 -4.55
N LEU A 77 -8.57 -9.89 -4.08
CA LEU A 77 -7.73 -9.11 -3.17
C LEU A 77 -7.73 -9.71 -1.77
N LEU A 78 -8.80 -10.44 -1.45
CA LEU A 78 -8.93 -11.07 -0.14
C LEU A 78 -8.21 -12.43 -0.09
N ASP A 79 -7.64 -12.84 -1.22
CA ASP A 79 -6.94 -14.11 -1.30
C ASP A 79 -5.95 -14.26 -0.14
N ALA A 80 -5.13 -13.24 0.07
CA ALA A 80 -4.14 -13.26 1.15
C ALA A 80 -4.77 -12.84 2.47
N ASP A 81 -5.88 -12.09 2.39
CA ASP A 81 -6.58 -11.62 3.57
C ASP A 81 -5.73 -10.63 4.37
N ILE A 82 -4.69 -10.09 3.74
CA ILE A 82 -3.80 -9.14 4.38
C ILE A 82 -3.54 -9.47 5.84
N ARG A 83 -2.39 -10.09 6.11
CA ARG A 83 -2.03 -10.48 7.48
C ARG A 83 -1.05 -9.48 8.08
N VAL A 84 -1.32 -9.09 9.32
CA VAL A 84 -0.47 -8.14 10.04
C VAL A 84 0.83 -8.82 10.49
N GLY A 85 1.92 -8.08 10.41
CA GLY A 85 3.21 -8.62 10.82
C GLY A 85 4.10 -8.99 9.64
N SER A 86 3.55 -8.95 8.43
CA SER A 86 4.30 -9.29 7.23
C SER A 86 5.35 -8.21 6.94
N GLU A 87 6.17 -8.47 5.92
CA GLU A 87 7.21 -7.53 5.51
C GLU A 87 7.20 -7.31 4.01
N VAL A 88 6.83 -6.11 3.59
CA VAL A 88 6.77 -5.77 2.17
C VAL A 88 7.67 -4.58 1.84
N GLU A 89 7.73 -4.24 0.55
CA GLU A 89 8.56 -3.14 0.09
C GLU A 89 7.85 -2.37 -1.02
N ILE A 90 8.29 -1.13 -1.26
CA ILE A 90 7.68 -0.31 -2.30
C ILE A 90 8.75 0.38 -3.14
N VAL A 91 8.38 0.73 -4.37
CA VAL A 91 9.29 1.40 -5.28
C VAL A 91 8.53 2.18 -6.36
N ASP A 92 8.92 3.43 -6.58
CA ASP A 92 8.28 4.28 -7.57
C ASP A 92 8.75 3.92 -8.97
N ARG A 93 7.84 4.03 -9.94
CA ARG A 93 8.16 3.72 -11.33
C ARG A 93 7.22 4.43 -12.29
N ASP A 94 7.76 5.31 -13.11
CA ASP A 94 6.96 6.06 -14.09
C ASP A 94 5.76 6.74 -13.42
N GLY A 95 5.99 7.29 -12.23
CA GLY A 95 4.93 7.96 -11.51
C GLY A 95 3.78 7.02 -11.17
N HIS A 96 4.08 6.01 -10.37
CA HIS A 96 3.08 5.03 -9.96
C HIS A 96 3.53 4.31 -8.68
N ILE A 97 2.57 3.74 -7.96
CA ILE A 97 2.86 3.02 -6.73
C ILE A 97 2.73 1.51 -6.93
N THR A 98 3.63 0.76 -6.30
CA THR A 98 3.62 -0.71 -6.40
C THR A 98 4.38 -1.33 -5.24
N LEU A 99 3.65 -2.01 -4.35
CA LEU A 99 4.26 -2.67 -3.20
C LEU A 99 4.86 -4.01 -3.60
N SER A 100 6.17 -4.03 -3.83
CA SER A 100 6.86 -5.25 -4.22
C SER A 100 7.09 -6.16 -3.02
N HIS A 101 6.38 -7.28 -3.00
CA HIS A 101 6.50 -8.24 -1.90
C HIS A 101 7.24 -9.49 -2.37
N ASN A 102 7.99 -10.11 -1.47
CA ASN A 102 8.77 -11.32 -1.78
C ASN A 102 7.95 -12.27 -2.65
N GLY A 103 6.65 -12.31 -2.42
CA GLY A 103 5.78 -13.18 -3.19
C GLY A 103 5.50 -12.63 -4.58
N LYS A 104 4.94 -11.42 -4.64
CA LYS A 104 4.61 -10.79 -5.91
C LYS A 104 4.44 -9.28 -5.73
N ASP A 105 4.04 -8.60 -6.81
CA ASP A 105 3.84 -7.16 -6.77
C ASP A 105 2.35 -6.83 -6.89
N VAL A 106 1.94 -5.73 -6.27
CA VAL A 106 0.55 -5.30 -6.29
C VAL A 106 0.40 -3.95 -6.99
N GLU A 107 -0.84 -3.51 -7.16
CA GLU A 107 -1.13 -2.24 -7.81
C GLU A 107 -1.18 -1.10 -6.79
N LEU A 108 -2.18 -1.14 -5.92
CA LEU A 108 -2.35 -0.11 -4.88
C LEU A 108 -2.55 1.27 -5.50
N LEU A 109 -3.19 2.16 -4.74
CA LEU A 109 -3.45 3.52 -5.21
C LEU A 109 -3.36 4.51 -4.05
N ASP A 110 -3.66 5.78 -4.32
CA ASP A 110 -3.62 6.82 -3.30
C ASP A 110 -4.66 6.56 -2.22
N ASP A 111 -5.76 5.90 -2.60
CA ASP A 111 -6.83 5.59 -1.65
C ASP A 111 -6.53 4.29 -0.91
N LEU A 112 -6.11 3.27 -1.65
CA LEU A 112 -5.79 1.97 -1.07
C LEU A 112 -4.75 2.11 0.04
N ALA A 113 -3.53 2.44 -0.35
CA ALA A 113 -2.43 2.61 0.60
C ALA A 113 -2.35 4.06 1.06
N HIS A 114 -3.48 4.62 1.48
CA HIS A 114 -3.54 6.00 1.95
C HIS A 114 -3.16 6.09 3.42
N THR A 115 -3.60 5.12 4.22
CA THR A 115 -3.30 5.14 5.66
C THR A 115 -3.37 3.73 6.25
N ILE A 116 -2.23 3.04 6.24
CA ILE A 116 -2.14 1.70 6.81
C ILE A 116 -1.13 1.68 7.95
N ARG A 117 -1.19 0.66 8.80
CA ARG A 117 -0.27 0.57 9.94
C ARG A 117 1.01 -0.18 9.55
N ILE A 118 2.00 0.58 9.08
CA ILE A 118 3.29 0.02 8.68
C ILE A 118 4.42 0.91 9.18
N GLU A 119 5.66 0.47 8.96
CA GLU A 119 6.82 1.23 9.39
C GLU A 119 7.28 2.19 8.30
N GLU A 120 8.08 3.19 8.67
CA GLU A 120 8.58 4.17 7.71
C GLU A 120 9.89 3.70 7.10
N LEU A 121 9.88 2.52 6.50
CA LEU A 121 11.06 1.95 5.87
C LEU A 121 12.20 1.78 6.88
N GLY A 1 14.86 22.90 -8.39
CA GLY A 1 14.78 21.50 -7.88
C GLY A 1 14.71 20.49 -9.00
N SER A 2 15.14 19.27 -8.72
CA SER A 2 15.13 18.20 -9.71
C SER A 2 14.99 16.83 -9.03
N HIS A 3 13.78 16.28 -9.04
CA HIS A 3 13.52 14.98 -8.44
C HIS A 3 13.64 13.86 -9.47
N MET A 4 13.54 12.62 -9.01
CA MET A 4 13.64 11.46 -9.90
C MET A 4 12.86 10.28 -9.34
N ASP A 5 13.18 9.88 -8.10
CA ASP A 5 12.50 8.77 -7.45
C ASP A 5 11.28 9.25 -6.67
N GLU A 6 10.34 9.85 -7.38
CA GLU A 6 9.12 10.36 -6.75
C GLU A 6 8.03 9.30 -6.76
N VAL A 7 7.74 8.74 -5.58
CA VAL A 7 6.72 7.71 -5.45
C VAL A 7 5.34 8.33 -5.21
N GLU A 8 5.28 9.29 -4.29
CA GLU A 8 4.03 9.95 -3.96
C GLU A 8 3.82 11.19 -4.83
N ARG A 9 3.99 11.02 -6.15
CA ARG A 9 3.83 12.12 -7.09
C ARG A 9 2.39 12.20 -7.59
N ARG A 10 1.79 11.05 -7.86
CA ARG A 10 0.42 10.99 -8.35
C ARG A 10 -0.58 11.00 -7.18
N LEU A 11 -1.71 11.67 -7.39
CA LEU A 11 -2.74 11.76 -6.37
C LEU A 11 -4.13 11.76 -6.99
N VAL A 12 -4.88 10.68 -6.74
CA VAL A 12 -6.24 10.56 -7.28
C VAL A 12 -7.12 9.73 -6.36
N LYS A 13 -8.42 9.73 -6.63
CA LYS A 13 -9.38 8.97 -5.83
C LYS A 13 -10.34 8.20 -6.72
N VAL A 14 -10.07 6.90 -6.88
CA VAL A 14 -10.92 6.04 -7.71
C VAL A 14 -11.03 4.64 -7.12
N LEU A 15 -9.89 4.10 -6.68
CA LEU A 15 -9.84 2.76 -6.09
C LEU A 15 -10.19 1.70 -7.13
N LYS A 16 -9.60 1.82 -8.31
CA LYS A 16 -9.84 0.86 -9.39
C LYS A 16 -8.72 -0.16 -9.49
N ASP A 17 -7.47 0.32 -9.43
CA ASP A 17 -6.30 -0.54 -9.51
C ASP A 17 -6.25 -1.29 -10.84
N VAL A 18 -5.04 -1.54 -11.33
CA VAL A 18 -4.85 -2.25 -12.59
C VAL A 18 -3.40 -2.66 -12.77
N SER A 19 -3.18 -3.96 -13.00
CA SER A 19 -1.83 -4.49 -13.20
C SER A 19 -1.88 -5.94 -13.68
N ARG A 20 -0.79 -6.37 -14.33
CA ARG A 20 -0.71 -7.73 -14.85
C ARG A 20 -0.22 -8.70 -13.77
N SER A 21 -1.14 -9.16 -12.93
CA SER A 21 -0.80 -10.09 -11.85
C SER A 21 -2.05 -10.72 -11.26
N PRO A 22 -1.89 -11.77 -10.45
CA PRO A 22 -3.02 -12.47 -9.81
C PRO A 22 -3.53 -11.74 -8.57
N PHE A 23 -2.70 -10.87 -8.00
CA PHE A 23 -3.07 -10.12 -6.80
C PHE A 23 -3.32 -11.05 -5.62
N GLY A 24 -2.42 -10.99 -4.64
CA GLY A 24 -2.56 -11.84 -3.46
C GLY A 24 -1.65 -11.42 -2.32
N ASN A 25 -1.25 -12.38 -1.50
CA ASN A 25 -0.36 -12.15 -0.36
C ASN A 25 -0.92 -11.04 0.56
N PRO A 26 -0.47 -11.01 1.82
CA PRO A 26 -0.91 -10.02 2.80
C PRO A 26 -0.21 -8.67 2.60
N ILE A 27 -0.99 -7.58 2.70
CA ILE A 27 -0.44 -6.23 2.54
C ILE A 27 -1.51 -5.18 2.21
N PRO A 28 -2.60 -5.54 1.50
CA PRO A 28 -3.63 -4.56 1.14
C PRO A 28 -4.34 -3.98 2.36
N GLY A 29 -4.21 -2.67 2.49
CA GLY A 29 -4.85 -1.96 3.59
C GLY A 29 -6.23 -1.45 3.23
N LEU A 30 -6.42 -1.10 1.96
CA LEU A 30 -7.70 -0.58 1.47
C LEU A 30 -8.89 -1.26 2.13
N ASP A 31 -8.76 -2.56 2.38
CA ASP A 31 -9.84 -3.33 3.01
C ASP A 31 -10.16 -2.81 4.40
N GLU A 32 -9.12 -2.64 5.22
CA GLU A 32 -9.31 -2.14 6.58
C GLU A 32 -9.18 -0.62 6.64
N LEU A 33 -8.53 -0.03 5.64
CA LEU A 33 -8.34 1.43 5.57
C LEU A 33 -9.47 2.19 6.25
N GLY A 34 -9.24 2.55 7.51
CA GLY A 34 -10.24 3.28 8.28
C GLY A 34 -10.07 4.78 8.14
N VAL A 35 -9.33 5.38 9.07
CA VAL A 35 -9.11 6.83 9.05
C VAL A 35 -7.71 7.16 9.57
N GLY A 36 -6.72 6.38 9.15
CA GLY A 36 -5.35 6.63 9.57
C GLY A 36 -4.74 7.85 8.91
N ASN A 37 -3.43 7.82 8.69
CA ASN A 37 -2.74 8.94 8.06
C ASN A 37 -1.23 8.68 7.94
N SER A 38 -0.52 9.62 7.34
CA SER A 38 0.92 9.49 7.16
C SER A 38 1.57 10.87 6.98
N ASP A 39 2.86 10.88 6.68
CA ASP A 39 3.60 12.13 6.48
C ASP A 39 3.64 12.96 7.76
N ALA A 40 4.47 12.51 8.71
CA ALA A 40 4.60 13.21 9.98
C ALA A 40 5.75 12.63 10.81
N ALA A 41 5.56 11.41 11.30
CA ALA A 41 6.57 10.72 12.08
C ALA A 41 6.89 9.35 11.50
N ALA A 42 5.88 8.49 11.49
CA ALA A 42 6.02 7.14 10.94
C ALA A 42 4.68 6.40 10.96
N PRO A 43 4.12 6.17 12.15
CA PRO A 43 2.84 5.48 12.32
C PRO A 43 1.86 5.77 11.19
N GLY A 44 1.79 4.86 10.22
CA GLY A 44 0.89 5.05 9.09
C GLY A 44 1.57 5.64 7.88
N THR A 45 1.68 4.84 6.81
CA THR A 45 2.31 5.30 5.57
C THR A 45 2.43 4.19 4.52
N ARG A 46 1.32 3.90 3.83
CA ARG A 46 1.32 2.89 2.78
C ARG A 46 1.93 3.48 1.52
N VAL A 47 3.23 3.31 1.35
CA VAL A 47 3.94 3.85 0.20
C VAL A 47 3.59 5.33 -0.01
N ILE A 48 3.10 5.97 1.05
CA ILE A 48 2.74 7.38 1.00
C ILE A 48 3.77 8.22 1.76
N ASP A 49 4.88 7.58 2.12
CA ASP A 49 5.96 8.25 2.86
C ASP A 49 7.07 7.24 3.17
N ALA A 50 6.69 5.99 3.44
CA ALA A 50 7.65 4.95 3.76
C ALA A 50 8.15 4.25 2.49
N ALA A 51 8.45 5.05 1.46
CA ALA A 51 8.93 4.51 0.19
C ALA A 51 10.02 5.39 -0.40
N THR A 52 10.82 6.00 0.47
CA THR A 52 11.91 6.87 0.05
C THR A 52 12.97 7.00 1.13
N SER A 53 12.52 7.13 2.38
CA SER A 53 13.44 7.27 3.50
C SER A 53 14.07 5.93 3.89
N MET A 54 15.15 5.58 3.20
CA MET A 54 15.86 4.32 3.46
C MET A 54 14.94 3.11 3.32
N PRO A 55 14.38 2.90 2.11
CA PRO A 55 13.49 1.77 1.84
C PRO A 55 14.17 0.42 2.01
N ARG A 56 13.60 -0.44 2.85
CA ARG A 56 14.15 -1.77 3.10
C ARG A 56 13.08 -2.72 3.61
N LYS A 57 12.31 -2.26 4.59
CA LYS A 57 11.24 -3.06 5.17
C LYS A 57 10.24 -2.17 5.89
N VAL A 58 8.98 -2.58 5.90
CA VAL A 58 7.92 -1.80 6.55
C VAL A 58 7.02 -2.67 7.43
N ARG A 59 6.80 -2.23 8.66
CA ARG A 59 5.96 -2.94 9.60
C ARG A 59 4.48 -2.64 9.36
N ILE A 60 3.75 -3.63 8.86
CA ILE A 60 2.34 -3.45 8.59
C ILE A 60 1.48 -3.67 9.83
N VAL A 61 0.55 -2.75 10.07
CA VAL A 61 -0.33 -2.84 11.23
C VAL A 61 -1.76 -2.44 10.85
N GLN A 62 -2.21 -2.91 9.68
CA GLN A 62 -3.55 -2.62 9.18
C GLN A 62 -3.95 -1.17 9.46
N ILE A 63 -4.90 -0.96 10.38
CA ILE A 63 -5.36 0.38 10.74
C ILE A 63 -6.29 0.32 11.94
N ASN A 64 -7.45 -0.33 11.76
CA ASN A 64 -8.43 -0.46 12.83
C ASN A 64 -9.02 -1.88 12.85
N GLU A 65 -9.69 -2.24 11.75
CA GLU A 65 -10.29 -3.57 11.64
C GLU A 65 -10.82 -3.81 10.23
N ILE A 66 -11.96 -3.20 9.91
CA ILE A 66 -12.57 -3.35 8.60
C ILE A 66 -13.35 -2.10 8.21
N PHE A 67 -14.02 -2.16 7.05
CA PHE A 67 -14.80 -1.03 6.56
C PHE A 67 -15.76 -1.47 5.46
N GLN A 68 -15.20 -1.92 4.34
CA GLN A 68 -16.00 -2.37 3.21
C GLN A 68 -15.73 -3.85 2.92
N VAL A 69 -14.67 -4.12 2.17
CA VAL A 69 -14.28 -5.48 1.81
C VAL A 69 -15.29 -6.12 0.84
N GLU A 70 -16.16 -5.30 0.26
CA GLU A 70 -17.16 -5.79 -0.68
C GLU A 70 -16.80 -5.40 -2.11
N THR A 71 -16.13 -6.31 -2.82
CA THR A 71 -15.73 -6.06 -4.20
C THR A 71 -15.27 -7.36 -4.87
N ASP A 72 -16.02 -7.79 -5.89
CA ASP A 72 -15.69 -9.00 -6.62
C ASP A 72 -14.35 -8.87 -7.35
N GLN A 73 -14.13 -7.71 -7.96
CA GLN A 73 -12.90 -7.45 -8.69
C GLN A 73 -11.69 -7.52 -7.75
N PHE A 74 -11.88 -7.10 -6.50
CA PHE A 74 -10.82 -7.12 -5.52
C PHE A 74 -10.78 -8.44 -4.76
N THR A 75 -11.62 -9.39 -5.17
CA THR A 75 -11.68 -10.70 -4.52
C THR A 75 -10.31 -11.37 -4.54
N GLN A 76 -9.48 -11.02 -5.53
CA GLN A 76 -8.15 -11.60 -5.66
C GLN A 76 -7.29 -11.20 -4.45
N LEU A 77 -7.48 -9.98 -3.97
CA LEU A 77 -6.73 -9.48 -2.82
C LEU A 77 -7.23 -10.13 -1.52
N LEU A 78 -8.53 -10.42 -1.48
CA LEU A 78 -9.14 -11.04 -0.31
C LEU A 78 -8.85 -12.54 -0.28
N ASP A 79 -8.67 -13.13 -1.45
CA ASP A 79 -8.37 -14.56 -1.56
C ASP A 79 -7.16 -14.93 -0.71
N ALA A 80 -6.20 -14.01 -0.62
CA ALA A 80 -4.99 -14.24 0.16
C ALA A 80 -5.25 -14.07 1.65
N ASP A 81 -6.41 -13.48 1.99
CA ASP A 81 -6.81 -13.26 3.38
C ASP A 81 -6.12 -12.02 3.96
N ILE A 82 -4.81 -11.90 3.76
CA ILE A 82 -4.02 -10.78 4.25
C ILE A 82 -4.22 -10.59 5.76
N ARG A 83 -3.11 -10.56 6.49
CA ARG A 83 -3.15 -10.40 7.95
C ARG A 83 -2.41 -9.14 8.37
N VAL A 84 -2.48 -8.84 9.67
CA VAL A 84 -1.81 -7.66 10.22
C VAL A 84 -0.50 -8.05 10.91
N GLY A 85 0.48 -7.15 10.86
CA GLY A 85 1.75 -7.42 11.49
C GLY A 85 2.74 -8.08 10.55
N SER A 86 2.37 -8.20 9.27
CA SER A 86 3.22 -8.82 8.28
C SER A 86 4.48 -7.98 8.03
N GLU A 87 5.21 -8.34 6.99
CA GLU A 87 6.44 -7.62 6.62
C GLU A 87 6.51 -7.42 5.12
N VAL A 88 6.10 -6.24 4.66
CA VAL A 88 6.11 -5.92 3.24
C VAL A 88 7.16 -4.86 2.92
N GLU A 89 7.23 -4.48 1.64
CA GLU A 89 8.20 -3.48 1.20
C GLU A 89 7.65 -2.68 0.03
N ILE A 90 8.43 -1.70 -0.44
CA ILE A 90 8.02 -0.85 -1.55
C ILE A 90 9.16 -0.65 -2.54
N VAL A 91 8.84 -0.09 -3.70
CA VAL A 91 9.84 0.18 -4.73
C VAL A 91 9.47 1.39 -5.56
N ASP A 92 10.07 2.53 -5.23
CA ASP A 92 9.80 3.77 -5.95
C ASP A 92 10.41 3.74 -7.35
N ARG A 93 9.59 3.43 -8.35
CA ARG A 93 10.04 3.36 -9.73
C ARG A 93 10.36 4.75 -10.27
N ASP A 94 10.74 4.82 -11.54
CA ASP A 94 11.08 6.09 -12.17
C ASP A 94 9.88 7.05 -12.15
N GLY A 95 8.68 6.49 -12.12
CA GLY A 95 7.47 7.29 -12.10
C GLY A 95 6.21 6.46 -11.94
N HIS A 96 6.22 5.56 -10.97
CA HIS A 96 5.08 4.70 -10.71
C HIS A 96 5.12 4.15 -9.28
N ILE A 97 3.96 4.09 -8.65
CA ILE A 97 3.85 3.59 -7.29
C ILE A 97 3.41 2.13 -7.27
N THR A 98 4.13 1.30 -6.52
CA THR A 98 3.81 -0.12 -6.42
C THR A 98 4.41 -0.75 -5.16
N LEU A 99 3.72 -1.72 -4.59
CA LEU A 99 4.18 -2.40 -3.40
C LEU A 99 4.89 -3.70 -3.75
N SER A 100 5.54 -4.31 -2.77
CA SER A 100 6.26 -5.55 -2.99
C SER A 100 6.27 -6.42 -1.73
N HIS A 101 6.03 -7.72 -1.91
CA HIS A 101 6.00 -8.65 -0.79
C HIS A 101 6.37 -10.06 -1.25
N ASN A 102 6.84 -10.88 -0.31
CA ASN A 102 7.23 -12.25 -0.61
C ASN A 102 6.13 -12.99 -1.37
N GLY A 103 6.27 -13.04 -2.69
CA GLY A 103 5.28 -13.70 -3.52
C GLY A 103 5.04 -12.97 -4.82
N LYS A 104 4.50 -11.76 -4.73
CA LYS A 104 4.20 -10.95 -5.90
C LYS A 104 4.07 -9.48 -5.54
N ASP A 105 3.95 -8.63 -6.56
CA ASP A 105 3.81 -7.19 -6.35
C ASP A 105 2.42 -6.72 -6.74
N VAL A 106 1.96 -5.63 -6.13
CA VAL A 106 0.64 -5.08 -6.41
C VAL A 106 0.74 -3.62 -6.83
N GLU A 107 -0.32 -3.11 -7.47
CA GLU A 107 -0.35 -1.72 -7.92
C GLU A 107 -0.69 -0.78 -6.77
N LEU A 108 -1.89 -0.94 -6.21
CA LEU A 108 -2.35 -0.11 -5.10
C LEU A 108 -2.23 1.38 -5.43
N LEU A 109 -3.32 1.95 -5.94
CA LEU A 109 -3.35 3.37 -6.29
C LEU A 109 -3.20 4.24 -5.05
N ASP A 110 -3.52 5.53 -5.19
CA ASP A 110 -3.42 6.47 -4.08
C ASP A 110 -4.47 6.19 -3.01
N ASP A 111 -5.65 5.73 -3.44
CA ASP A 111 -6.74 5.43 -2.51
C ASP A 111 -6.24 4.53 -1.38
N LEU A 112 -5.68 3.38 -1.75
CA LEU A 112 -5.16 2.44 -0.78
C LEU A 112 -3.91 3.00 -0.10
N ALA A 113 -3.07 3.68 -0.89
CA ALA A 113 -1.85 4.27 -0.38
C ALA A 113 -2.08 5.71 0.08
N HIS A 114 -3.27 5.98 0.62
CA HIS A 114 -3.61 7.32 1.09
C HIS A 114 -3.26 7.50 2.56
N THR A 115 -3.83 6.67 3.41
CA THR A 115 -3.60 6.76 4.85
C THR A 115 -3.68 5.39 5.53
N ILE A 116 -2.70 4.53 5.28
CA ILE A 116 -2.68 3.20 5.87
C ILE A 116 -1.78 3.15 7.09
N ARG A 117 -1.90 2.07 7.88
CA ARG A 117 -1.09 1.92 9.10
C ARG A 117 0.10 0.97 8.90
N ILE A 118 1.28 1.55 8.72
CA ILE A 118 2.52 0.82 8.54
C ILE A 118 3.66 1.64 9.15
N GLU A 119 4.86 1.06 9.24
CA GLU A 119 6.00 1.78 9.81
C GLU A 119 6.74 2.56 8.73
N GLU A 120 7.63 3.45 9.15
CA GLU A 120 8.40 4.27 8.22
C GLU A 120 9.70 3.57 7.81
N LEU A 121 9.60 2.65 6.85
CA LEU A 121 10.76 1.91 6.36
C LEU A 121 11.60 1.37 7.52
N GLY A 1 14.98 14.58 -18.55
CA GLY A 1 15.69 14.04 -17.36
C GLY A 1 14.73 13.56 -16.28
N SER A 2 14.63 14.33 -15.20
CA SER A 2 13.73 13.98 -14.09
C SER A 2 12.32 14.49 -14.36
N HIS A 3 11.36 13.95 -13.61
CA HIS A 3 9.96 14.35 -13.75
C HIS A 3 9.18 14.08 -12.46
N MET A 4 9.36 12.88 -11.90
CA MET A 4 8.68 12.50 -10.67
C MET A 4 9.61 11.72 -9.75
N ASP A 5 9.97 12.34 -8.62
CA ASP A 5 10.85 11.70 -7.66
C ASP A 5 10.06 10.85 -6.67
N GLU A 6 9.03 11.43 -6.08
CA GLU A 6 8.18 10.73 -5.12
C GLU A 6 7.22 9.79 -5.83
N VAL A 7 7.02 8.60 -5.26
CA VAL A 7 6.12 7.61 -5.84
C VAL A 7 4.68 8.10 -5.83
N GLU A 8 4.22 8.58 -4.68
CA GLU A 8 2.86 9.09 -4.54
C GLU A 8 2.79 10.59 -4.86
N ARG A 9 3.31 10.96 -6.02
CA ARG A 9 3.30 12.36 -6.45
C ARG A 9 2.04 12.69 -7.23
N ARG A 10 1.57 11.74 -8.04
CA ARG A 10 0.38 11.93 -8.84
C ARG A 10 -0.88 11.63 -8.02
N LEU A 11 -1.92 12.44 -8.21
CA LEU A 11 -3.17 12.26 -7.50
C LEU A 11 -4.28 11.83 -8.45
N VAL A 12 -5.25 11.09 -7.93
CA VAL A 12 -6.38 10.61 -8.74
C VAL A 12 -7.60 10.35 -7.87
N LYS A 13 -8.78 10.58 -8.43
CA LYS A 13 -10.03 10.36 -7.71
C LYS A 13 -10.50 8.91 -7.85
N VAL A 14 -10.52 8.41 -9.08
CA VAL A 14 -10.94 7.05 -9.35
C VAL A 14 -9.96 6.04 -8.76
N LEU A 15 -10.32 4.77 -8.83
CA LEU A 15 -9.47 3.70 -8.30
C LEU A 15 -9.40 2.53 -9.27
N LYS A 16 -8.40 2.54 -10.15
CA LYS A 16 -8.22 1.48 -11.13
C LYS A 16 -6.78 0.98 -11.13
N ASP A 17 -6.61 -0.33 -10.92
CA ASP A 17 -5.29 -0.94 -10.89
C ASP A 17 -4.77 -1.19 -12.30
N VAL A 18 -3.47 -1.43 -12.42
CA VAL A 18 -2.85 -1.69 -13.71
C VAL A 18 -3.27 -3.04 -14.27
N SER A 19 -3.09 -3.22 -15.57
CA SER A 19 -3.45 -4.47 -16.23
C SER A 19 -2.34 -5.51 -16.08
N ARG A 20 -2.23 -6.07 -14.87
CA ARG A 20 -1.21 -7.08 -14.59
C ARG A 20 -1.63 -7.97 -13.44
N SER A 21 -2.03 -7.35 -12.33
CA SER A 21 -2.47 -8.09 -11.15
C SER A 21 -3.62 -7.38 -10.45
N PRO A 22 -4.84 -7.92 -10.54
CA PRO A 22 -6.02 -7.32 -9.91
C PRO A 22 -5.84 -7.07 -8.41
N PHE A 23 -5.02 -7.91 -7.78
CA PHE A 23 -4.74 -7.78 -6.35
C PHE A 23 -3.24 -7.69 -6.09
N GLY A 24 -2.88 -7.36 -4.86
CA GLY A 24 -1.47 -7.25 -4.49
C GLY A 24 -0.92 -8.55 -3.93
N ASN A 25 -0.18 -8.44 -2.84
CA ASN A 25 0.41 -9.62 -2.20
C ASN A 25 -0.02 -9.75 -0.74
N PRO A 26 0.32 -8.75 0.09
CA PRO A 26 0.00 -8.74 1.51
C PRO A 26 -1.42 -8.20 1.77
N ILE A 27 -2.41 -8.83 1.13
CA ILE A 27 -3.81 -8.44 1.28
C ILE A 27 -3.97 -6.92 1.39
N PRO A 28 -3.69 -6.20 0.29
CA PRO A 28 -3.80 -4.74 0.23
C PRO A 28 -5.15 -4.24 0.74
N GLY A 29 -5.11 -3.15 1.52
CA GLY A 29 -6.32 -2.58 2.06
C GLY A 29 -6.94 -1.53 1.18
N LEU A 30 -7.64 -1.96 0.13
CA LEU A 30 -8.28 -1.04 -0.79
C LEU A 30 -9.56 -0.47 -0.17
N ASP A 31 -10.36 -1.35 0.41
CA ASP A 31 -11.60 -0.96 1.06
C ASP A 31 -11.38 -0.64 2.54
N GLU A 32 -10.13 -0.68 2.97
CA GLU A 32 -9.78 -0.41 4.36
C GLU A 32 -10.23 1.00 4.77
N LEU A 33 -9.76 1.45 5.93
CA LEU A 33 -10.10 2.78 6.44
C LEU A 33 -9.25 3.85 5.76
N GLY A 34 -9.36 3.93 4.43
CA GLY A 34 -8.60 4.93 3.70
C GLY A 34 -9.19 6.32 3.80
N VAL A 35 -8.68 7.12 4.73
CA VAL A 35 -9.15 8.48 4.93
C VAL A 35 -8.03 9.40 5.38
N GLY A 36 -7.42 9.07 6.52
CA GLY A 36 -6.33 9.88 7.04
C GLY A 36 -4.98 9.39 6.60
N ASN A 37 -3.92 10.06 7.06
CA ASN A 37 -2.55 9.68 6.70
C ASN A 37 -1.58 10.06 7.81
N SER A 38 -0.34 9.58 7.70
CA SER A 38 0.69 9.87 8.70
C SER A 38 1.88 10.56 8.05
N ASP A 39 2.55 11.41 8.82
CA ASP A 39 3.71 12.14 8.34
C ASP A 39 4.91 11.92 9.25
N ALA A 40 4.67 12.00 10.56
CA ALA A 40 5.74 11.81 11.54
C ALA A 40 5.42 10.61 12.45
N ALA A 41 6.14 10.52 13.57
CA ALA A 41 5.94 9.43 14.52
C ALA A 41 6.44 8.10 13.95
N ALA A 42 7.21 7.38 14.75
CA ALA A 42 7.76 6.09 14.31
C ALA A 42 6.70 5.00 14.32
N PRO A 43 5.91 4.89 15.39
CA PRO A 43 4.85 3.88 15.51
C PRO A 43 4.14 3.58 14.19
N GLY A 44 3.92 4.63 13.40
CA GLY A 44 3.26 4.46 12.12
C GLY A 44 3.65 5.52 11.11
N THR A 45 3.98 5.08 9.89
CA THR A 45 4.36 6.00 8.82
C THR A 45 3.23 6.17 7.81
N ARG A 46 2.38 5.14 7.71
CA ARG A 46 1.25 5.17 6.79
C ARG A 46 1.70 5.16 5.33
N VAL A 47 2.36 4.07 4.94
CA VAL A 47 2.86 3.90 3.57
C VAL A 47 3.53 5.17 3.02
N ILE A 48 2.71 6.11 2.54
CA ILE A 48 3.23 7.36 1.98
C ILE A 48 4.18 8.04 2.95
N ASP A 49 5.44 7.60 2.93
CA ASP A 49 6.48 8.14 3.81
C ASP A 49 7.62 7.15 3.93
N ALA A 50 7.27 5.86 4.06
CA ALA A 50 8.27 4.81 4.19
C ALA A 50 9.05 4.63 2.88
N ALA A 51 8.50 5.13 1.79
CA ALA A 51 9.14 5.03 0.49
C ALA A 51 9.73 6.36 0.03
N THR A 52 10.18 7.17 0.99
CA THR A 52 10.76 8.46 0.68
C THR A 52 11.74 8.91 1.78
N SER A 53 12.21 7.96 2.58
CA SER A 53 13.16 8.25 3.65
C SER A 53 14.31 7.25 3.66
N MET A 54 14.00 5.98 3.96
CA MET A 54 15.00 4.93 4.00
C MET A 54 14.33 3.56 4.08
N PRO A 55 13.46 3.25 3.10
CA PRO A 55 12.73 1.97 3.05
C PRO A 55 13.66 0.76 3.16
N ARG A 56 13.16 -0.29 3.79
CA ARG A 56 13.92 -1.52 3.98
C ARG A 56 12.99 -2.68 4.31
N LYS A 57 12.13 -2.47 5.30
CA LYS A 57 11.18 -3.50 5.72
C LYS A 57 10.15 -2.91 6.69
N VAL A 58 9.09 -2.32 6.15
CA VAL A 58 8.04 -1.72 6.97
C VAL A 58 7.23 -2.80 7.68
N ARG A 59 6.83 -2.51 8.91
CA ARG A 59 6.06 -3.45 9.72
C ARG A 59 4.56 -3.27 9.51
N ILE A 60 3.93 -4.20 8.80
CA ILE A 60 2.49 -4.14 8.55
C ILE A 60 1.72 -4.58 9.79
N VAL A 61 0.59 -3.94 10.05
CA VAL A 61 -0.22 -4.28 11.22
C VAL A 61 -1.72 -4.21 10.95
N GLN A 62 -2.14 -3.19 10.19
CA GLN A 62 -3.57 -3.02 9.88
C GLN A 62 -3.80 -2.79 8.39
N ILE A 63 -4.72 -3.57 7.82
CA ILE A 63 -5.05 -3.46 6.41
C ILE A 63 -6.54 -3.77 6.17
N ASN A 64 -7.04 -4.80 6.84
CA ASN A 64 -8.42 -5.22 6.70
C ASN A 64 -9.38 -4.04 6.92
N GLU A 65 -10.64 -4.24 6.55
CA GLU A 65 -11.66 -3.20 6.69
C GLU A 65 -12.41 -3.34 8.01
N ILE A 66 -13.42 -2.51 8.21
CA ILE A 66 -14.22 -2.53 9.43
C ILE A 66 -15.71 -2.54 9.11
N PHE A 67 -16.15 -1.54 8.35
CA PHE A 67 -17.55 -1.43 7.97
C PHE A 67 -17.94 -2.53 6.99
N GLN A 68 -17.37 -2.48 5.80
CA GLN A 68 -17.64 -3.47 4.76
C GLN A 68 -16.70 -4.65 4.87
N VAL A 69 -16.98 -5.71 4.12
CA VAL A 69 -16.14 -6.91 4.13
C VAL A 69 -16.51 -7.85 2.98
N GLU A 70 -17.81 -7.99 2.74
CA GLU A 70 -18.29 -8.86 1.67
C GLU A 70 -18.20 -8.17 0.31
N THR A 71 -17.14 -8.47 -0.43
CA THR A 71 -16.93 -7.88 -1.75
C THR A 71 -16.09 -8.80 -2.63
N ASP A 72 -16.47 -8.90 -3.90
CA ASP A 72 -15.75 -9.76 -4.85
C ASP A 72 -14.39 -9.16 -5.19
N GLN A 73 -14.33 -7.83 -5.31
CA GLN A 73 -13.09 -7.14 -5.63
C GLN A 73 -12.05 -7.35 -4.55
N PHE A 74 -12.50 -7.61 -3.33
CA PHE A 74 -11.60 -7.82 -2.20
C PHE A 74 -11.24 -9.31 -2.06
N THR A 75 -12.18 -10.18 -2.43
CA THR A 75 -11.96 -11.62 -2.35
C THR A 75 -10.69 -12.03 -3.09
N GLN A 76 -10.45 -11.38 -4.23
CA GLN A 76 -9.27 -11.67 -5.04
C GLN A 76 -7.98 -11.32 -4.29
N LEU A 77 -8.08 -10.34 -3.38
CA LEU A 77 -6.92 -9.92 -2.60
C LEU A 77 -6.63 -10.91 -1.48
N LEU A 78 -7.68 -11.51 -0.92
CA LEU A 78 -7.54 -12.48 0.15
C LEU A 78 -6.81 -13.73 -0.33
N ASP A 79 -7.01 -14.07 -1.60
CA ASP A 79 -6.38 -15.24 -2.19
C ASP A 79 -4.86 -15.20 -2.00
N ALA A 80 -4.33 -13.99 -1.85
CA ALA A 80 -2.89 -13.80 -1.67
C ALA A 80 -2.37 -14.56 -0.45
N ASP A 81 -3.28 -14.90 0.47
CA ASP A 81 -2.91 -15.63 1.69
C ASP A 81 -2.01 -14.79 2.57
N ILE A 82 -2.62 -13.95 3.40
CA ILE A 82 -1.89 -13.07 4.31
C ILE A 82 -2.84 -12.01 4.86
N ARG A 83 -2.65 -11.64 6.12
CA ARG A 83 -3.49 -10.65 6.76
C ARG A 83 -2.70 -9.40 7.12
N VAL A 84 -2.09 -9.40 8.31
CA VAL A 84 -1.29 -8.27 8.77
C VAL A 84 -0.27 -8.74 9.80
N GLY A 85 0.67 -7.86 10.15
CA GLY A 85 1.69 -8.21 11.12
C GLY A 85 2.99 -8.61 10.46
N SER A 86 2.93 -8.86 9.15
CA SER A 86 4.12 -9.25 8.42
C SER A 86 5.12 -8.11 8.31
N GLU A 87 6.11 -8.27 7.45
CA GLU A 87 7.15 -7.26 7.24
C GLU A 87 7.50 -7.16 5.77
N VAL A 88 6.83 -6.26 5.06
CA VAL A 88 7.07 -6.07 3.63
C VAL A 88 7.96 -4.87 3.36
N GLU A 89 8.76 -4.95 2.30
CA GLU A 89 9.66 -3.87 1.92
C GLU A 89 9.03 -2.97 0.87
N ILE A 90 9.55 -1.76 0.71
CA ILE A 90 9.02 -0.82 -0.26
C ILE A 90 10.05 -0.54 -1.36
N VAL A 91 9.56 -0.11 -2.52
CA VAL A 91 10.43 0.19 -3.65
C VAL A 91 9.87 1.34 -4.48
N ASP A 92 10.73 2.30 -4.82
CA ASP A 92 10.32 3.46 -5.60
C ASP A 92 10.48 3.20 -7.10
N ARG A 93 9.40 2.77 -7.74
CA ARG A 93 9.42 2.48 -9.17
C ARG A 93 9.46 3.77 -9.99
N ASP A 94 9.50 3.64 -11.31
CA ASP A 94 9.53 4.79 -12.20
C ASP A 94 8.19 5.51 -12.20
N GLY A 95 8.01 6.42 -11.25
CA GLY A 95 6.77 7.17 -11.15
C GLY A 95 5.59 6.30 -10.80
N HIS A 96 5.78 5.41 -9.83
CA HIS A 96 4.72 4.51 -9.39
C HIS A 96 5.03 3.94 -8.01
N ILE A 97 4.01 3.84 -7.17
CA ILE A 97 4.17 3.30 -5.82
C ILE A 97 3.78 1.83 -5.76
N THR A 98 4.69 1.00 -5.26
CA THR A 98 4.45 -0.43 -5.15
C THR A 98 5.39 -1.06 -4.13
N LEU A 99 4.86 -1.97 -3.31
CA LEU A 99 5.65 -2.65 -2.31
C LEU A 99 6.45 -3.79 -2.92
N SER A 100 7.24 -4.48 -2.10
CA SER A 100 8.05 -5.59 -2.59
C SER A 100 8.28 -6.63 -1.50
N HIS A 101 7.41 -7.65 -1.46
CA HIS A 101 7.52 -8.71 -0.47
C HIS A 101 6.38 -9.72 -0.63
N ASN A 102 6.25 -10.62 0.35
CA ASN A 102 5.22 -11.66 0.32
C ASN A 102 5.37 -12.56 -0.91
N GLY A 103 5.05 -12.02 -2.07
CA GLY A 103 5.17 -12.78 -3.30
C GLY A 103 6.16 -12.14 -4.26
N LYS A 104 5.95 -10.86 -4.54
CA LYS A 104 6.82 -10.12 -5.45
C LYS A 104 6.67 -8.62 -5.22
N ASP A 105 5.59 -8.05 -5.75
CA ASP A 105 5.31 -6.62 -5.61
C ASP A 105 3.82 -6.39 -5.41
N VAL A 106 3.46 -5.22 -4.89
CA VAL A 106 2.07 -4.88 -4.65
C VAL A 106 1.64 -3.71 -5.52
N GLU A 107 0.40 -3.76 -6.00
CA GLU A 107 -0.14 -2.70 -6.84
C GLU A 107 -0.59 -1.50 -6.02
N LEU A 108 -1.41 -1.76 -4.99
CA LEU A 108 -1.92 -0.72 -4.10
C LEU A 108 -1.91 0.67 -4.75
N LEU A 109 -3.02 1.05 -5.36
CA LEU A 109 -3.13 2.34 -6.01
C LEU A 109 -2.94 3.48 -5.01
N ASP A 110 -2.65 4.67 -5.52
CA ASP A 110 -2.45 5.85 -4.67
C ASP A 110 -3.63 6.07 -3.74
N ASP A 111 -4.83 5.69 -4.19
CA ASP A 111 -6.04 5.85 -3.39
C ASP A 111 -5.87 5.20 -2.02
N LEU A 112 -5.50 3.92 -2.01
CA LEU A 112 -5.31 3.18 -0.77
C LEU A 112 -3.87 3.29 -0.28
N ALA A 113 -2.92 3.22 -1.22
CA ALA A 113 -1.51 3.30 -0.89
C ALA A 113 -1.17 4.57 -0.12
N HIS A 114 -2.03 5.59 -0.23
CA HIS A 114 -1.81 6.85 0.45
C HIS A 114 -2.29 6.79 1.90
N THR A 115 -3.12 5.78 2.23
CA THR A 115 -3.64 5.64 3.58
C THR A 115 -3.72 4.18 4.01
N ILE A 116 -2.57 3.63 4.44
CA ILE A 116 -2.50 2.26 4.91
C ILE A 116 -1.88 2.22 6.30
N ARG A 117 -2.11 1.14 7.05
CA ARG A 117 -1.56 1.02 8.40
C ARG A 117 -0.27 0.20 8.43
N ILE A 118 0.84 0.89 8.64
CA ILE A 118 2.16 0.25 8.73
C ILE A 118 3.04 1.04 9.70
N GLU A 119 4.18 0.47 10.06
CA GLU A 119 5.11 1.13 10.98
C GLU A 119 6.11 1.98 10.19
N GLU A 120 6.87 2.80 10.90
CA GLU A 120 7.86 3.66 10.27
C GLU A 120 9.21 2.96 10.15
N LEU A 121 9.74 2.90 8.93
CA LEU A 121 11.03 2.26 8.67
C LEU A 121 12.08 2.70 9.68
N GLY A 1 19.09 19.88 -10.66
CA GLY A 1 17.86 19.08 -10.41
C GLY A 1 16.68 19.96 -10.04
N SER A 2 15.47 19.50 -10.39
CA SER A 2 14.26 20.24 -10.08
C SER A 2 13.06 19.30 -9.98
N HIS A 3 12.84 18.50 -11.01
CA HIS A 3 11.73 17.56 -11.03
C HIS A 3 12.13 16.24 -10.39
N MET A 4 11.16 15.57 -9.77
CA MET A 4 11.40 14.29 -9.11
C MET A 4 10.17 13.40 -9.18
N ASP A 5 10.39 12.12 -9.48
CA ASP A 5 9.29 11.15 -9.57
C ASP A 5 8.99 10.54 -8.21
N GLU A 6 7.97 11.07 -7.54
CA GLU A 6 7.56 10.57 -6.23
C GLU A 6 6.53 9.45 -6.36
N VAL A 7 6.44 8.62 -5.34
CA VAL A 7 5.49 7.51 -5.33
C VAL A 7 4.06 8.01 -5.22
N GLU A 8 3.84 8.99 -4.34
CA GLU A 8 2.52 9.56 -4.14
C GLU A 8 2.17 10.55 -5.25
N ARG A 9 1.93 10.02 -6.45
CA ARG A 9 1.59 10.85 -7.60
C ARG A 9 0.07 11.03 -7.71
N ARG A 10 -0.54 11.46 -6.61
CA ARG A 10 -1.98 11.68 -6.56
C ARG A 10 -2.38 12.90 -7.39
N LEU A 11 -3.40 12.74 -8.22
CA LEU A 11 -3.87 13.83 -9.07
C LEU A 11 -5.32 13.60 -9.49
N VAL A 12 -5.60 12.41 -10.03
CA VAL A 12 -6.94 12.07 -10.47
C VAL A 12 -7.74 11.40 -9.36
N LYS A 13 -9.06 11.46 -9.46
CA LYS A 13 -9.94 10.85 -8.46
C LYS A 13 -10.23 9.40 -8.79
N VAL A 14 -10.40 9.11 -10.08
CA VAL A 14 -10.68 7.75 -10.53
C VAL A 14 -9.51 6.82 -10.25
N LEU A 15 -9.82 5.60 -9.83
CA LEU A 15 -8.80 4.61 -9.51
C LEU A 15 -8.53 3.71 -10.72
N LYS A 16 -7.26 3.62 -11.12
CA LYS A 16 -6.87 2.80 -12.25
C LYS A 16 -5.67 1.93 -11.90
N ASP A 17 -5.52 0.81 -12.61
CA ASP A 17 -4.42 -0.11 -12.38
C ASP A 17 -3.99 -0.80 -13.67
N VAL A 18 -2.69 -0.78 -13.94
CA VAL A 18 -2.16 -1.40 -15.14
C VAL A 18 -2.08 -2.92 -15.00
N SER A 19 -2.41 -3.63 -16.08
CA SER A 19 -2.38 -5.09 -16.07
C SER A 19 -3.37 -5.65 -15.05
N ARG A 20 -3.53 -6.97 -15.05
CA ARG A 20 -4.44 -7.63 -14.13
C ARG A 20 -4.07 -9.10 -13.94
N SER A 21 -3.45 -9.41 -12.81
CA SER A 21 -3.03 -10.78 -12.51
C SER A 21 -2.58 -10.91 -11.05
N PRO A 22 -1.50 -10.19 -10.66
CA PRO A 22 -0.97 -10.24 -9.30
C PRO A 22 -1.85 -9.47 -8.30
N PHE A 23 -2.57 -10.20 -7.47
CA PHE A 23 -3.44 -9.59 -6.47
C PHE A 23 -3.37 -10.36 -5.14
N GLY A 24 -2.16 -10.71 -4.73
CA GLY A 24 -1.99 -11.46 -3.50
C GLY A 24 -0.86 -10.92 -2.63
N ASN A 25 -1.20 -10.52 -1.41
CA ASN A 25 -0.22 -10.00 -0.46
C ASN A 25 -0.88 -9.72 0.90
N PRO A 26 -0.08 -9.56 1.97
CA PRO A 26 -0.59 -9.30 3.31
C PRO A 26 -1.66 -8.21 3.35
N ILE A 27 -2.67 -8.43 4.18
CA ILE A 27 -3.80 -7.50 4.35
C ILE A 27 -3.60 -6.17 3.61
N PRO A 28 -3.93 -6.14 2.30
CA PRO A 28 -3.79 -4.94 1.47
C PRO A 28 -4.73 -3.83 1.94
N GLY A 29 -4.25 -2.59 1.86
CA GLY A 29 -5.05 -1.45 2.29
C GLY A 29 -5.90 -0.84 1.18
N LEU A 30 -6.31 -1.65 0.22
CA LEU A 30 -7.15 -1.17 -0.89
C LEU A 30 -8.59 -1.05 -0.42
N ASP A 31 -9.15 -2.14 0.07
CA ASP A 31 -10.52 -2.16 0.55
C ASP A 31 -10.59 -1.81 2.04
N GLU A 32 -9.49 -1.32 2.59
CA GLU A 32 -9.44 -0.95 4.00
C GLU A 32 -9.92 0.50 4.20
N LEU A 33 -9.37 1.17 5.22
CA LEU A 33 -9.77 2.54 5.52
C LEU A 33 -8.91 3.56 4.77
N GLY A 34 -9.28 3.84 3.52
CA GLY A 34 -8.52 4.78 2.73
C GLY A 34 -9.05 6.21 2.89
N VAL A 35 -8.26 7.07 3.52
CA VAL A 35 -8.67 8.46 3.72
C VAL A 35 -7.46 9.40 3.68
N GLY A 36 -6.39 9.03 4.38
CA GLY A 36 -5.19 9.86 4.41
C GLY A 36 -4.63 10.03 5.80
N ASN A 37 -3.43 9.50 6.02
CA ASN A 37 -2.78 9.60 7.32
C ASN A 37 -1.38 8.98 7.28
N SER A 38 -0.74 8.88 8.44
CA SER A 38 0.60 8.30 8.55
C SER A 38 1.63 9.20 7.88
N ASP A 39 2.63 9.61 8.65
CA ASP A 39 3.69 10.47 8.13
C ASP A 39 4.82 10.60 9.15
N ALA A 40 4.45 10.84 10.40
CA ALA A 40 5.42 10.98 11.48
C ALA A 40 5.25 9.86 12.51
N ALA A 41 6.00 9.96 13.61
CA ALA A 41 5.94 8.95 14.68
C ALA A 41 6.37 7.57 14.17
N ALA A 42 5.43 6.86 13.55
CA ALA A 42 5.71 5.53 13.01
C ALA A 42 4.48 4.93 12.34
N PRO A 43 3.39 4.75 13.09
CA PRO A 43 2.13 4.20 12.58
C PRO A 43 1.89 4.52 11.10
N GLY A 44 1.50 3.51 10.34
CA GLY A 44 1.23 3.69 8.92
C GLY A 44 2.49 3.96 8.12
N THR A 45 2.71 3.16 7.08
CA THR A 45 3.88 3.31 6.22
C THR A 45 3.74 2.48 4.94
N ARG A 46 4.87 2.05 4.37
CA ARG A 46 4.87 1.25 3.15
C ARG A 46 4.43 2.07 1.95
N VAL A 47 3.15 2.41 1.91
CA VAL A 47 2.60 3.19 0.81
C VAL A 47 2.57 4.68 1.15
N ILE A 48 2.67 5.01 2.43
CA ILE A 48 2.66 6.40 2.87
C ILE A 48 3.78 6.69 3.86
N ASP A 49 4.81 7.40 3.40
CA ASP A 49 5.96 7.76 4.23
C ASP A 49 7.14 6.83 3.99
N ALA A 50 6.87 5.55 3.79
CA ALA A 50 7.92 4.56 3.55
C ALA A 50 8.91 5.04 2.48
N ALA A 51 8.42 5.82 1.52
CA ALA A 51 9.26 6.33 0.45
C ALA A 51 10.38 7.22 0.98
N THR A 52 10.00 8.22 1.75
CA THR A 52 10.97 9.16 2.33
C THR A 52 11.91 8.44 3.30
N SER A 53 11.42 7.37 3.91
CA SER A 53 12.21 6.60 4.86
C SER A 53 13.29 5.80 4.13
N MET A 54 13.74 4.70 4.75
CA MET A 54 14.76 3.86 4.14
C MET A 54 14.21 2.48 3.77
N PRO A 55 13.36 2.42 2.73
CA PRO A 55 12.74 1.18 2.27
C PRO A 55 13.68 -0.02 2.32
N ARG A 56 13.19 -1.12 2.87
CA ARG A 56 13.98 -2.34 2.99
C ARG A 56 13.10 -3.51 3.43
N LYS A 57 12.32 -3.29 4.49
CA LYS A 57 11.43 -4.30 5.01
C LYS A 57 10.48 -3.71 6.05
N VAL A 58 9.37 -3.13 5.58
CA VAL A 58 8.40 -2.52 6.47
C VAL A 58 7.64 -3.58 7.28
N ARG A 59 6.71 -3.14 8.11
CA ARG A 59 5.93 -4.05 8.95
C ARG A 59 4.43 -3.87 8.72
N ILE A 60 3.63 -4.47 9.60
CA ILE A 60 2.18 -4.39 9.51
C ILE A 60 1.54 -4.28 10.90
N VAL A 61 0.74 -3.23 11.13
CA VAL A 61 0.10 -3.03 12.43
C VAL A 61 -1.24 -2.27 12.32
N GLN A 62 -2.25 -2.93 11.74
CA GLN A 62 -3.59 -2.35 11.59
C GLN A 62 -3.57 -0.89 11.11
N ILE A 63 -3.61 0.06 12.06
CA ILE A 63 -3.61 1.49 11.77
C ILE A 63 -4.98 1.98 11.30
N ASN A 64 -5.92 1.05 11.13
CA ASN A 64 -7.27 1.41 10.70
C ASN A 64 -8.28 0.34 11.08
N GLU A 65 -9.54 0.54 10.71
CA GLU A 65 -10.60 -0.41 11.02
C GLU A 65 -10.94 -1.27 9.81
N ILE A 66 -11.87 -0.80 8.98
CA ILE A 66 -12.28 -1.54 7.79
C ILE A 66 -12.83 -0.60 6.72
N PHE A 67 -13.82 0.20 7.09
CA PHE A 67 -14.45 1.15 6.17
C PHE A 67 -15.14 0.42 5.01
N GLN A 68 -14.34 0.01 4.03
CA GLN A 68 -14.86 -0.70 2.86
C GLN A 68 -14.54 -2.19 2.95
N VAL A 69 -15.11 -2.97 2.03
CA VAL A 69 -14.89 -4.42 2.00
C VAL A 69 -15.50 -5.05 0.76
N GLU A 70 -14.68 -5.27 -0.26
CA GLU A 70 -15.13 -5.88 -1.50
C GLU A 70 -15.24 -7.40 -1.36
N THR A 71 -15.52 -8.08 -2.47
CA THR A 71 -15.66 -9.53 -2.46
C THR A 71 -14.77 -10.18 -3.52
N ASP A 72 -15.26 -10.20 -4.76
CA ASP A 72 -14.51 -10.79 -5.87
C ASP A 72 -13.16 -10.14 -6.05
N GLN A 73 -13.12 -8.81 -5.97
CA GLN A 73 -11.88 -8.06 -6.12
C GLN A 73 -10.93 -8.32 -4.96
N PHE A 74 -11.50 -8.46 -3.76
CA PHE A 74 -10.71 -8.69 -2.56
C PHE A 74 -10.52 -10.18 -2.30
N THR A 75 -10.95 -11.02 -3.26
CA THR A 75 -10.80 -12.47 -3.13
C THR A 75 -9.34 -12.88 -3.11
N GLN A 76 -8.58 -12.36 -4.07
CA GLN A 76 -7.16 -12.67 -4.17
C GLN A 76 -6.36 -11.97 -3.08
N LEU A 77 -6.79 -10.77 -2.72
CA LEU A 77 -6.12 -9.98 -1.69
C LEU A 77 -6.18 -10.70 -0.33
N LEU A 78 -7.17 -11.57 -0.17
CA LEU A 78 -7.33 -12.33 1.08
C LEU A 78 -6.56 -13.65 1.03
N ASP A 79 -6.46 -14.22 -0.17
CA ASP A 79 -5.76 -15.49 -0.36
C ASP A 79 -4.32 -15.41 0.15
N ALA A 80 -3.80 -14.19 0.29
CA ALA A 80 -2.44 -13.98 0.76
C ALA A 80 -2.33 -14.07 2.28
N ASP A 81 -3.40 -14.55 2.93
CA ASP A 81 -3.41 -14.68 4.39
C ASP A 81 -3.28 -13.31 5.05
N ILE A 82 -4.40 -12.77 5.49
CA ILE A 82 -4.42 -11.46 6.14
C ILE A 82 -4.06 -11.57 7.62
N ARG A 83 -2.76 -11.51 7.91
CA ARG A 83 -2.27 -11.59 9.28
C ARG A 83 -1.39 -10.39 9.61
N VAL A 84 -1.91 -9.49 10.44
CA VAL A 84 -1.17 -8.30 10.83
C VAL A 84 0.16 -8.67 11.48
N GLY A 85 1.10 -7.74 11.44
CA GLY A 85 2.41 -7.97 12.02
C GLY A 85 3.41 -8.44 10.97
N SER A 86 2.93 -8.68 9.76
CA SER A 86 3.80 -9.12 8.67
C SER A 86 4.80 -8.05 8.27
N GLU A 87 5.49 -8.29 7.16
CA GLU A 87 6.49 -7.35 6.65
C GLU A 87 6.54 -7.41 5.12
N VAL A 88 6.61 -6.25 4.48
CA VAL A 88 6.67 -6.16 3.03
C VAL A 88 7.65 -5.09 2.58
N GLU A 89 7.72 -4.84 1.27
CA GLU A 89 8.63 -3.84 0.73
C GLU A 89 7.90 -2.93 -0.25
N ILE A 90 8.49 -1.76 -0.52
CA ILE A 90 7.90 -0.80 -1.45
C ILE A 90 8.86 -0.50 -2.59
N VAL A 91 8.29 -0.10 -3.73
CA VAL A 91 9.09 0.23 -4.90
C VAL A 91 8.50 1.43 -5.65
N ASP A 92 9.39 2.28 -6.16
CA ASP A 92 8.96 3.48 -6.89
C ASP A 92 8.75 3.17 -8.37
N ARG A 93 7.52 2.81 -8.72
CA ARG A 93 7.19 2.48 -10.11
C ARG A 93 7.21 3.74 -10.98
N ASP A 94 6.92 3.57 -12.27
CA ASP A 94 6.91 4.68 -13.21
C ASP A 94 5.65 5.52 -13.04
N GLY A 95 5.74 6.56 -12.21
CA GLY A 95 4.61 7.43 -11.98
C GLY A 95 3.45 6.72 -11.29
N HIS A 96 3.77 5.78 -10.42
CA HIS A 96 2.77 5.02 -9.69
C HIS A 96 3.37 4.32 -8.47
N ILE A 97 2.61 4.26 -7.39
CA ILE A 97 3.07 3.61 -6.16
C ILE A 97 2.54 2.19 -6.05
N THR A 98 3.45 1.22 -6.15
CA THR A 98 3.07 -0.20 -6.07
C THR A 98 3.80 -0.88 -4.93
N LEU A 99 3.05 -1.65 -4.13
CA LEU A 99 3.62 -2.36 -2.99
C LEU A 99 4.10 -3.74 -3.41
N SER A 100 5.39 -3.99 -3.21
CA SER A 100 5.99 -5.28 -3.56
C SER A 100 6.20 -6.15 -2.33
N HIS A 101 5.93 -7.45 -2.47
CA HIS A 101 6.08 -8.39 -1.37
C HIS A 101 6.23 -9.81 -1.90
N ASN A 102 7.06 -10.61 -1.21
CA ASN A 102 7.30 -12.01 -1.59
C ASN A 102 6.10 -12.61 -2.32
N GLY A 103 4.91 -12.33 -1.81
CA GLY A 103 3.70 -12.84 -2.42
C GLY A 103 3.58 -12.41 -3.87
N LYS A 104 3.20 -11.16 -4.08
CA LYS A 104 3.04 -10.61 -5.43
C LYS A 104 3.09 -9.08 -5.39
N ASP A 105 2.83 -8.45 -6.55
CA ASP A 105 2.83 -7.00 -6.64
C ASP A 105 1.39 -6.50 -6.72
N VAL A 106 1.07 -5.48 -5.93
CA VAL A 106 -0.28 -4.92 -5.92
C VAL A 106 -0.32 -3.51 -6.49
N GLU A 107 -1.45 -3.17 -7.11
CA GLU A 107 -1.64 -1.85 -7.70
C GLU A 107 -2.03 -0.83 -6.64
N LEU A 108 -2.33 -1.31 -5.44
CA LEU A 108 -2.73 -0.44 -4.33
C LEU A 108 -1.96 0.88 -4.35
N LEU A 109 -2.64 1.96 -4.73
CA LEU A 109 -2.01 3.28 -4.80
C LEU A 109 -2.22 4.04 -3.50
N ASP A 110 -1.76 5.29 -3.47
CA ASP A 110 -1.90 6.14 -2.28
C ASP A 110 -3.37 6.41 -1.98
N ASP A 111 -4.25 6.12 -2.93
CA ASP A 111 -5.68 6.34 -2.75
C ASP A 111 -6.18 5.67 -1.47
N LEU A 112 -6.30 4.35 -1.51
CA LEU A 112 -6.77 3.59 -0.35
C LEU A 112 -5.61 3.27 0.57
N ALA A 113 -4.40 3.24 0.01
CA ALA A 113 -3.19 2.96 0.77
C ALA A 113 -2.59 4.26 1.31
N HIS A 114 -3.45 5.21 1.66
CA HIS A 114 -3.01 6.50 2.19
C HIS A 114 -2.77 6.44 3.70
N THR A 115 -3.14 5.31 4.31
CA THR A 115 -2.95 5.11 5.74
C THR A 115 -3.43 3.73 6.15
N ILE A 116 -2.53 2.75 6.13
CA ILE A 116 -2.86 1.39 6.47
C ILE A 116 -1.95 0.82 7.57
N ARG A 117 -1.97 -0.50 7.70
CA ARG A 117 -1.20 -1.21 8.72
C ARG A 117 0.24 -1.48 8.30
N ILE A 118 1.12 -0.53 8.60
CA ILE A 118 2.54 -0.68 8.30
C ILE A 118 3.39 0.13 9.29
N GLU A 119 4.54 -0.39 9.65
CA GLU A 119 5.43 0.32 10.58
C GLU A 119 6.39 1.21 9.79
N GLU A 120 6.98 2.19 10.47
CA GLU A 120 7.91 3.11 9.82
C GLU A 120 9.34 2.58 9.86
N LEU A 121 9.91 2.35 8.69
CA LEU A 121 11.28 1.84 8.56
C LEU A 121 12.22 2.56 9.54
N GLY A 1 22.30 17.81 -13.26
CA GLY A 1 22.89 18.01 -11.92
C GLY A 1 22.33 17.03 -10.90
N SER A 2 21.03 17.10 -10.65
CA SER A 2 20.38 16.21 -9.69
C SER A 2 18.91 16.00 -10.05
N HIS A 3 18.37 14.87 -9.62
CA HIS A 3 16.96 14.55 -9.90
C HIS A 3 16.37 13.71 -8.76
N MET A 4 15.05 13.81 -8.60
CA MET A 4 14.35 13.06 -7.56
C MET A 4 12.96 12.65 -8.03
N ASP A 5 12.78 11.36 -8.26
CA ASP A 5 11.49 10.84 -8.71
C ASP A 5 10.61 10.48 -7.53
N GLU A 6 9.41 11.05 -7.49
CA GLU A 6 8.46 10.79 -6.40
C GLU A 6 7.62 9.55 -6.70
N VAL A 7 7.70 8.56 -5.80
CA VAL A 7 6.95 7.33 -5.96
C VAL A 7 5.47 7.52 -5.64
N GLU A 8 5.20 8.27 -4.57
CA GLU A 8 3.82 8.54 -4.16
C GLU A 8 3.10 9.39 -5.19
N ARG A 9 2.40 8.73 -6.11
CA ARG A 9 1.66 9.42 -7.16
C ARG A 9 0.42 10.09 -6.60
N ARG A 10 0.61 11.18 -5.86
CA ARG A 10 -0.50 11.92 -5.26
C ARG A 10 -1.50 12.38 -6.33
N LEU A 11 -2.51 11.56 -6.57
CA LEU A 11 -3.53 11.88 -7.56
C LEU A 11 -4.73 10.94 -7.41
N VAL A 12 -5.84 11.32 -8.05
CA VAL A 12 -7.07 10.52 -8.00
C VAL A 12 -7.89 10.68 -9.26
N LYS A 13 -8.58 9.61 -9.66
CA LYS A 13 -9.41 9.63 -10.86
C LYS A 13 -10.60 8.69 -10.73
N VAL A 14 -10.32 7.46 -10.30
CA VAL A 14 -11.37 6.45 -10.13
C VAL A 14 -11.04 5.52 -8.96
N LEU A 15 -10.02 4.70 -9.15
CA LEU A 15 -9.59 3.76 -8.11
C LEU A 15 -8.30 3.06 -8.51
N LYS A 16 -8.33 2.34 -9.63
CA LYS A 16 -7.15 1.63 -10.12
C LYS A 16 -6.43 2.43 -11.20
N ASP A 17 -5.30 1.92 -11.67
CA ASP A 17 -4.52 2.57 -12.71
C ASP A 17 -3.99 1.57 -13.72
N VAL A 18 -3.22 0.60 -13.23
CA VAL A 18 -2.63 -0.43 -14.08
C VAL A 18 -2.13 -1.61 -13.26
N SER A 19 -2.63 -2.80 -13.57
CA SER A 19 -2.23 -4.01 -12.85
C SER A 19 -2.69 -5.26 -13.60
N ARG A 20 -2.12 -6.41 -13.23
CA ARG A 20 -2.47 -7.68 -13.86
C ARG A 20 -3.15 -8.61 -12.87
N SER A 21 -2.62 -8.66 -11.64
CA SER A 21 -3.17 -9.52 -10.60
C SER A 21 -3.05 -8.85 -9.23
N PRO A 22 -3.75 -7.71 -9.04
CA PRO A 22 -3.71 -6.97 -7.76
C PRO A 22 -4.56 -7.64 -6.68
N PHE A 23 -4.10 -8.79 -6.20
CA PHE A 23 -4.82 -9.52 -5.15
C PHE A 23 -3.91 -10.57 -4.50
N GLY A 24 -2.64 -10.21 -4.31
CA GLY A 24 -1.69 -11.12 -3.70
C GLY A 24 -0.91 -10.45 -2.58
N ASN A 25 0.06 -11.18 -2.02
CA ASN A 25 0.90 -10.66 -0.93
C ASN A 25 0.04 -10.07 0.20
N PRO A 26 0.64 -9.80 1.38
CA PRO A 26 -0.05 -9.25 2.54
C PRO A 26 -1.32 -8.47 2.19
N ILE A 27 -2.35 -8.66 3.02
CA ILE A 27 -3.65 -8.01 2.83
C ILE A 27 -3.50 -6.53 2.52
N PRO A 28 -4.04 -6.09 1.35
CA PRO A 28 -3.98 -4.69 0.94
C PRO A 28 -5.07 -3.85 1.60
N GLY A 29 -4.72 -2.63 1.99
CA GLY A 29 -5.66 -1.76 2.65
C GLY A 29 -6.43 -0.88 1.69
N LEU A 30 -7.30 -1.49 0.90
CA LEU A 30 -8.11 -0.75 -0.06
C LEU A 30 -9.17 0.06 0.69
N ASP A 31 -10.08 -0.65 1.34
CA ASP A 31 -11.14 -0.01 2.12
C ASP A 31 -10.70 0.18 3.58
N GLU A 32 -9.46 -0.18 3.90
CA GLU A 32 -8.96 -0.05 5.26
C GLU A 32 -8.59 1.40 5.59
N LEU A 33 -7.86 2.04 4.68
CA LEU A 33 -7.43 3.43 4.86
C LEU A 33 -8.55 4.30 5.43
N GLY A 34 -9.79 3.96 5.08
CA GLY A 34 -10.95 4.72 5.55
C GLY A 34 -10.83 5.13 7.01
N VAL A 35 -10.22 4.27 7.82
CA VAL A 35 -10.02 4.55 9.24
C VAL A 35 -8.55 4.66 9.59
N GLY A 36 -8.07 5.89 9.77
CA GLY A 36 -6.68 6.11 10.11
C GLY A 36 -6.02 7.11 9.18
N ASN A 37 -4.79 7.49 9.51
CA ASN A 37 -4.04 8.45 8.70
C ASN A 37 -2.53 8.29 8.91
N SER A 38 -1.76 8.62 7.87
CA SER A 38 -0.31 8.53 7.94
C SER A 38 0.34 9.73 7.26
N ASP A 39 0.76 10.70 8.08
CA ASP A 39 1.40 11.90 7.56
C ASP A 39 2.56 12.32 8.47
N ALA A 40 2.26 12.48 9.76
CA ALA A 40 3.26 12.87 10.73
C ALA A 40 3.79 11.65 11.50
N ALA A 41 5.04 11.76 11.98
CA ALA A 41 5.65 10.66 12.73
C ALA A 41 5.77 9.42 11.87
N ALA A 42 6.42 8.38 12.42
CA ALA A 42 6.59 7.13 11.70
C ALA A 42 5.29 6.34 11.64
N PRO A 43 4.69 6.02 12.80
CA PRO A 43 3.44 5.29 12.88
C PRO A 43 2.49 5.58 11.72
N GLY A 44 2.30 4.61 10.84
CA GLY A 44 1.41 4.80 9.70
C GLY A 44 2.15 5.23 8.45
N THR A 45 1.78 4.65 7.31
CA THR A 45 2.41 4.99 6.04
C THR A 45 1.80 4.20 4.88
N ARG A 46 2.23 2.95 4.71
CA ARG A 46 1.73 2.10 3.63
C ARG A 46 2.24 2.58 2.29
N VAL A 47 3.49 3.02 2.26
CA VAL A 47 4.13 3.52 1.05
C VAL A 47 3.79 4.99 0.79
N ILE A 48 3.02 5.61 1.69
CA ILE A 48 2.63 7.01 1.54
C ILE A 48 3.61 7.94 2.25
N ASP A 49 4.85 7.49 2.41
CA ASP A 49 5.90 8.27 3.07
C ASP A 49 7.14 7.43 3.32
N ALA A 50 6.93 6.16 3.64
CA ALA A 50 8.03 5.24 3.91
C ALA A 50 8.84 4.96 2.64
N ALA A 51 8.23 5.20 1.47
CA ALA A 51 8.90 4.98 0.21
C ALA A 51 9.69 6.20 -0.23
N THR A 52 10.61 6.64 0.64
CA THR A 52 11.44 7.80 0.35
C THR A 52 12.61 7.88 1.33
N SER A 53 12.31 7.64 2.61
CA SER A 53 13.33 7.68 3.65
C SER A 53 13.96 6.31 3.86
N MET A 54 14.94 5.97 3.03
CA MET A 54 15.62 4.68 3.12
C MET A 54 14.65 3.52 2.93
N PRO A 55 14.01 3.43 1.75
CA PRO A 55 13.06 2.36 1.45
C PRO A 55 13.73 1.01 1.29
N ARG A 56 13.27 0.03 2.07
CA ARG A 56 13.83 -1.32 2.02
C ARG A 56 12.79 -2.35 2.44
N LYS A 57 12.12 -2.10 3.57
CA LYS A 57 11.11 -3.00 4.09
C LYS A 57 10.26 -2.30 5.15
N VAL A 58 8.98 -2.09 4.85
CA VAL A 58 8.08 -1.43 5.78
C VAL A 58 7.39 -2.45 6.69
N ARG A 59 7.38 -2.15 7.98
CA ARG A 59 6.77 -3.02 8.98
C ARG A 59 5.26 -2.85 9.01
N ILE A 60 4.53 -3.74 8.33
CA ILE A 60 3.08 -3.67 8.30
C ILE A 60 2.48 -4.04 9.66
N VAL A 61 1.68 -3.14 10.22
CA VAL A 61 1.05 -3.36 11.51
C VAL A 61 -0.15 -2.45 11.73
N GLN A 62 -1.33 -3.00 11.47
CA GLN A 62 -2.61 -2.28 11.64
C GLN A 62 -3.06 -1.62 10.33
N ILE A 63 -4.36 -1.73 10.06
CA ILE A 63 -4.94 -1.15 8.85
C ILE A 63 -6.33 -0.60 9.13
N ASN A 64 -7.16 -1.42 9.78
CA ASN A 64 -8.54 -1.03 10.12
C ASN A 64 -9.31 -2.23 10.69
N GLU A 65 -9.88 -3.04 9.80
CA GLU A 65 -10.65 -4.22 10.22
C GLU A 65 -11.34 -4.86 9.02
N ILE A 66 -12.44 -4.25 8.58
CA ILE A 66 -13.21 -4.76 7.44
C ILE A 66 -13.98 -3.64 6.76
N PHE A 67 -14.88 -3.00 7.51
CA PHE A 67 -15.69 -1.91 6.99
C PHE A 67 -16.58 -2.37 5.84
N GLN A 68 -16.00 -2.45 4.64
CA GLN A 68 -16.73 -2.88 3.46
C GLN A 68 -16.14 -4.17 2.90
N VAL A 69 -17.02 -5.11 2.55
CA VAL A 69 -16.60 -6.40 2.00
C VAL A 69 -17.76 -7.10 1.32
N GLU A 70 -17.89 -6.91 0.00
CA GLU A 70 -18.96 -7.54 -0.76
C GLU A 70 -18.58 -7.69 -2.23
N THR A 71 -17.97 -6.64 -2.78
CA THR A 71 -17.54 -6.65 -4.18
C THR A 71 -16.55 -7.79 -4.45
N ASP A 72 -16.66 -8.39 -5.64
CA ASP A 72 -15.78 -9.49 -6.02
C ASP A 72 -14.35 -9.01 -6.25
N GLN A 73 -14.21 -7.78 -6.75
CA GLN A 73 -12.90 -7.21 -7.02
C GLN A 73 -12.03 -7.17 -5.77
N PHE A 74 -12.68 -7.01 -4.61
CA PHE A 74 -11.97 -6.95 -3.33
C PHE A 74 -11.84 -8.35 -2.72
N THR A 75 -12.79 -9.23 -3.02
CA THR A 75 -12.77 -10.59 -2.49
C THR A 75 -11.45 -11.28 -2.83
N GLN A 76 -10.88 -10.92 -3.98
CA GLN A 76 -9.62 -11.50 -4.42
C GLN A 76 -8.45 -11.00 -3.57
N LEU A 77 -8.53 -9.74 -3.15
CA LEU A 77 -7.48 -9.14 -2.32
C LEU A 77 -7.25 -9.96 -1.05
N LEU A 78 -8.31 -10.62 -0.57
CA LEU A 78 -8.21 -11.45 0.63
C LEU A 78 -7.57 -12.80 0.31
N ASP A 79 -7.82 -13.28 -0.91
CA ASP A 79 -7.27 -14.57 -1.35
C ASP A 79 -5.77 -14.64 -1.11
N ALA A 80 -5.13 -13.47 -1.02
CA ALA A 80 -3.69 -13.40 -0.79
C ALA A 80 -3.29 -14.23 0.44
N ASP A 81 -4.23 -14.40 1.37
CA ASP A 81 -3.99 -15.19 2.58
C ASP A 81 -2.82 -14.61 3.38
N ILE A 82 -3.09 -13.53 4.11
CA ILE A 82 -2.09 -12.86 4.92
C ILE A 82 -2.72 -11.66 5.60
N ARG A 83 -2.09 -11.19 6.65
CA ARG A 83 -2.58 -10.03 7.40
C ARG A 83 -1.44 -9.17 7.91
N VAL A 84 -1.80 -8.01 8.47
CA VAL A 84 -0.81 -7.09 9.01
C VAL A 84 0.10 -7.79 10.02
N GLY A 85 1.11 -7.08 10.51
CA GLY A 85 2.02 -7.64 11.48
C GLY A 85 3.31 -8.15 10.85
N SER A 86 3.30 -8.29 9.52
CA SER A 86 4.48 -8.77 8.81
C SER A 86 5.42 -7.63 8.45
N GLU A 87 6.34 -7.90 7.54
CA GLU A 87 7.31 -6.90 7.09
C GLU A 87 7.39 -6.88 5.57
N VAL A 88 6.51 -6.10 4.95
CA VAL A 88 6.48 -5.99 3.50
C VAL A 88 7.48 -4.96 3.00
N GLU A 89 7.60 -4.86 1.67
CA GLU A 89 8.52 -3.91 1.06
C GLU A 89 7.88 -3.22 -0.14
N ILE A 90 8.53 -2.17 -0.63
CA ILE A 90 8.01 -1.41 -1.76
C ILE A 90 9.13 -1.01 -2.71
N VAL A 91 8.75 -0.56 -3.91
CA VAL A 91 9.71 -0.12 -4.91
C VAL A 91 9.09 0.89 -5.88
N ASP A 92 9.89 1.88 -6.28
CA ASP A 92 9.41 2.90 -7.20
C ASP A 92 9.20 2.33 -8.60
N ARG A 93 8.03 1.74 -8.82
CA ARG A 93 7.71 1.15 -10.12
C ARG A 93 7.31 2.21 -11.13
N ASP A 94 8.30 2.75 -11.84
CA ASP A 94 8.06 3.77 -12.85
C ASP A 94 7.27 4.95 -12.27
N GLY A 95 7.78 5.52 -11.20
CA GLY A 95 7.11 6.65 -10.56
C GLY A 95 5.72 6.30 -10.07
N HIS A 96 5.58 5.10 -9.51
CA HIS A 96 4.30 4.65 -8.99
C HIS A 96 4.51 3.77 -7.74
N ILE A 97 3.59 3.87 -6.79
CA ILE A 97 3.67 3.09 -5.56
C ILE A 97 3.19 1.66 -5.78
N THR A 98 3.89 0.70 -5.19
CA THR A 98 3.53 -0.70 -5.31
C THR A 98 4.16 -1.52 -4.19
N LEU A 99 3.35 -2.33 -3.52
CA LEU A 99 3.83 -3.18 -2.43
C LEU A 99 4.38 -4.50 -2.97
N SER A 100 5.33 -5.07 -2.26
CA SER A 100 5.93 -6.34 -2.67
C SER A 100 6.25 -7.21 -1.45
N HIS A 101 5.69 -8.42 -1.44
CA HIS A 101 5.91 -9.36 -0.34
C HIS A 101 5.28 -10.70 -0.65
N ASN A 102 5.60 -11.72 0.17
CA ASN A 102 5.05 -13.06 -0.02
C ASN A 102 5.60 -13.68 -1.30
N GLY A 103 5.15 -13.15 -2.44
CA GLY A 103 5.61 -13.66 -3.72
C GLY A 103 4.88 -13.06 -4.90
N LYS A 104 4.40 -11.82 -4.75
CA LYS A 104 3.69 -11.15 -5.82
C LYS A 104 3.67 -9.65 -5.59
N ASP A 105 3.31 -8.89 -6.64
CA ASP A 105 3.25 -7.44 -6.56
C ASP A 105 1.80 -6.96 -6.69
N VAL A 106 1.47 -5.88 -6.00
CA VAL A 106 0.13 -5.32 -6.04
C VAL A 106 0.15 -3.90 -6.61
N GLU A 107 -1.03 -3.42 -7.01
CA GLU A 107 -1.16 -2.09 -7.56
C GLU A 107 -1.19 -1.04 -6.44
N LEU A 108 -2.23 -1.10 -5.62
CA LEU A 108 -2.40 -0.17 -4.50
C LEU A 108 -1.88 1.23 -4.83
N LEU A 109 -2.68 1.99 -5.56
CA LEU A 109 -2.31 3.35 -5.94
C LEU A 109 -2.45 4.29 -4.75
N ASP A 110 -2.35 5.60 -5.01
CA ASP A 110 -2.47 6.60 -3.95
C ASP A 110 -3.78 6.44 -3.20
N ASP A 111 -4.77 5.86 -3.86
CA ASP A 111 -6.09 5.65 -3.24
C ASP A 111 -6.00 4.61 -2.14
N LEU A 112 -5.53 3.40 -2.48
CA LEU A 112 -5.40 2.32 -1.51
C LEU A 112 -4.36 2.66 -0.45
N ALA A 113 -3.18 3.08 -0.87
CA ALA A 113 -2.12 3.44 0.05
C ALA A 113 -2.19 4.92 0.40
N HIS A 114 -3.40 5.38 0.76
CA HIS A 114 -3.61 6.77 1.11
C HIS A 114 -3.42 7.01 2.60
N THR A 115 -3.96 6.11 3.43
CA THR A 115 -3.84 6.26 4.88
C THR A 115 -3.95 4.92 5.61
N ILE A 116 -2.93 4.08 5.47
CA ILE A 116 -2.91 2.79 6.15
C ILE A 116 -1.90 2.83 7.30
N ARG A 117 -1.96 1.84 8.21
CA ARG A 117 -1.06 1.84 9.37
C ARG A 117 0.12 0.88 9.22
N ILE A 118 1.25 1.39 8.72
CA ILE A 118 2.48 0.62 8.58
C ILE A 118 3.61 1.35 9.31
N GLU A 119 4.86 1.02 9.03
CA GLU A 119 5.99 1.68 9.68
C GLU A 119 6.76 2.53 8.67
N GLU A 120 7.08 3.76 9.06
CA GLU A 120 7.80 4.67 8.18
C GLU A 120 9.30 4.53 8.39
N LEU A 121 9.97 3.97 7.39
CA LEU A 121 11.42 3.76 7.45
C LEU A 121 12.14 5.02 7.93
#